data_9HBF
# 
_entry.id   9HBF 
# 
_audit_conform.dict_name       mmcif_pdbx.dic 
_audit_conform.dict_version    5.403 
_audit_conform.dict_location   http://mmcif.pdb.org/dictionaries/ascii/mmcif_pdbx.dic 
# 
loop_
_database_2.database_id 
_database_2.database_code 
_database_2.pdbx_database_accession 
_database_2.pdbx_DOI 
PDB   9HBF         pdb_00009hbf 10.2210/pdb9hbf/pdb 
WWPDB D_1292143006 ?            ?                   
# 
loop_
_pdbx_audit_revision_history.ordinal 
_pdbx_audit_revision_history.data_content_type 
_pdbx_audit_revision_history.major_revision 
_pdbx_audit_revision_history.minor_revision 
_pdbx_audit_revision_history.revision_date 
_pdbx_audit_revision_history.part_number 
1 'Structure model' 1 0 2025-04-16 ? 
2 'Structure model' 1 1 2025-05-28 ? 
# 
_pdbx_audit_revision_details.ordinal             1 
_pdbx_audit_revision_details.revision_ordinal    1 
_pdbx_audit_revision_details.data_content_type   'Structure model' 
_pdbx_audit_revision_details.provider            repository 
_pdbx_audit_revision_details.type                'Initial release' 
_pdbx_audit_revision_details.description         ? 
_pdbx_audit_revision_details.details             ? 
# 
_pdbx_audit_revision_group.ordinal             1 
_pdbx_audit_revision_group.revision_ordinal    2 
_pdbx_audit_revision_group.data_content_type   'Structure model' 
_pdbx_audit_revision_group.group               'Database references' 
# 
loop_
_pdbx_audit_revision_category.ordinal 
_pdbx_audit_revision_category.revision_ordinal 
_pdbx_audit_revision_category.data_content_type 
_pdbx_audit_revision_category.category 
1 2 'Structure model' citation        
2 2 'Structure model' citation_author 
# 
loop_
_pdbx_audit_revision_item.ordinal 
_pdbx_audit_revision_item.revision_ordinal 
_pdbx_audit_revision_item.data_content_type 
_pdbx_audit_revision_item.item 
1 2 'Structure model' '_citation.journal_volume'          
2 2 'Structure model' '_citation_author.identifier_ORCID' 
3 2 'Structure model' '_citation_author.name'             
# 
_pdbx_database_status.status_code                     REL 
_pdbx_database_status.status_code_sf                  REL 
_pdbx_database_status.status_code_mr                  ? 
_pdbx_database_status.entry_id                        9HBF 
_pdbx_database_status.recvd_initial_deposition_date   2024-11-06 
_pdbx_database_status.SG_entry                        N 
_pdbx_database_status.deposit_site                    PDBE 
_pdbx_database_status.process_site                    PDBE 
_pdbx_database_status.status_code_cs                  ? 
_pdbx_database_status.status_code_nmr_data            ? 
_pdbx_database_status.methods_development_category    ? 
_pdbx_database_status.pdb_format_compatible           Y 
# 
_pdbx_database_related.db_name        PDB 
_pdbx_database_related.details        . 
_pdbx_database_related.db_id          8C9Y 
_pdbx_database_related.content_type   unspecified 
# 
_pdbx_contact_author.id                 2 
_pdbx_contact_author.email              peter.crowley@universityofgalway.ie 
_pdbx_contact_author.name_first         Peter 
_pdbx_contact_author.name_last          Crowley 
_pdbx_contact_author.name_mi            B 
_pdbx_contact_author.role               'principal investigator/group leader' 
_pdbx_contact_author.identifier_ORCID   0000-0002-5365-0096 
# 
loop_
_audit_author.name 
_audit_author.pdbx_ordinal 
_audit_author.identifier_ORCID 
'Mockler, N.M.' 1 0000-0003-3392-9564 
'Crowley, P.B.' 2 0000-0002-5365-0096 
# 
_citation.abstract                  ? 
_citation.abstract_id_CAS           ? 
_citation.book_id_ISBN              ? 
_citation.book_publisher            ? 
_citation.book_publisher_city       ? 
_citation.book_title                ? 
_citation.coordinate_linkage        ? 
_citation.country                   GE 
_citation.database_id_Medline       ? 
_citation.details                   ? 
_citation.id                        primary 
_citation.journal_abbrev            Chemistry 
_citation.journal_id_ASTM           ? 
_citation.journal_id_CSD            ? 
_citation.journal_id_ISSN           0947-6539 
_citation.journal_full              ? 
_citation.journal_issue             ? 
_citation.journal_volume            31 
_citation.language                  ? 
_citation.page_first                e202500732 
_citation.page_last                 e202500732 
_citation.title                     'Making and Breaking Supramolecular Synthons for Modular Protein Frameworks.' 
_citation.year                      2025 
_citation.database_id_CSD           ? 
_citation.pdbx_database_id_DOI      10.1002/chem.202500732 
_citation.pdbx_database_id_PubMed   40178192 
_citation.pdbx_database_id_patent   ? 
_citation.unpublished_flag          ? 
# 
loop_
_citation_author.citation_id 
_citation_author.name 
_citation_author.ordinal 
_citation_author.identifier_ORCID 
primary 'Mockler, N.M.' 1 ?                   
primary 'Raston, C.L.'  2 0000-0003-4753-0079 
primary 'Crowley, P.B.' 3 0000-0002-5365-0096 
# 
loop_
_entity.id 
_entity.type 
_entity.src_method 
_entity.pdbx_description 
_entity.formula_weight 
_entity.pdbx_number_of_molecules 
_entity.pdbx_ec 
_entity.pdbx_mutation 
_entity.pdbx_fragment 
_entity.details 
1 polymer     man 'Fucose-binding lectin protein' 9906.859 1   ? 'Met0, S1K' ? 
'Ralstonia solanacearum lectin with a Met-Lys N-terminus' 
2 non-polymer syn 'phosphonato-calix[6]arene'     1116.611 1   ? ?           ? ? 
3 non-polymer syn GLYCEROL                        92.094   2   ? ?           ? ? 
4 water       nat water                           18.015   124 ? ?           ? ? 
# 
_entity_poly.entity_id                      1 
_entity_poly.type                           'polypeptide(L)' 
_entity_poly.nstd_linkage                   no 
_entity_poly.nstd_monomer                   no 
_entity_poly.pdbx_seq_one_letter_code       
;MKSVQTAATSWGTVPSIRVYTANNGKITERCWDGKGWYTGAFNEPGDNVSVTSWLVGSAIHIRVYASTGTTTTEWCWDGN
GWTKGAYTATN
;
_entity_poly.pdbx_seq_one_letter_code_can   
;MKSVQTAATSWGTVPSIRVYTANNGKITERCWDGKGWYTGAFNEPGDNVSVTSWLVGSAIHIRVYASTGTTTTEWCWDGN
GWTKGAYTATN
;
_entity_poly.pdbx_strand_id                 A 
_entity_poly.pdbx_target_identifier         ? 
# 
loop_
_pdbx_entity_nonpoly.entity_id 
_pdbx_entity_nonpoly.name 
_pdbx_entity_nonpoly.comp_id 
2 'phosphonato-calix[6]arene' 7AZ 
3 GLYCEROL                    GOL 
4 water                       HOH 
# 
loop_
_entity_poly_seq.entity_id 
_entity_poly_seq.num 
_entity_poly_seq.mon_id 
_entity_poly_seq.hetero 
1 1  MET n 
1 2  LYS n 
1 3  SER n 
1 4  VAL n 
1 5  GLN n 
1 6  THR n 
1 7  ALA n 
1 8  ALA n 
1 9  THR n 
1 10 SER n 
1 11 TRP n 
1 12 GLY n 
1 13 THR n 
1 14 VAL n 
1 15 PRO n 
1 16 SER n 
1 17 ILE n 
1 18 ARG n 
1 19 VAL n 
1 20 TYR n 
1 21 THR n 
1 22 ALA n 
1 23 ASN n 
1 24 ASN n 
1 25 GLY n 
1 26 LYS n 
1 27 ILE n 
1 28 THR n 
1 29 GLU n 
1 30 ARG n 
1 31 CYS n 
1 32 TRP n 
1 33 ASP n 
1 34 GLY n 
1 35 LYS n 
1 36 GLY n 
1 37 TRP n 
1 38 TYR n 
1 39 THR n 
1 40 GLY n 
1 41 ALA n 
1 42 PHE n 
1 43 ASN n 
1 44 GLU n 
1 45 PRO n 
1 46 GLY n 
1 47 ASP n 
1 48 ASN n 
1 49 VAL n 
1 50 SER n 
1 51 VAL n 
1 52 THR n 
1 53 SER n 
1 54 TRP n 
1 55 LEU n 
1 56 VAL n 
1 57 GLY n 
1 58 SER n 
1 59 ALA n 
1 60 ILE n 
1 61 HIS n 
1 62 ILE n 
1 63 ARG n 
1 64 VAL n 
1 65 TYR n 
1 66 ALA n 
1 67 SER n 
1 68 THR n 
1 69 GLY n 
1 70 THR n 
1 71 THR n 
1 72 THR n 
1 73 THR n 
1 74 GLU n 
1 75 TRP n 
1 76 CYS n 
1 77 TRP n 
1 78 ASP n 
1 79 GLY n 
1 80 ASN n 
1 81 GLY n 
1 82 TRP n 
1 83 THR n 
1 84 LYS n 
1 85 GLY n 
1 86 ALA n 
1 87 TYR n 
1 88 THR n 
1 89 ALA n 
1 90 THR n 
1 91 ASN n 
# 
_entity_src_gen.entity_id                          1 
_entity_src_gen.pdbx_src_id                        1 
_entity_src_gen.pdbx_alt_source_flag               sample 
_entity_src_gen.pdbx_seq_type                      'Biological sequence' 
_entity_src_gen.pdbx_beg_seq_num                   1 
_entity_src_gen.pdbx_end_seq_num                   91 
_entity_src_gen.gene_src_common_name               ? 
_entity_src_gen.gene_src_genus                     ? 
_entity_src_gen.pdbx_gene_src_gene                 'E7Z57_08365, HF909_06975, LBW55_09125, RUN39_v1_50103' 
_entity_src_gen.gene_src_species                   ? 
_entity_src_gen.gene_src_strain                    ? 
_entity_src_gen.gene_src_tissue                    ? 
_entity_src_gen.gene_src_tissue_fraction           ? 
_entity_src_gen.gene_src_details                   ? 
_entity_src_gen.pdbx_gene_src_fragment             ? 
_entity_src_gen.pdbx_gene_src_scientific_name      'Ralstonia solanacearum' 
_entity_src_gen.pdbx_gene_src_ncbi_taxonomy_id     305 
_entity_src_gen.pdbx_gene_src_variant              ? 
_entity_src_gen.pdbx_gene_src_cell_line            ? 
_entity_src_gen.pdbx_gene_src_atcc                 ? 
_entity_src_gen.pdbx_gene_src_organ                ? 
_entity_src_gen.pdbx_gene_src_organelle            ? 
_entity_src_gen.pdbx_gene_src_cell                 ? 
_entity_src_gen.pdbx_gene_src_cellular_location    ? 
_entity_src_gen.host_org_common_name               ? 
_entity_src_gen.pdbx_host_org_scientific_name      'Escherichia coli' 
_entity_src_gen.pdbx_host_org_ncbi_taxonomy_id     562 
_entity_src_gen.host_org_genus                     ? 
_entity_src_gen.pdbx_host_org_gene                 ? 
_entity_src_gen.pdbx_host_org_organ                ? 
_entity_src_gen.host_org_species                   ? 
_entity_src_gen.pdbx_host_org_tissue               ? 
_entity_src_gen.pdbx_host_org_tissue_fraction      ? 
_entity_src_gen.pdbx_host_org_strain               ? 
_entity_src_gen.pdbx_host_org_variant              ? 
_entity_src_gen.pdbx_host_org_cell_line            ? 
_entity_src_gen.pdbx_host_org_atcc                 ? 
_entity_src_gen.pdbx_host_org_culture_collection   ? 
_entity_src_gen.pdbx_host_org_cell                 ? 
_entity_src_gen.pdbx_host_org_organelle            ? 
_entity_src_gen.pdbx_host_org_cellular_location    ? 
_entity_src_gen.pdbx_host_org_vector_type          ? 
_entity_src_gen.pdbx_host_org_vector               ? 
_entity_src_gen.host_org_details                   ? 
_entity_src_gen.expression_system_id               ? 
_entity_src_gen.plasmid_name                       ? 
_entity_src_gen.plasmid_details                    ? 
_entity_src_gen.pdbx_description                   ? 
# 
loop_
_chem_comp.id 
_chem_comp.type 
_chem_comp.mon_nstd_flag 
_chem_comp.name 
_chem_comp.pdbx_synonyms 
_chem_comp.formula 
_chem_comp.formula_weight 
7AZ non-polymer         . 'phosphonato-calix[6]arene' ?                               'C42 H42 O24 P6' 1116.611 
ALA 'L-peptide linking' y ALANINE                     ?                               'C3 H7 N O2'     89.093   
ARG 'L-peptide linking' y ARGININE                    ?                               'C6 H15 N4 O2 1' 175.209  
ASN 'L-peptide linking' y ASPARAGINE                  ?                               'C4 H8 N2 O3'    132.118  
ASP 'L-peptide linking' y 'ASPARTIC ACID'             ?                               'C4 H7 N O4'     133.103  
CYS 'L-peptide linking' y CYSTEINE                    ?                               'C3 H7 N O2 S'   121.158  
GLN 'L-peptide linking' y GLUTAMINE                   ?                               'C5 H10 N2 O3'   146.144  
GLU 'L-peptide linking' y 'GLUTAMIC ACID'             ?                               'C5 H9 N O4'     147.129  
GLY 'peptide linking'   y GLYCINE                     ?                               'C2 H5 N O2'     75.067   
GOL non-polymer         . GLYCEROL                    'GLYCERIN; PROPANE-1,2,3-TRIOL' 'C3 H8 O3'       92.094   
HIS 'L-peptide linking' y HISTIDINE                   ?                               'C6 H10 N3 O2 1' 156.162  
HOH non-polymer         . WATER                       ?                               'H2 O'           18.015   
ILE 'L-peptide linking' y ISOLEUCINE                  ?                               'C6 H13 N O2'    131.173  
LEU 'L-peptide linking' y LEUCINE                     ?                               'C6 H13 N O2'    131.173  
LYS 'L-peptide linking' y LYSINE                      ?                               'C6 H15 N2 O2 1' 147.195  
MET 'L-peptide linking' y METHIONINE                  ?                               'C5 H11 N O2 S'  149.211  
PHE 'L-peptide linking' y PHENYLALANINE               ?                               'C9 H11 N O2'    165.189  
PRO 'L-peptide linking' y PROLINE                     ?                               'C5 H9 N O2'     115.130  
SER 'L-peptide linking' y SERINE                      ?                               'C3 H7 N O3'     105.093  
THR 'L-peptide linking' y THREONINE                   ?                               'C4 H9 N O3'     119.119  
TRP 'L-peptide linking' y TRYPTOPHAN                  ?                               'C11 H12 N2 O2'  204.225  
TYR 'L-peptide linking' y TYROSINE                    ?                               'C9 H11 N O3'    181.189  
VAL 'L-peptide linking' y VALINE                      ?                               'C5 H11 N O2'    117.146  
# 
loop_
_pdbx_poly_seq_scheme.asym_id 
_pdbx_poly_seq_scheme.entity_id 
_pdbx_poly_seq_scheme.seq_id 
_pdbx_poly_seq_scheme.mon_id 
_pdbx_poly_seq_scheme.ndb_seq_num 
_pdbx_poly_seq_scheme.pdb_seq_num 
_pdbx_poly_seq_scheme.auth_seq_num 
_pdbx_poly_seq_scheme.pdb_mon_id 
_pdbx_poly_seq_scheme.auth_mon_id 
_pdbx_poly_seq_scheme.pdb_strand_id 
_pdbx_poly_seq_scheme.pdb_ins_code 
_pdbx_poly_seq_scheme.hetero 
A 1 1  MET 1  0  0  MET MET A . n 
A 1 2  LYS 2  1  1  LYS LYS A . n 
A 1 3  SER 3  2  2  SER SER A . n 
A 1 4  VAL 4  3  3  VAL VAL A . n 
A 1 5  GLN 5  4  4  GLN GLN A . n 
A 1 6  THR 6  5  5  THR THR A . n 
A 1 7  ALA 7  6  6  ALA ALA A . n 
A 1 8  ALA 8  7  7  ALA ALA A . n 
A 1 9  THR 9  8  8  THR THR A . n 
A 1 10 SER 10 9  9  SER SER A . n 
A 1 11 TRP 11 10 10 TRP TRP A . n 
A 1 12 GLY 12 11 11 GLY GLY A . n 
A 1 13 THR 13 12 12 THR THR A . n 
A 1 14 VAL 14 13 13 VAL VAL A . n 
A 1 15 PRO 15 14 14 PRO PRO A . n 
A 1 16 SER 16 15 15 SER SER A . n 
A 1 17 ILE 17 16 16 ILE ILE A . n 
A 1 18 ARG 18 17 17 ARG ARG A . n 
A 1 19 VAL 19 18 18 VAL VAL A . n 
A 1 20 TYR 20 19 19 TYR TYR A . n 
A 1 21 THR 21 20 20 THR THR A . n 
A 1 22 ALA 22 21 21 ALA ALA A . n 
A 1 23 ASN 23 22 22 ASN ASN A . n 
A 1 24 ASN 24 23 23 ASN ASN A . n 
A 1 25 GLY 25 24 24 GLY GLY A . n 
A 1 26 LYS 26 25 25 LYS LYS A . n 
A 1 27 ILE 27 26 26 ILE ILE A . n 
A 1 28 THR 28 27 27 THR THR A . n 
A 1 29 GLU 29 28 28 GLU GLU A . n 
A 1 30 ARG 30 29 29 ARG ARG A . n 
A 1 31 CYS 31 30 30 CYS CYS A . n 
A 1 32 TRP 32 31 31 TRP TRP A . n 
A 1 33 ASP 33 32 32 ASP ASP A . n 
A 1 34 GLY 34 33 33 GLY GLY A . n 
A 1 35 LYS 35 34 34 LYS LYS A . n 
A 1 36 GLY 36 35 35 GLY GLY A . n 
A 1 37 TRP 37 36 36 TRP TRP A . n 
A 1 38 TYR 38 37 37 TYR TYR A . n 
A 1 39 THR 39 38 38 THR THR A . n 
A 1 40 GLY 40 39 39 GLY GLY A . n 
A 1 41 ALA 41 40 40 ALA ALA A . n 
A 1 42 PHE 42 41 41 PHE PHE A . n 
A 1 43 ASN 43 42 42 ASN ASN A . n 
A 1 44 GLU 44 43 43 GLU GLU A . n 
A 1 45 PRO 45 44 44 PRO PRO A . n 
A 1 46 GLY 46 45 45 GLY GLY A . n 
A 1 47 ASP 47 46 46 ASP ASP A . n 
A 1 48 ASN 48 47 47 ASN ASN A . n 
A 1 49 VAL 49 48 48 VAL VAL A . n 
A 1 50 SER 50 49 49 SER SER A . n 
A 1 51 VAL 51 50 50 VAL VAL A . n 
A 1 52 THR 52 51 51 THR THR A . n 
A 1 53 SER 53 52 52 SER SER A . n 
A 1 54 TRP 54 53 53 TRP TRP A . n 
A 1 55 LEU 55 54 54 LEU LEU A . n 
A 1 56 VAL 56 55 55 VAL VAL A . n 
A 1 57 GLY 57 56 56 GLY GLY A . n 
A 1 58 SER 58 57 57 SER SER A . n 
A 1 59 ALA 59 58 58 ALA ALA A . n 
A 1 60 ILE 60 59 59 ILE ILE A . n 
A 1 61 HIS 61 60 60 HIS HIS A . n 
A 1 62 ILE 62 61 61 ILE ILE A . n 
A 1 63 ARG 63 62 62 ARG ARG A . n 
A 1 64 VAL 64 63 63 VAL VAL A . n 
A 1 65 TYR 65 64 64 TYR TYR A . n 
A 1 66 ALA 66 65 65 ALA ALA A . n 
A 1 67 SER 67 66 66 SER SER A . n 
A 1 68 THR 68 67 67 THR THR A . n 
A 1 69 GLY 69 68 68 GLY GLY A . n 
A 1 70 THR 70 69 69 THR THR A . n 
A 1 71 THR 71 70 70 THR THR A . n 
A 1 72 THR 72 71 71 THR THR A . n 
A 1 73 THR 73 72 72 THR THR A . n 
A 1 74 GLU 74 73 73 GLU GLU A . n 
A 1 75 TRP 75 74 74 TRP TRP A . n 
A 1 76 CYS 76 75 75 CYS CYS A . n 
A 1 77 TRP 77 76 76 TRP TRP A . n 
A 1 78 ASP 78 77 77 ASP ASP A . n 
A 1 79 GLY 79 78 78 GLY GLY A . n 
A 1 80 ASN 80 79 79 ASN ASN A . n 
A 1 81 GLY 81 80 80 GLY GLY A . n 
A 1 82 TRP 82 81 81 TRP TRP A . n 
A 1 83 THR 83 82 82 THR THR A . n 
A 1 84 LYS 84 83 83 LYS LYS A . n 
A 1 85 GLY 85 84 84 GLY GLY A . n 
A 1 86 ALA 86 85 85 ALA ALA A . n 
A 1 87 TYR 87 86 86 TYR TYR A . n 
A 1 88 THR 88 87 87 THR THR A . n 
A 1 89 ALA 89 88 88 ALA ALA A . n 
A 1 90 THR 90 89 89 THR THR A . n 
A 1 91 ASN 91 90 90 ASN ASN A . n 
# 
_pdbx_entity_instance_feature.ordinal        1 
_pdbx_entity_instance_feature.comp_id        7AZ 
_pdbx_entity_instance_feature.asym_id        ? 
_pdbx_entity_instance_feature.seq_num        ? 
_pdbx_entity_instance_feature.auth_comp_id   7AZ 
_pdbx_entity_instance_feature.auth_asym_id   ? 
_pdbx_entity_instance_feature.auth_seq_num   ? 
_pdbx_entity_instance_feature.feature_type   'SUBJECT OF INVESTIGATION' 
_pdbx_entity_instance_feature.details        ? 
# 
loop_
_pdbx_nonpoly_scheme.asym_id 
_pdbx_nonpoly_scheme.entity_id 
_pdbx_nonpoly_scheme.mon_id 
_pdbx_nonpoly_scheme.ndb_seq_num 
_pdbx_nonpoly_scheme.pdb_seq_num 
_pdbx_nonpoly_scheme.auth_seq_num 
_pdbx_nonpoly_scheme.pdb_mon_id 
_pdbx_nonpoly_scheme.auth_mon_id 
_pdbx_nonpoly_scheme.pdb_strand_id 
_pdbx_nonpoly_scheme.pdb_ins_code 
B 2 7AZ 1   101 101 7AZ 7AZ A . 
C 3 GOL 1   102 201 GOL GOL A . 
D 3 GOL 1   103 301 GOL GOL A . 
E 4 HOH 1   201 102 HOH HOH A . 
E 4 HOH 2   202 52  HOH HOH A . 
E 4 HOH 3   203 6   HOH HOH A . 
E 4 HOH 4   204 35  HOH HOH A . 
E 4 HOH 5   205 32  HOH HOH A . 
E 4 HOH 6   206 2   HOH HOH A . 
E 4 HOH 7   207 15  HOH HOH A . 
E 4 HOH 8   208 57  HOH HOH A . 
E 4 HOH 9   209 86  HOH HOH A . 
E 4 HOH 10  210 14  HOH HOH A . 
E 4 HOH 11  211 64  HOH HOH A . 
E 4 HOH 12  212 29  HOH HOH A . 
E 4 HOH 13  213 60  HOH HOH A . 
E 4 HOH 14  214 61  HOH HOH A . 
E 4 HOH 15  215 108 HOH HOH A . 
E 4 HOH 16  216 25  HOH HOH A . 
E 4 HOH 17  217 5   HOH HOH A . 
E 4 HOH 18  218 81  HOH HOH A . 
E 4 HOH 19  219 23  HOH HOH A . 
E 4 HOH 20  220 40  HOH HOH A . 
E 4 HOH 21  221 26  HOH HOH A . 
E 4 HOH 22  222 16  HOH HOH A . 
E 4 HOH 23  223 74  HOH HOH A . 
E 4 HOH 24  224 4   HOH HOH A . 
E 4 HOH 25  225 8   HOH HOH A . 
E 4 HOH 26  226 36  HOH HOH A . 
E 4 HOH 27  227 100 HOH HOH A . 
E 4 HOH 28  228 50  HOH HOH A . 
E 4 HOH 29  229 27  HOH HOH A . 
E 4 HOH 30  230 22  HOH HOH A . 
E 4 HOH 31  231 12  HOH HOH A . 
E 4 HOH 32  232 70  HOH HOH A . 
E 4 HOH 33  233 69  HOH HOH A . 
E 4 HOH 34  234 79  HOH HOH A . 
E 4 HOH 35  235 7   HOH HOH A . 
E 4 HOH 36  236 63  HOH HOH A . 
E 4 HOH 37  237 97  HOH HOH A . 
E 4 HOH 38  238 56  HOH HOH A . 
E 4 HOH 39  239 38  HOH HOH A . 
E 4 HOH 40  240 46  HOH HOH A . 
E 4 HOH 41  241 41  HOH HOH A . 
E 4 HOH 42  242 96  HOH HOH A . 
E 4 HOH 43  243 71  HOH HOH A . 
E 4 HOH 44  244 9   HOH HOH A . 
E 4 HOH 45  245 120 HOH HOH A . 
E 4 HOH 46  246 21  HOH HOH A . 
E 4 HOH 47  247 105 HOH HOH A . 
E 4 HOH 48  248 68  HOH HOH A . 
E 4 HOH 49  249 13  HOH HOH A . 
E 4 HOH 50  250 113 HOH HOH A . 
E 4 HOH 51  251 42  HOH HOH A . 
E 4 HOH 52  252 20  HOH HOH A . 
E 4 HOH 53  253 1   HOH HOH A . 
E 4 HOH 54  254 65  HOH HOH A . 
E 4 HOH 55  255 51  HOH HOH A . 
E 4 HOH 56  256 45  HOH HOH A . 
E 4 HOH 57  257 121 HOH HOH A . 
E 4 HOH 58  258 10  HOH HOH A . 
E 4 HOH 59  259 19  HOH HOH A . 
E 4 HOH 60  260 49  HOH HOH A . 
E 4 HOH 61  261 87  HOH HOH A . 
E 4 HOH 62  262 111 HOH HOH A . 
E 4 HOH 63  263 34  HOH HOH A . 
E 4 HOH 64  264 11  HOH HOH A . 
E 4 HOH 65  265 3   HOH HOH A . 
E 4 HOH 66  266 54  HOH HOH A . 
E 4 HOH 67  267 28  HOH HOH A . 
E 4 HOH 68  268 62  HOH HOH A . 
E 4 HOH 69  269 39  HOH HOH A . 
E 4 HOH 70  270 30  HOH HOH A . 
E 4 HOH 71  271 43  HOH HOH A . 
E 4 HOH 72  272 76  HOH HOH A . 
E 4 HOH 73  273 33  HOH HOH A . 
E 4 HOH 74  274 44  HOH HOH A . 
E 4 HOH 75  275 85  HOH HOH A . 
E 4 HOH 76  276 47  HOH HOH A . 
E 4 HOH 77  277 98  HOH HOH A . 
E 4 HOH 78  278 99  HOH HOH A . 
E 4 HOH 79  279 17  HOH HOH A . 
E 4 HOH 80  280 31  HOH HOH A . 
E 4 HOH 81  281 119 HOH HOH A . 
E 4 HOH 82  282 80  HOH HOH A . 
E 4 HOH 83  283 112 HOH HOH A . 
E 4 HOH 84  284 75  HOH HOH A . 
E 4 HOH 85  285 127 HOH HOH A . 
E 4 HOH 86  286 92  HOH HOH A . 
E 4 HOH 87  287 114 HOH HOH A . 
E 4 HOH 88  288 91  HOH HOH A . 
E 4 HOH 89  289 53  HOH HOH A . 
E 4 HOH 90  290 78  HOH HOH A . 
E 4 HOH 91  291 103 HOH HOH A . 
E 4 HOH 92  292 118 HOH HOH A . 
E 4 HOH 93  293 116 HOH HOH A . 
E 4 HOH 94  294 58  HOH HOH A . 
E 4 HOH 95  295 84  HOH HOH A . 
E 4 HOH 96  296 88  HOH HOH A . 
E 4 HOH 97  297 24  HOH HOH A . 
E 4 HOH 98  298 106 HOH HOH A . 
E 4 HOH 99  299 66  HOH HOH A . 
E 4 HOH 100 300 117 HOH HOH A . 
E 4 HOH 101 301 89  HOH HOH A . 
E 4 HOH 102 302 90  HOH HOH A . 
E 4 HOH 103 303 125 HOH HOH A . 
E 4 HOH 104 304 77  HOH HOH A . 
E 4 HOH 105 305 73  HOH HOH A . 
E 4 HOH 106 306 18  HOH HOH A . 
E 4 HOH 107 307 83  HOH HOH A . 
E 4 HOH 108 308 95  HOH HOH A . 
E 4 HOH 109 309 104 HOH HOH A . 
E 4 HOH 110 310 101 HOH HOH A . 
E 4 HOH 111 311 126 HOH HOH A . 
E 4 HOH 112 312 55  HOH HOH A . 
E 4 HOH 113 313 48  HOH HOH A . 
E 4 HOH 114 314 107 HOH HOH A . 
E 4 HOH 115 315 37  HOH HOH A . 
E 4 HOH 116 316 123 HOH HOH A . 
E 4 HOH 117 317 94  HOH HOH A . 
E 4 HOH 118 318 67  HOH HOH A . 
E 4 HOH 119 319 115 HOH HOH A . 
E 4 HOH 120 320 110 HOH HOH A . 
E 4 HOH 121 321 93  HOH HOH A . 
E 4 HOH 122 322 82  HOH HOH A . 
E 4 HOH 123 323 59  HOH HOH A . 
E 4 HOH 124 324 72  HOH HOH A . 
# 
loop_
_pdbx_unobs_or_zero_occ_atoms.id 
_pdbx_unobs_or_zero_occ_atoms.PDB_model_num 
_pdbx_unobs_or_zero_occ_atoms.polymer_flag 
_pdbx_unobs_or_zero_occ_atoms.occupancy_flag 
_pdbx_unobs_or_zero_occ_atoms.auth_asym_id 
_pdbx_unobs_or_zero_occ_atoms.auth_comp_id 
_pdbx_unobs_or_zero_occ_atoms.auth_seq_id 
_pdbx_unobs_or_zero_occ_atoms.PDB_ins_code 
_pdbx_unobs_or_zero_occ_atoms.auth_atom_id 
_pdbx_unobs_or_zero_occ_atoms.label_alt_id 
_pdbx_unobs_or_zero_occ_atoms.label_asym_id 
_pdbx_unobs_or_zero_occ_atoms.label_comp_id 
_pdbx_unobs_or_zero_occ_atoms.label_seq_id 
_pdbx_unobs_or_zero_occ_atoms.label_atom_id 
1 1 Y 0 A LYS 25 ? CD ? A LYS 26 CD 
2 1 Y 0 A LYS 25 ? CE ? A LYS 26 CE 
3 1 Y 0 A LYS 25 ? NZ ? A LYS 26 NZ 
# 
loop_
_software.citation_id 
_software.classification 
_software.compiler_name 
_software.compiler_version 
_software.contact_author 
_software.contact_author_email 
_software.date 
_software.description 
_software.dependencies 
_software.hardware 
_software.language 
_software.location 
_software.mods 
_software.name 
_software.os 
_software.os_version 
_software.type 
_software.version 
_software.pdbx_ordinal 
? refinement       ? ? ? ? ? ? ? ? ? ? ? PHENIX  ? ? ? 1.21.1_5286 1 
? 'data reduction' ? ? ? ? ? ? ? ? ? ? ? XDS     ? ? ? .           2 
? 'data scaling'   ? ? ? ? ? ? ? ? ? ? ? Aimless ? ? ? .           3 
? phasing          ? ? ? ? ? ? ? ? ? ? ? PHASER  ? ? ? .           4 
# 
_cell.angle_alpha                  90.000 
_cell.angle_alpha_esd              ? 
_cell.angle_beta                   90.000 
_cell.angle_beta_esd               ? 
_cell.angle_gamma                  90.000 
_cell.angle_gamma_esd              ? 
_cell.entry_id                     9HBF 
_cell.details                      ? 
_cell.formula_units_Z              ? 
_cell.length_a                     87.973 
_cell.length_a_esd                 ? 
_cell.length_b                     87.973 
_cell.length_b_esd                 ? 
_cell.length_c                     87.973 
_cell.length_c_esd                 ? 
_cell.volume                       680844.928 
_cell.volume_esd                   ? 
_cell.Z_PDB                        24 
_cell.reciprocal_angle_alpha       ? 
_cell.reciprocal_angle_beta        ? 
_cell.reciprocal_angle_gamma       ? 
_cell.reciprocal_angle_alpha_esd   ? 
_cell.reciprocal_angle_beta_esd    ? 
_cell.reciprocal_angle_gamma_esd   ? 
_cell.reciprocal_length_a          ? 
_cell.reciprocal_length_b          ? 
_cell.reciprocal_length_c          ? 
_cell.reciprocal_length_a_esd      ? 
_cell.reciprocal_length_b_esd      ? 
_cell.reciprocal_length_c_esd      ? 
_cell.pdbx_unique_axis             ? 
_cell.pdbx_esd_method              ? 
# 
_symmetry.entry_id                         9HBF 
_symmetry.cell_setting                     ? 
_symmetry.Int_Tables_number                197 
_symmetry.space_group_name_Hall            'I 2 2 3' 
_symmetry.space_group_name_H-M             'I 2 3' 
_symmetry.pdbx_full_space_group_name_H-M   ? 
# 
_exptl.absorpt_coefficient_mu     ? 
_exptl.absorpt_correction_T_max   ? 
_exptl.absorpt_correction_T_min   ? 
_exptl.absorpt_correction_type    ? 
_exptl.absorpt_process_details    ? 
_exptl.entry_id                   9HBF 
_exptl.crystals_number            1 
_exptl.details                    ? 
_exptl.method                     'X-RAY DIFFRACTION' 
_exptl.method_details             ? 
# 
_exptl_crystal.colour                       ? 
_exptl_crystal.density_diffrn               ? 
_exptl_crystal.density_Matthews             2.58 
_exptl_crystal.density_method               ? 
_exptl_crystal.density_percent_sol          52 
_exptl_crystal.description                  ? 
_exptl_crystal.F_000                        ? 
_exptl_crystal.id                           1 
_exptl_crystal.preparation                  ? 
_exptl_crystal.size_max                     ? 
_exptl_crystal.size_mid                     ? 
_exptl_crystal.size_min                     ? 
_exptl_crystal.size_rad                     ? 
_exptl_crystal.colour_lustre                ? 
_exptl_crystal.colour_modifier              ? 
_exptl_crystal.colour_primary               ? 
_exptl_crystal.density_meas                 ? 
_exptl_crystal.density_meas_esd             ? 
_exptl_crystal.density_meas_gt              ? 
_exptl_crystal.density_meas_lt              ? 
_exptl_crystal.density_meas_temp            ? 
_exptl_crystal.density_meas_temp_esd        ? 
_exptl_crystal.density_meas_temp_gt         ? 
_exptl_crystal.density_meas_temp_lt         ? 
_exptl_crystal.pdbx_crystal_image_url       ? 
_exptl_crystal.pdbx_crystal_image_format    ? 
_exptl_crystal.pdbx_mosaicity               ? 
_exptl_crystal.pdbx_mosaicity_esd           ? 
_exptl_crystal.pdbx_mosaic_method           ? 
_exptl_crystal.pdbx_mosaic_block_size       ? 
_exptl_crystal.pdbx_mosaic_block_size_esd   ? 
# 
_exptl_crystal_grow.apparatus       ? 
_exptl_crystal_grow.atmosphere      ? 
_exptl_crystal_grow.crystal_id      1 
_exptl_crystal_grow.details         ? 
_exptl_crystal_grow.method          'VAPOR DIFFUSION, SITTING DROP' 
_exptl_crystal_grow.method_ref      ? 
_exptl_crystal_grow.pH              8.5 
_exptl_crystal_grow.pressure        ? 
_exptl_crystal_grow.pressure_esd    ? 
_exptl_crystal_grow.seeding         ? 
_exptl_crystal_grow.seeding_ref     ? 
_exptl_crystal_grow.temp_details    ? 
_exptl_crystal_grow.temp_esd        ? 
_exptl_crystal_grow.time            ? 
_exptl_crystal_grow.pdbx_details    '1.26 M Ammonium sulfate, 0.1 M TRIS pH 8.5, 0.2 m Lithium sulfate' 
_exptl_crystal_grow.pdbx_pH_range   ? 
_exptl_crystal_grow.temp            293 
# 
_diffrn.ambient_environment              ? 
_diffrn.ambient_temp                     100 
_diffrn.ambient_temp_details             ? 
_diffrn.ambient_temp_esd                 ? 
_diffrn.crystal_id                       1 
_diffrn.crystal_support                  ? 
_diffrn.crystal_treatment                ? 
_diffrn.details                          ? 
_diffrn.id                               1 
_diffrn.ambient_pressure                 ? 
_diffrn.ambient_pressure_esd             ? 
_diffrn.ambient_pressure_gt              ? 
_diffrn.ambient_pressure_lt              ? 
_diffrn.ambient_temp_gt                  ? 
_diffrn.ambient_temp_lt                  ? 
_diffrn.pdbx_serial_crystal_experiment   N 
# 
_diffrn_detector.details                      ? 
_diffrn_detector.detector                     PIXEL 
_diffrn_detector.diffrn_id                    1 
_diffrn_detector.type                         'DECTRIS EIGER X 9M' 
_diffrn_detector.area_resol_mean              ? 
_diffrn_detector.dtime                        ? 
_diffrn_detector.pdbx_frames_total            ? 
_diffrn_detector.pdbx_collection_time_total   ? 
_diffrn_detector.pdbx_collection_date         2021-06-04 
_diffrn_detector.pdbx_frequency               ? 
_diffrn_detector.id                           ? 
_diffrn_detector.number_of_axes               ? 
# 
_diffrn_radiation.collimation                      ? 
_diffrn_radiation.diffrn_id                        1 
_diffrn_radiation.filter_edge                      ? 
_diffrn_radiation.inhomogeneity                    ? 
_diffrn_radiation.monochromator                    M 
_diffrn_radiation.polarisn_norm                    ? 
_diffrn_radiation.polarisn_ratio                   ? 
_diffrn_radiation.probe                            ? 
_diffrn_radiation.type                             ? 
_diffrn_radiation.xray_symbol                      ? 
_diffrn_radiation.wavelength_id                    1 
_diffrn_radiation.pdbx_monochromatic_or_laue_m_l   M 
_diffrn_radiation.pdbx_wavelength_list             ? 
_diffrn_radiation.pdbx_wavelength                  ? 
_diffrn_radiation.pdbx_diffrn_protocol             'SINGLE WAVELENGTH' 
_diffrn_radiation.pdbx_analyzer                    ? 
_diffrn_radiation.pdbx_scattering_type             x-ray 
# 
_diffrn_radiation_wavelength.id           1 
_diffrn_radiation_wavelength.wavelength   0.980 
_diffrn_radiation_wavelength.wt           1.0 
# 
_diffrn_source.current                     ? 
_diffrn_source.details                     ? 
_diffrn_source.diffrn_id                   1 
_diffrn_source.power                       ? 
_diffrn_source.size                        ? 
_diffrn_source.source                      SYNCHROTRON 
_diffrn_source.target                      ? 
_diffrn_source.type                        'SOLEIL BEAMLINE PROXIMA 2' 
_diffrn_source.voltage                     ? 
_diffrn_source.take-off_angle              ? 
_diffrn_source.pdbx_wavelength_list        0.980 
_diffrn_source.pdbx_wavelength             ? 
_diffrn_source.pdbx_synchrotron_beamline   'PROXIMA 2' 
_diffrn_source.pdbx_synchrotron_site       SOLEIL 
# 
_reflns.B_iso_Wilson_estimate                          16.97 
_reflns.entry_id                                       9HBF 
_reflns.data_reduction_details                         ? 
_reflns.data_reduction_method                          ? 
_reflns.d_resolution_high                              1.19 
_reflns.d_resolution_low                               35.91 
_reflns.details                                        ? 
_reflns.limit_h_max                                    ? 
_reflns.limit_h_min                                    ? 
_reflns.limit_k_max                                    ? 
_reflns.limit_k_min                                    ? 
_reflns.limit_l_max                                    ? 
_reflns.limit_l_min                                    ? 
_reflns.number_all                                     ? 
_reflns.number_obs                                     36569 
_reflns.observed_criterion                             ? 
_reflns.observed_criterion_F_max                       ? 
_reflns.observed_criterion_F_min                       ? 
_reflns.observed_criterion_I_max                       ? 
_reflns.observed_criterion_I_min                       ? 
_reflns.observed_criterion_sigma_F                     ? 
_reflns.observed_criterion_sigma_I                     ? 
_reflns.percent_possible_obs                           99.7 
_reflns.R_free_details                                 ? 
_reflns.Rmerge_F_all                                   ? 
_reflns.Rmerge_F_obs                                   ? 
_reflns.Friedel_coverage                               ? 
_reflns.number_gt                                      ? 
_reflns.threshold_expression                           ? 
_reflns.pdbx_redundancy                                31.7 
_reflns.pdbx_netI_over_av_sigmaI                       ? 
_reflns.pdbx_netI_over_sigmaI                          25.4 
_reflns.pdbx_res_netI_over_av_sigmaI_2                 ? 
_reflns.pdbx_res_netI_over_sigmaI_2                    ? 
_reflns.pdbx_chi_squared                               ? 
_reflns.pdbx_scaling_rejects                           ? 
_reflns.pdbx_d_res_high_opt                            ? 
_reflns.pdbx_d_res_low_opt                             ? 
_reflns.pdbx_d_res_opt_method                          ? 
_reflns.phase_calculation_details                      ? 
_reflns.pdbx_Rrim_I_all                                ? 
_reflns.pdbx_Rpim_I_all                                ? 
_reflns.pdbx_d_opt                                     ? 
_reflns.pdbx_number_measured_all                       ? 
_reflns.pdbx_diffrn_id                                 1 
_reflns.pdbx_ordinal                                   1 
_reflns.pdbx_CC_half                                   1.000 
_reflns.pdbx_CC_star                                   ? 
_reflns.pdbx_R_split                                   ? 
_reflns.pdbx_Rmerge_I_obs                              0.057 
_reflns.pdbx_Rmerge_I_all                              ? 
_reflns.pdbx_Rsym_value                                ? 
_reflns.pdbx_CC_split_method                           ? 
_reflns.pdbx_aniso_diffraction_limit_axis_1_ortho[1]   ? 
_reflns.pdbx_aniso_diffraction_limit_axis_1_ortho[2]   ? 
_reflns.pdbx_aniso_diffraction_limit_axis_1_ortho[3]   ? 
_reflns.pdbx_aniso_diffraction_limit_axis_2_ortho[1]   ? 
_reflns.pdbx_aniso_diffraction_limit_axis_2_ortho[2]   ? 
_reflns.pdbx_aniso_diffraction_limit_axis_2_ortho[3]   ? 
_reflns.pdbx_aniso_diffraction_limit_axis_3_ortho[1]   ? 
_reflns.pdbx_aniso_diffraction_limit_axis_3_ortho[2]   ? 
_reflns.pdbx_aniso_diffraction_limit_axis_3_ortho[3]   ? 
_reflns.pdbx_aniso_diffraction_limit_1                 ? 
_reflns.pdbx_aniso_diffraction_limit_2                 ? 
_reflns.pdbx_aniso_diffraction_limit_3                 ? 
_reflns.pdbx_aniso_B_tensor_eigenvector_1_ortho[1]     ? 
_reflns.pdbx_aniso_B_tensor_eigenvector_1_ortho[2]     ? 
_reflns.pdbx_aniso_B_tensor_eigenvector_1_ortho[3]     ? 
_reflns.pdbx_aniso_B_tensor_eigenvector_2_ortho[1]     ? 
_reflns.pdbx_aniso_B_tensor_eigenvector_2_ortho[2]     ? 
_reflns.pdbx_aniso_B_tensor_eigenvector_2_ortho[3]     ? 
_reflns.pdbx_aniso_B_tensor_eigenvector_3_ortho[1]     ? 
_reflns.pdbx_aniso_B_tensor_eigenvector_3_ortho[2]     ? 
_reflns.pdbx_aniso_B_tensor_eigenvector_3_ortho[3]     ? 
_reflns.pdbx_aniso_B_tensor_eigenvalue_1               ? 
_reflns.pdbx_aniso_B_tensor_eigenvalue_2               ? 
_reflns.pdbx_aniso_B_tensor_eigenvalue_3               ? 
_reflns.pdbx_orthogonalization_convention              ? 
_reflns.pdbx_percent_possible_ellipsoidal              ? 
_reflns.pdbx_percent_possible_spherical                ? 
_reflns.pdbx_percent_possible_ellipsoidal_anomalous    ? 
_reflns.pdbx_percent_possible_spherical_anomalous      ? 
_reflns.pdbx_redundancy_anomalous                      ? 
_reflns.pdbx_CC_half_anomalous                         ? 
_reflns.pdbx_absDiff_over_sigma_anomalous              ? 
_reflns.pdbx_percent_possible_anomalous                ? 
_reflns.pdbx_observed_signal_threshold                 ? 
_reflns.pdbx_signal_type                               ? 
_reflns.pdbx_signal_details                            ? 
_reflns.pdbx_signal_software_id                        ? 
# 
_reflns_shell.d_res_high                                    1.19 
_reflns_shell.d_res_low                                     1.21 
_reflns_shell.meanI_over_sigI_all                           ? 
_reflns_shell.meanI_over_sigI_obs                           ? 
_reflns_shell.number_measured_all                           ? 
_reflns_shell.number_measured_obs                           ? 
_reflns_shell.number_possible                               ? 
_reflns_shell.number_unique_all                             ? 
_reflns_shell.number_unique_obs                             1728 
_reflns_shell.percent_possible_obs                          ? 
_reflns_shell.Rmerge_F_all                                  ? 
_reflns_shell.Rmerge_F_obs                                  ? 
_reflns_shell.meanI_over_sigI_gt                            ? 
_reflns_shell.meanI_over_uI_all                             ? 
_reflns_shell.meanI_over_uI_gt                              ? 
_reflns_shell.number_measured_gt                            ? 
_reflns_shell.number_unique_gt                              ? 
_reflns_shell.percent_possible_gt                           ? 
_reflns_shell.Rmerge_F_gt                                   ? 
_reflns_shell.Rmerge_I_gt                                   ? 
_reflns_shell.pdbx_redundancy                               ? 
_reflns_shell.pdbx_chi_squared                              ? 
_reflns_shell.pdbx_netI_over_sigmaI_all                     ? 
_reflns_shell.pdbx_netI_over_sigmaI_obs                     ? 
_reflns_shell.pdbx_Rrim_I_all                               ? 
_reflns_shell.pdbx_Rpim_I_all                               ? 
_reflns_shell.pdbx_rejects                                  ? 
_reflns_shell.pdbx_ordinal                                  1 
_reflns_shell.pdbx_diffrn_id                                1 
_reflns_shell.pdbx_CC_half                                  0.351 
_reflns_shell.pdbx_CC_star                                  ? 
_reflns_shell.pdbx_R_split                                  ? 
_reflns_shell.percent_possible_all                          ? 
_reflns_shell.Rmerge_I_all                                  ? 
_reflns_shell.Rmerge_I_obs                                  2.570 
_reflns_shell.pdbx_Rsym_value                               ? 
_reflns_shell.pdbx_percent_possible_ellipsoidal             ? 
_reflns_shell.pdbx_percent_possible_spherical               ? 
_reflns_shell.pdbx_percent_possible_ellipsoidal_anomalous   ? 
_reflns_shell.pdbx_percent_possible_spherical_anomalous     ? 
_reflns_shell.pdbx_redundancy_anomalous                     ? 
_reflns_shell.pdbx_CC_half_anomalous                        ? 
_reflns_shell.pdbx_absDiff_over_sigma_anomalous             ? 
_reflns_shell.pdbx_percent_possible_anomalous               ? 
# 
_refine.aniso_B[1][1]                            ? 
_refine.aniso_B[1][2]                            ? 
_refine.aniso_B[1][3]                            ? 
_refine.aniso_B[2][2]                            ? 
_refine.aniso_B[2][3]                            ? 
_refine.aniso_B[3][3]                            ? 
_refine.B_iso_max                                ? 
_refine.B_iso_mean                               23.06 
_refine.B_iso_min                                ? 
_refine.correlation_coeff_Fo_to_Fc               ? 
_refine.correlation_coeff_Fo_to_Fc_free          ? 
_refine.details                                  ? 
_refine.diff_density_max                         ? 
_refine.diff_density_max_esd                     ? 
_refine.diff_density_min                         ? 
_refine.diff_density_min_esd                     ? 
_refine.diff_density_rms                         ? 
_refine.diff_density_rms_esd                     ? 
_refine.entry_id                                 9HBF 
_refine.pdbx_refine_id                           'X-RAY DIFFRACTION' 
_refine.ls_abs_structure_details                 ? 
_refine.ls_abs_structure_Flack                   ? 
_refine.ls_abs_structure_Flack_esd               ? 
_refine.ls_abs_structure_Rogers                  ? 
_refine.ls_abs_structure_Rogers_esd              ? 
_refine.ls_d_res_high                            1.19 
_refine.ls_d_res_low                             35.91 
_refine.ls_extinction_coef                       ? 
_refine.ls_extinction_coef_esd                   ? 
_refine.ls_extinction_expression                 ? 
_refine.ls_extinction_method                     ? 
_refine.ls_goodness_of_fit_all                   ? 
_refine.ls_goodness_of_fit_all_esd               ? 
_refine.ls_goodness_of_fit_obs                   ? 
_refine.ls_goodness_of_fit_obs_esd               ? 
_refine.ls_hydrogen_treatment                    ? 
_refine.ls_matrix_type                           ? 
_refine.ls_number_constraints                    ? 
_refine.ls_number_parameters                     ? 
_refine.ls_number_reflns_all                     ? 
_refine.ls_number_reflns_obs                     36387 
_refine.ls_number_reflns_R_free                  1862 
_refine.ls_number_reflns_R_work                  34525 
_refine.ls_number_restraints                     ? 
_refine.ls_percent_reflns_obs                    99.15 
_refine.ls_percent_reflns_R_free                 5.12 
_refine.ls_R_factor_all                          ? 
_refine.ls_R_factor_obs                          0.1839 
_refine.ls_R_factor_R_free                       0.2011 
_refine.ls_R_factor_R_free_error                 ? 
_refine.ls_R_factor_R_free_error_details         ? 
_refine.ls_R_factor_R_work                       0.1830 
_refine.ls_R_Fsqd_factor_obs                     ? 
_refine.ls_R_I_factor_obs                        ? 
_refine.ls_redundancy_reflns_all                 ? 
_refine.ls_redundancy_reflns_obs                 ? 
_refine.ls_restrained_S_all                      ? 
_refine.ls_restrained_S_obs                      ? 
_refine.ls_shift_over_esd_max                    ? 
_refine.ls_shift_over_esd_mean                   ? 
_refine.ls_structure_factor_coef                 ? 
_refine.ls_weighting_details                     ? 
_refine.ls_weighting_scheme                      ? 
_refine.ls_wR_factor_all                         ? 
_refine.ls_wR_factor_obs                         ? 
_refine.ls_wR_factor_R_free                      ? 
_refine.ls_wR_factor_R_work                      ? 
_refine.occupancy_max                            ? 
_refine.occupancy_min                            ? 
_refine.solvent_model_details                    'FLAT BULK SOLVENT MODEL' 
_refine.solvent_model_param_bsol                 ? 
_refine.solvent_model_param_ksol                 ? 
_refine.pdbx_R_complete                          ? 
_refine.ls_R_factor_gt                           ? 
_refine.ls_goodness_of_fit_gt                    ? 
_refine.ls_goodness_of_fit_ref                   ? 
_refine.ls_shift_over_su_max                     ? 
_refine.ls_shift_over_su_max_lt                  ? 
_refine.ls_shift_over_su_mean                    ? 
_refine.ls_shift_over_su_mean_lt                 ? 
_refine.pdbx_ls_sigma_I                          ? 
_refine.pdbx_ls_sigma_F                          1.34 
_refine.pdbx_ls_sigma_Fsqd                       ? 
_refine.pdbx_data_cutoff_high_absF               ? 
_refine.pdbx_data_cutoff_high_rms_absF           ? 
_refine.pdbx_data_cutoff_low_absF                ? 
_refine.pdbx_isotropic_thermal_model             ? 
_refine.pdbx_ls_cross_valid_method               'FREE R-VALUE' 
_refine.pdbx_method_to_determine_struct          'MOLECULAR REPLACEMENT' 
_refine.pdbx_starting_model                      ? 
_refine.pdbx_stereochemistry_target_values       'GeoStd + Monomer Library + CDL v1.2' 
_refine.pdbx_R_Free_selection_details            ? 
_refine.pdbx_stereochem_target_val_spec_case     ? 
_refine.pdbx_overall_ESU_R                       ? 
_refine.pdbx_overall_ESU_R_Free                  ? 
_refine.pdbx_solvent_vdw_probe_radii             1.1000 
_refine.pdbx_solvent_ion_probe_radii             ? 
_refine.pdbx_solvent_shrinkage_radii             0.9000 
_refine.pdbx_real_space_R                        ? 
_refine.pdbx_density_correlation                 ? 
_refine.pdbx_pd_number_of_powder_patterns        ? 
_refine.pdbx_pd_number_of_points                 ? 
_refine.pdbx_pd_meas_number_of_points            ? 
_refine.pdbx_pd_proc_ls_prof_R_factor            ? 
_refine.pdbx_pd_proc_ls_prof_wR_factor           ? 
_refine.pdbx_pd_Marquardt_correlation_coeff      ? 
_refine.pdbx_pd_Fsqrd_R_factor                   ? 
_refine.pdbx_pd_ls_matrix_band_width             ? 
_refine.pdbx_overall_phase_error                 27.9729 
_refine.pdbx_overall_SU_R_free_Cruickshank_DPI   ? 
_refine.pdbx_overall_SU_R_free_Blow_DPI          ? 
_refine.pdbx_overall_SU_R_Blow_DPI               ? 
_refine.pdbx_TLS_residual_ADP_flag               ? 
_refine.pdbx_diffrn_id                           1 
_refine.overall_SU_B                             ? 
_refine.overall_SU_ML                            0.1074 
_refine.overall_SU_R_Cruickshank_DPI             ? 
_refine.overall_SU_R_free                        ? 
_refine.overall_FOM_free_R_set                   ? 
_refine.overall_FOM_work_R_set                   ? 
_refine.pdbx_average_fsc_overall                 ? 
_refine.pdbx_average_fsc_work                    ? 
_refine.pdbx_average_fsc_free                    ? 
# 
_refine_hist.pdbx_refine_id                   'X-RAY DIFFRACTION' 
_refine_hist.cycle_id                         LAST 
_refine_hist.details                          ? 
_refine_hist.d_res_high                       1.19 
_refine_hist.d_res_low                        35.91 
_refine_hist.number_atoms_solvent             124 
_refine_hist.number_atoms_total               906 
_refine_hist.number_reflns_all                ? 
_refine_hist.number_reflns_obs                ? 
_refine_hist.number_reflns_R_free             ? 
_refine_hist.number_reflns_R_work             ? 
_refine_hist.R_factor_all                     ? 
_refine_hist.R_factor_obs                     ? 
_refine_hist.R_factor_R_free                  ? 
_refine_hist.R_factor_R_work                  ? 
_refine_hist.pdbx_number_residues_total       ? 
_refine_hist.pdbx_B_iso_mean_ligand           ? 
_refine_hist.pdbx_B_iso_mean_solvent          ? 
_refine_hist.pdbx_number_atoms_protein        698 
_refine_hist.pdbx_number_atoms_nucleic_acid   0 
_refine_hist.pdbx_number_atoms_ligand         84 
_refine_hist.pdbx_number_atoms_lipid          ? 
_refine_hist.pdbx_number_atoms_carb           ? 
_refine_hist.pdbx_pseudo_atom_details         ? 
# 
loop_
_refine_ls_restr.pdbx_refine_id 
_refine_ls_restr.criterion 
_refine_ls_restr.dev_ideal 
_refine_ls_restr.dev_ideal_target 
_refine_ls_restr.number 
_refine_ls_restr.rejects 
_refine_ls_restr.type 
_refine_ls_restr.weight 
_refine_ls_restr.pdbx_restraint_function 
'X-RAY DIFFRACTION' ? 0.0043  ? 816  ? f_bond_d           ? ? 
'X-RAY DIFFRACTION' ? 0.8068  ? 1136 ? f_angle_d          ? ? 
'X-RAY DIFFRACTION' ? 0.0746  ? 108  ? f_chiral_restr     ? ? 
'X-RAY DIFFRACTION' ? 0.0050  ? 130  ? f_plane_restr      ? ? 
'X-RAY DIFFRACTION' ? 10.8154 ? 293  ? f_dihedral_angle_d ? ? 
# 
loop_
_refine_ls_shell.pdbx_refine_id 
_refine_ls_shell.d_res_high 
_refine_ls_shell.d_res_low 
_refine_ls_shell.number_reflns_all 
_refine_ls_shell.number_reflns_obs 
_refine_ls_shell.number_reflns_R_free 
_refine_ls_shell.number_reflns_R_work 
_refine_ls_shell.percent_reflns_obs 
_refine_ls_shell.percent_reflns_R_free 
_refine_ls_shell.R_factor_all 
_refine_ls_shell.R_factor_obs 
_refine_ls_shell.R_factor_R_free_error 
_refine_ls_shell.R_factor_R_work 
_refine_ls_shell.redundancy_reflns_all 
_refine_ls_shell.redundancy_reflns_obs 
_refine_ls_shell.wR_factor_all 
_refine_ls_shell.wR_factor_obs 
_refine_ls_shell.wR_factor_R_free 
_refine_ls_shell.wR_factor_R_work 
_refine_ls_shell.pdbx_R_complete 
_refine_ls_shell.pdbx_total_number_of_bins_used 
_refine_ls_shell.pdbx_phase_error 
_refine_ls_shell.pdbx_fsc_work 
_refine_ls_shell.pdbx_fsc_free 
_refine_ls_shell.R_factor_R_free 
'X-RAY DIFFRACTION' 1.19 1.22  . . 138 2363 89.07  . . . . 0.3073 . . . . . . . . . . . 0.3196 
'X-RAY DIFFRACTION' 1.22 1.25  . . 136 2650 99.96  . . . . 0.2747 . . . . . . . . . . . 0.2541 
'X-RAY DIFFRACTION' 1.25 1.29  . . 123 2712 100.00 . . . . 0.2624 . . . . . . . . . . . 0.2931 
'X-RAY DIFFRACTION' 1.30 1.34  . . 149 2621 99.96  . . . . 0.2505 . . . . . . . . . . . 0.2667 
'X-RAY DIFFRACTION' 1.34 1.39  . . 156 2651 100.00 . . . . 0.2287 . . . . . . . . . . . 0.2507 
'X-RAY DIFFRACTION' 1.40 1.46  . . 181 2606 100.00 . . . . 0.2287 . . . . . . . . . . . 0.2355 
'X-RAY DIFFRACTION' 1.46 1.54  . . 125 2711 100.00 . . . . 0.2143 . . . . . . . . . . . 0.2057 
'X-RAY DIFFRACTION' 1.54 1.63  . . 126 2660 100.00 . . . . 0.1957 . . . . . . . . . . . 0.1983 
'X-RAY DIFFRACTION' 1.63 1.76  . . 159 2679 100.00 . . . . 0.2167 . . . . . . . . . . . 0.2319 
'X-RAY DIFFRACTION' 1.76 1.93  . . 138 2673 100.00 . . . . 0.2019 . . . . . . . . . . . 0.2374 
'X-RAY DIFFRACTION' 1.93 2.21  . . 138 2696 100.00 . . . . 0.1870 . . . . . . . . . . . 0.2097 
'X-RAY DIFFRACTION' 2.21 2.79  . . 141 2712 100.00 . . . . 0.1890 . . . . . . . . . . . 0.1810 
'X-RAY DIFFRACTION' 2.79 35.91 . . 152 2791 99.90  . . . . 0.1454 . . . . . . . . . . . 0.1745 
# 
_struct.entry_id                     9HBF 
_struct.title                        'The MK-RSL - phosphonato-calix[6]arene cocrystal structure' 
_struct.pdbx_model_details           ? 
_struct.pdbx_formula_weight          ? 
_struct.pdbx_formula_weight_method   ? 
_struct.pdbx_model_type_details      ? 
_struct.pdbx_CASP_flag               N 
# 
_struct_keywords.entry_id        9HBF 
_struct_keywords.text            'Beta-propeller, lectin, trimer, SUGAR BINDING PROTEIN' 
_struct_keywords.pdbx_keywords   'SUGAR BINDING PROTEIN' 
# 
loop_
_struct_asym.id 
_struct_asym.pdbx_blank_PDB_chainid_flag 
_struct_asym.pdbx_modified 
_struct_asym.entity_id 
_struct_asym.details 
A N N 1 ? 
B N N 2 ? 
C N N 3 ? 
D N N 3 ? 
E N N 4 ? 
# 
_struct_ref.id                         1 
_struct_ref.db_name                    UNP 
_struct_ref.db_code                    A0A0S4TLR1_RALSL 
_struct_ref.pdbx_db_accession          A0A0S4TLR1 
_struct_ref.pdbx_db_isoform            ? 
_struct_ref.entity_id                  1 
_struct_ref.pdbx_seq_one_letter_code   
;MSSVQTAATSWGTVPSIRVYTANNGKITERCWDGKGWYTGAFNEPGDNVSVTSWLVGSAIHIRVYASTGTTTTEWCWDGN
GWTKGAYTATN
;
_struct_ref.pdbx_align_begin           1 
# 
_struct_ref_seq.align_id                      1 
_struct_ref_seq.ref_id                        1 
_struct_ref_seq.pdbx_PDB_id_code              9HBF 
_struct_ref_seq.pdbx_strand_id                A 
_struct_ref_seq.seq_align_beg                 1 
_struct_ref_seq.pdbx_seq_align_beg_ins_code   ? 
_struct_ref_seq.seq_align_end                 91 
_struct_ref_seq.pdbx_seq_align_end_ins_code   ? 
_struct_ref_seq.pdbx_db_accession             A0A0S4TLR1 
_struct_ref_seq.db_align_beg                  1 
_struct_ref_seq.pdbx_db_align_beg_ins_code    ? 
_struct_ref_seq.db_align_end                  91 
_struct_ref_seq.pdbx_db_align_end_ins_code    ? 
_struct_ref_seq.pdbx_auth_seq_align_beg       0 
_struct_ref_seq.pdbx_auth_seq_align_end       90 
# 
_struct_ref_seq_dif.align_id                     1 
_struct_ref_seq_dif.pdbx_pdb_id_code             9HBF 
_struct_ref_seq_dif.mon_id                       LYS 
_struct_ref_seq_dif.pdbx_pdb_strand_id           A 
_struct_ref_seq_dif.seq_num                      2 
_struct_ref_seq_dif.pdbx_pdb_ins_code            ? 
_struct_ref_seq_dif.pdbx_seq_db_name             UNP 
_struct_ref_seq_dif.pdbx_seq_db_accession_code   A0A0S4TLR1 
_struct_ref_seq_dif.db_mon_id                    SER 
_struct_ref_seq_dif.pdbx_seq_db_seq_num          2 
_struct_ref_seq_dif.details                      'engineered mutation' 
_struct_ref_seq_dif.pdbx_auth_seq_num            1 
_struct_ref_seq_dif.pdbx_ordinal                 1 
# 
_pdbx_struct_assembly.id                   1 
_pdbx_struct_assembly.details              author_defined_assembly 
_pdbx_struct_assembly.method_details       ? 
_pdbx_struct_assembly.oligomeric_details   monomeric 
_pdbx_struct_assembly.oligomeric_count     1 
# 
loop_
_pdbx_struct_assembly_prop.biol_id 
_pdbx_struct_assembly_prop.type 
_pdbx_struct_assembly_prop.value 
_pdbx_struct_assembly_prop.details 
1 'ABSA (A^2)' 460  ? 
1 MORE         -0   ? 
1 'SSA (A^2)'  6390 ? 
# 
_pdbx_struct_assembly_gen.assembly_id       1 
_pdbx_struct_assembly_gen.oper_expression   1 
_pdbx_struct_assembly_gen.asym_id_list      A,B,C,D,E 
# 
_pdbx_struct_assembly_auth_evidence.id                     1 
_pdbx_struct_assembly_auth_evidence.assembly_id            1 
_pdbx_struct_assembly_auth_evidence.experimental_support   none 
_pdbx_struct_assembly_auth_evidence.details                ? 
# 
_pdbx_struct_oper_list.id                   1 
_pdbx_struct_oper_list.type                 'identity operation' 
_pdbx_struct_oper_list.name                 1_555 
_pdbx_struct_oper_list.symmetry_operation   x,y,z 
_pdbx_struct_oper_list.matrix[1][1]         1.0000000000 
_pdbx_struct_oper_list.matrix[1][2]         0.0000000000 
_pdbx_struct_oper_list.matrix[1][3]         0.0000000000 
_pdbx_struct_oper_list.vector[1]            0.0000000000 
_pdbx_struct_oper_list.matrix[2][1]         0.0000000000 
_pdbx_struct_oper_list.matrix[2][2]         1.0000000000 
_pdbx_struct_oper_list.matrix[2][3]         0.0000000000 
_pdbx_struct_oper_list.vector[2]            0.0000000000 
_pdbx_struct_oper_list.matrix[3][1]         0.0000000000 
_pdbx_struct_oper_list.matrix[3][2]         0.0000000000 
_pdbx_struct_oper_list.matrix[3][3]         1.0000000000 
_pdbx_struct_oper_list.vector[3]            0.0000000000 
# 
_struct_mon_prot_cis.pdbx_id                1 
_struct_mon_prot_cis.label_comp_id          VAL 
_struct_mon_prot_cis.label_seq_id           14 
_struct_mon_prot_cis.label_asym_id          A 
_struct_mon_prot_cis.label_alt_id           . 
_struct_mon_prot_cis.pdbx_PDB_ins_code      ? 
_struct_mon_prot_cis.auth_comp_id           VAL 
_struct_mon_prot_cis.auth_seq_id            13 
_struct_mon_prot_cis.auth_asym_id           A 
_struct_mon_prot_cis.pdbx_label_comp_id_2   PRO 
_struct_mon_prot_cis.pdbx_label_seq_id_2    15 
_struct_mon_prot_cis.pdbx_label_asym_id_2   A 
_struct_mon_prot_cis.pdbx_PDB_ins_code_2    ? 
_struct_mon_prot_cis.pdbx_auth_comp_id_2    PRO 
_struct_mon_prot_cis.pdbx_auth_seq_id_2     14 
_struct_mon_prot_cis.pdbx_auth_asym_id_2    A 
_struct_mon_prot_cis.pdbx_PDB_model_num     1 
_struct_mon_prot_cis.pdbx_omega_angle       -6.74 
# 
loop_
_struct_sheet.id 
_struct_sheet.type 
_struct_sheet.number_strands 
_struct_sheet.details 
AA1 ? 4 ? 
AA2 ? 4 ? 
# 
loop_
_struct_sheet_order.sheet_id 
_struct_sheet_order.range_id_1 
_struct_sheet_order.range_id_2 
_struct_sheet_order.offset 
_struct_sheet_order.sense 
AA1 1 2 ? anti-parallel 
AA1 2 3 ? anti-parallel 
AA1 3 4 ? anti-parallel 
AA2 1 2 ? anti-parallel 
AA2 2 3 ? anti-parallel 
AA2 3 4 ? anti-parallel 
# 
loop_
_struct_sheet_range.sheet_id 
_struct_sheet_range.id 
_struct_sheet_range.beg_label_comp_id 
_struct_sheet_range.beg_label_asym_id 
_struct_sheet_range.beg_label_seq_id 
_struct_sheet_range.pdbx_beg_PDB_ins_code 
_struct_sheet_range.end_label_comp_id 
_struct_sheet_range.end_label_asym_id 
_struct_sheet_range.end_label_seq_id 
_struct_sheet_range.pdbx_end_PDB_ins_code 
_struct_sheet_range.beg_auth_comp_id 
_struct_sheet_range.beg_auth_asym_id 
_struct_sheet_range.beg_auth_seq_id 
_struct_sheet_range.end_auth_comp_id 
_struct_sheet_range.end_auth_asym_id 
_struct_sheet_range.end_auth_seq_id 
AA1 1 GLN A 5  ? TRP A 11 ? GLN A 4  TRP A 10 
AA1 2 SER A 16 ? ASN A 23 ? SER A 15 ASN A 22 
AA1 3 LYS A 26 ? TRP A 32 ? LYS A 25 TRP A 31 
AA1 4 TRP A 37 ? PRO A 45 ? TRP A 36 PRO A 44 
AA2 1 ASN A 48 ? VAL A 56 ? ASN A 47 VAL A 55 
AA2 2 ALA A 59 ? THR A 68 ? ALA A 58 THR A 67 
AA2 3 THR A 71 ? TRP A 77 ? THR A 70 TRP A 76 
AA2 4 TRP A 82 ? LYS A 84 ? TRP A 81 LYS A 83 
# 
loop_
_pdbx_struct_sheet_hbond.sheet_id 
_pdbx_struct_sheet_hbond.range_id_1 
_pdbx_struct_sheet_hbond.range_id_2 
_pdbx_struct_sheet_hbond.range_1_label_atom_id 
_pdbx_struct_sheet_hbond.range_1_label_comp_id 
_pdbx_struct_sheet_hbond.range_1_label_asym_id 
_pdbx_struct_sheet_hbond.range_1_label_seq_id 
_pdbx_struct_sheet_hbond.range_1_PDB_ins_code 
_pdbx_struct_sheet_hbond.range_1_auth_atom_id 
_pdbx_struct_sheet_hbond.range_1_auth_comp_id 
_pdbx_struct_sheet_hbond.range_1_auth_asym_id 
_pdbx_struct_sheet_hbond.range_1_auth_seq_id 
_pdbx_struct_sheet_hbond.range_2_label_atom_id 
_pdbx_struct_sheet_hbond.range_2_label_comp_id 
_pdbx_struct_sheet_hbond.range_2_label_asym_id 
_pdbx_struct_sheet_hbond.range_2_label_seq_id 
_pdbx_struct_sheet_hbond.range_2_PDB_ins_code 
_pdbx_struct_sheet_hbond.range_2_auth_atom_id 
_pdbx_struct_sheet_hbond.range_2_auth_comp_id 
_pdbx_struct_sheet_hbond.range_2_auth_asym_id 
_pdbx_struct_sheet_hbond.range_2_auth_seq_id 
AA1 1 2 N GLN A 5  ? N GLN A 4  O ALA A 22 ? O ALA A 21 
AA1 2 3 N ASN A 23 ? N ASN A 22 O LYS A 26 ? O LYS A 25 
AA1 3 4 N CYS A 31 ? N CYS A 30 O TYR A 38 ? O TYR A 37 
AA2 1 2 N THR A 52 ? N THR A 51 O ARG A 63 ? O ARG A 62 
AA2 2 3 N ALA A 66 ? N ALA A 65 O THR A 73 ? O THR A 72 
AA2 3 4 N CYS A 76 ? N CYS A 75 O THR A 83 ? O THR A 82 
# 
_pdbx_entry_details.entry_id                   9HBF 
_pdbx_entry_details.nonpolymer_details         ? 
_pdbx_entry_details.sequence_details           ? 
_pdbx_entry_details.compound_details           ? 
_pdbx_entry_details.source_details             ? 
_pdbx_entry_details.has_ligand_of_interest     Y 
_pdbx_entry_details.has_protein_modification   N 
# 
loop_
_pdbx_validate_torsion.id 
_pdbx_validate_torsion.PDB_model_num 
_pdbx_validate_torsion.auth_comp_id 
_pdbx_validate_torsion.auth_asym_id 
_pdbx_validate_torsion.auth_seq_id 
_pdbx_validate_torsion.PDB_ins_code 
_pdbx_validate_torsion.label_alt_id 
_pdbx_validate_torsion.phi 
_pdbx_validate_torsion.psi 
1 1 LYS A 34 ? ? -144.11 43.39 
2 1 ASN A 79 ? A -143.28 29.66 
3 1 ASN A 79 ? B -151.12 57.68 
# 
_pdbx_struct_special_symmetry.id              1 
_pdbx_struct_special_symmetry.PDB_model_num   1 
_pdbx_struct_special_symmetry.auth_asym_id    A 
_pdbx_struct_special_symmetry.auth_comp_id    HOH 
_pdbx_struct_special_symmetry.auth_seq_id     297 
_pdbx_struct_special_symmetry.PDB_ins_code    ? 
_pdbx_struct_special_symmetry.label_asym_id   E 
_pdbx_struct_special_symmetry.label_comp_id   HOH 
_pdbx_struct_special_symmetry.label_seq_id    . 
# 
loop_
_space_group_symop.id 
_space_group_symop.operation_xyz 
1  x,y,z               
2  z,x,y               
3  y,z,x               
4  -y,-z,x             
5  z,-x,-y             
6  -y,z,-x             
7  -z,-x,y             
8  -z,x,-y             
9  y,-z,-x             
10 x,-y,-z             
11 -x,y,-z             
12 -x,-y,z             
13 x+1/2,y+1/2,z+1/2   
14 z+1/2,x+1/2,y+1/2   
15 y+1/2,z+1/2,x+1/2   
16 -y+1/2,-z+1/2,x+1/2 
17 z+1/2,-x+1/2,-y+1/2 
18 -y+1/2,z+1/2,-x+1/2 
19 -z+1/2,-x+1/2,y+1/2 
20 -z+1/2,x+1/2,-y+1/2 
21 y+1/2,-z+1/2,-x+1/2 
22 x+1/2,-y+1/2,-z+1/2 
23 -x+1/2,y+1/2,-z+1/2 
24 -x+1/2,-y+1/2,z+1/2 
# 
_pdbx_unobs_or_zero_occ_residues.id               1 
_pdbx_unobs_or_zero_occ_residues.PDB_model_num    1 
_pdbx_unobs_or_zero_occ_residues.polymer_flag     Y 
_pdbx_unobs_or_zero_occ_residues.occupancy_flag   0 
_pdbx_unobs_or_zero_occ_residues.auth_asym_id     A 
_pdbx_unobs_or_zero_occ_residues.auth_comp_id     ASN 
_pdbx_unobs_or_zero_occ_residues.auth_seq_id      90 
_pdbx_unobs_or_zero_occ_residues.PDB_ins_code     ? 
_pdbx_unobs_or_zero_occ_residues.label_asym_id    A 
_pdbx_unobs_or_zero_occ_residues.label_comp_id    ASN 
_pdbx_unobs_or_zero_occ_residues.label_seq_id     91 
# 
loop_
_chem_comp_atom.comp_id 
_chem_comp_atom.atom_id 
_chem_comp_atom.type_symbol 
_chem_comp_atom.pdbx_aromatic_flag 
_chem_comp_atom.pdbx_stereo_config 
_chem_comp_atom.pdbx_ordinal 
7AZ C39  C N N 1   
7AZ C40  C Y N 2   
7AZ C26  C Y N 3   
7AZ C27  C Y N 4   
7AZ C28  C N N 5   
7AZ C29  C Y N 6   
7AZ C30  C Y N 7   
7AZ C31  C Y N 8   
7AZ C32  C Y N 9   
7AZ C33  C Y N 10  
7AZ C34  C Y N 11  
7AZ C35  C N N 12  
7AZ O38  O N N 13  
7AZ C1   C Y N 14  
7AZ C2   C Y N 15  
7AZ C3   C Y N 16  
7AZ C4   C Y N 17  
7AZ C5   C Y N 18  
7AZ C6   C Y N 19  
7AZ C7   C N N 20  
7AZ C8   C Y N 21  
7AZ C9   C Y N 22  
7AZ C10  C Y N 23  
7AZ C11  C Y N 24  
7AZ C12  C Y N 25  
7AZ C13  C Y N 26  
7AZ C14  C N N 27  
7AZ C15  C Y N 28  
7AZ C16  C Y N 29  
7AZ C17  C Y N 30  
7AZ C18  C Y N 31  
7AZ C19  C Y N 32  
7AZ C20  C Y N 33  
7AZ C21  C N N 34  
7AZ C22  C Y N 35  
7AZ C23  C Y N 36  
7AZ C24  C Y N 37  
7AZ C25  C Y N 38  
7AZ O72  O N N 39  
7AZ P51  P N N 40  
7AZ O52  O N N 41  
7AZ O63  O N N 42  
7AZ C44  C Y N 43  
7AZ C43  C Y N 44  
7AZ P49  P N N 45  
7AZ O62  O N N 46  
7AZ O61  O N N 47  
7AZ O50  O N N 48  
7AZ C41  C Y N 49  
7AZ C45  C Y N 50  
7AZ C42  C Y N 51  
7AZ O48  O N N 52  
7AZ O47  O N N 53  
7AZ P53  P N N 54  
7AZ O65  O N N 55  
7AZ O64  O N N 56  
7AZ O54  O N N 57  
7AZ O46  O N N 58  
7AZ P55  P N N 59  
7AZ O69  O N N 60  
7AZ O68  O N N 61  
7AZ O56  O N N 62  
7AZ P57  P N N 63  
7AZ O67  O N N 64  
7AZ O66  O N N 65  
7AZ O58  O N N 66  
7AZ P59  P N N 67  
7AZ O71  O N N 68  
7AZ O70  O N N 69  
7AZ O60  O N N 70  
7AZ O37  O N N 71  
7AZ O36  O N N 72  
7AZ H1   H N N 73  
7AZ H2   H N N 74  
7AZ H3   H N N 75  
7AZ H4   H N N 76  
7AZ H5   H N N 77  
7AZ H6   H N N 78  
7AZ H7   H N N 79  
7AZ H8   H N N 80  
7AZ H9   H N N 81  
7AZ H10  H N N 82  
7AZ H11  H N N 83  
7AZ H12  H N N 84  
7AZ H13  H N N 85  
7AZ H14  H N N 86  
7AZ H15  H N N 87  
7AZ H16  H N N 88  
7AZ H17  H N N 89  
7AZ H18  H N N 90  
7AZ H19  H N N 91  
7AZ H20  H N N 92  
7AZ H21  H N N 93  
7AZ H22  H N N 94  
7AZ H23  H N N 95  
7AZ H24  H N N 96  
7AZ H25  H N N 97  
7AZ H26  H N N 98  
7AZ H27  H N N 99  
7AZ H28  H N N 100 
7AZ H29  H N N 101 
7AZ H30  H N N 102 
7AZ H31  H N N 103 
7AZ H32  H N N 104 
7AZ H33  H N N 105 
7AZ H34  H N N 106 
7AZ H35  H N N 107 
7AZ H36  H N N 108 
7AZ H37  H N N 109 
7AZ H38  H N N 110 
7AZ H39  H N N 111 
7AZ H40  H N N 112 
7AZ H41  H N N 113 
7AZ H42  H N N 114 
ALA N    N N N 115 
ALA CA   C N S 116 
ALA C    C N N 117 
ALA O    O N N 118 
ALA CB   C N N 119 
ALA OXT  O N N 120 
ALA H    H N N 121 
ALA H2   H N N 122 
ALA HA   H N N 123 
ALA HB1  H N N 124 
ALA HB2  H N N 125 
ALA HB3  H N N 126 
ALA HXT  H N N 127 
ARG N    N N N 128 
ARG CA   C N S 129 
ARG C    C N N 130 
ARG O    O N N 131 
ARG CB   C N N 132 
ARG CG   C N N 133 
ARG CD   C N N 134 
ARG NE   N N N 135 
ARG CZ   C N N 136 
ARG NH1  N N N 137 
ARG NH2  N N N 138 
ARG OXT  O N N 139 
ARG H    H N N 140 
ARG H2   H N N 141 
ARG HA   H N N 142 
ARG HB2  H N N 143 
ARG HB3  H N N 144 
ARG HG2  H N N 145 
ARG HG3  H N N 146 
ARG HD2  H N N 147 
ARG HD3  H N N 148 
ARG HE   H N N 149 
ARG HH11 H N N 150 
ARG HH12 H N N 151 
ARG HH21 H N N 152 
ARG HH22 H N N 153 
ARG HXT  H N N 154 
ASN N    N N N 155 
ASN CA   C N S 156 
ASN C    C N N 157 
ASN O    O N N 158 
ASN CB   C N N 159 
ASN CG   C N N 160 
ASN OD1  O N N 161 
ASN ND2  N N N 162 
ASN OXT  O N N 163 
ASN H    H N N 164 
ASN H2   H N N 165 
ASN HA   H N N 166 
ASN HB2  H N N 167 
ASN HB3  H N N 168 
ASN HD21 H N N 169 
ASN HD22 H N N 170 
ASN HXT  H N N 171 
ASP N    N N N 172 
ASP CA   C N S 173 
ASP C    C N N 174 
ASP O    O N N 175 
ASP CB   C N N 176 
ASP CG   C N N 177 
ASP OD1  O N N 178 
ASP OD2  O N N 179 
ASP OXT  O N N 180 
ASP H    H N N 181 
ASP H2   H N N 182 
ASP HA   H N N 183 
ASP HB2  H N N 184 
ASP HB3  H N N 185 
ASP HD2  H N N 186 
ASP HXT  H N N 187 
CYS N    N N N 188 
CYS CA   C N R 189 
CYS C    C N N 190 
CYS O    O N N 191 
CYS CB   C N N 192 
CYS SG   S N N 193 
CYS OXT  O N N 194 
CYS H    H N N 195 
CYS H2   H N N 196 
CYS HA   H N N 197 
CYS HB2  H N N 198 
CYS HB3  H N N 199 
CYS HG   H N N 200 
CYS HXT  H N N 201 
GLN N    N N N 202 
GLN CA   C N S 203 
GLN C    C N N 204 
GLN O    O N N 205 
GLN CB   C N N 206 
GLN CG   C N N 207 
GLN CD   C N N 208 
GLN OE1  O N N 209 
GLN NE2  N N N 210 
GLN OXT  O N N 211 
GLN H    H N N 212 
GLN H2   H N N 213 
GLN HA   H N N 214 
GLN HB2  H N N 215 
GLN HB3  H N N 216 
GLN HG2  H N N 217 
GLN HG3  H N N 218 
GLN HE21 H N N 219 
GLN HE22 H N N 220 
GLN HXT  H N N 221 
GLU N    N N N 222 
GLU CA   C N S 223 
GLU C    C N N 224 
GLU O    O N N 225 
GLU CB   C N N 226 
GLU CG   C N N 227 
GLU CD   C N N 228 
GLU OE1  O N N 229 
GLU OE2  O N N 230 
GLU OXT  O N N 231 
GLU H    H N N 232 
GLU H2   H N N 233 
GLU HA   H N N 234 
GLU HB2  H N N 235 
GLU HB3  H N N 236 
GLU HG2  H N N 237 
GLU HG3  H N N 238 
GLU HE2  H N N 239 
GLU HXT  H N N 240 
GLY N    N N N 241 
GLY CA   C N N 242 
GLY C    C N N 243 
GLY O    O N N 244 
GLY OXT  O N N 245 
GLY H    H N N 246 
GLY H2   H N N 247 
GLY HA2  H N N 248 
GLY HA3  H N N 249 
GLY HXT  H N N 250 
GOL C1   C N N 251 
GOL O1   O N N 252 
GOL C2   C N N 253 
GOL O2   O N N 254 
GOL C3   C N N 255 
GOL O3   O N N 256 
GOL H11  H N N 257 
GOL H12  H N N 258 
GOL HO1  H N N 259 
GOL H2   H N N 260 
GOL HO2  H N N 261 
GOL H31  H N N 262 
GOL H32  H N N 263 
GOL HO3  H N N 264 
HIS N    N N N 265 
HIS CA   C N S 266 
HIS C    C N N 267 
HIS O    O N N 268 
HIS CB   C N N 269 
HIS CG   C Y N 270 
HIS ND1  N Y N 271 
HIS CD2  C Y N 272 
HIS CE1  C Y N 273 
HIS NE2  N Y N 274 
HIS OXT  O N N 275 
HIS H    H N N 276 
HIS H2   H N N 277 
HIS HA   H N N 278 
HIS HB2  H N N 279 
HIS HB3  H N N 280 
HIS HD1  H N N 281 
HIS HD2  H N N 282 
HIS HE1  H N N 283 
HIS HE2  H N N 284 
HIS HXT  H N N 285 
HOH O    O N N 286 
HOH H1   H N N 287 
HOH H2   H N N 288 
ILE N    N N N 289 
ILE CA   C N S 290 
ILE C    C N N 291 
ILE O    O N N 292 
ILE CB   C N S 293 
ILE CG1  C N N 294 
ILE CG2  C N N 295 
ILE CD1  C N N 296 
ILE OXT  O N N 297 
ILE H    H N N 298 
ILE H2   H N N 299 
ILE HA   H N N 300 
ILE HB   H N N 301 
ILE HG12 H N N 302 
ILE HG13 H N N 303 
ILE HG21 H N N 304 
ILE HG22 H N N 305 
ILE HG23 H N N 306 
ILE HD11 H N N 307 
ILE HD12 H N N 308 
ILE HD13 H N N 309 
ILE HXT  H N N 310 
LEU N    N N N 311 
LEU CA   C N S 312 
LEU C    C N N 313 
LEU O    O N N 314 
LEU CB   C N N 315 
LEU CG   C N N 316 
LEU CD1  C N N 317 
LEU CD2  C N N 318 
LEU OXT  O N N 319 
LEU H    H N N 320 
LEU H2   H N N 321 
LEU HA   H N N 322 
LEU HB2  H N N 323 
LEU HB3  H N N 324 
LEU HG   H N N 325 
LEU HD11 H N N 326 
LEU HD12 H N N 327 
LEU HD13 H N N 328 
LEU HD21 H N N 329 
LEU HD22 H N N 330 
LEU HD23 H N N 331 
LEU HXT  H N N 332 
LYS N    N N N 333 
LYS CA   C N S 334 
LYS C    C N N 335 
LYS O    O N N 336 
LYS CB   C N N 337 
LYS CG   C N N 338 
LYS CD   C N N 339 
LYS CE   C N N 340 
LYS NZ   N N N 341 
LYS OXT  O N N 342 
LYS H    H N N 343 
LYS H2   H N N 344 
LYS HA   H N N 345 
LYS HB2  H N N 346 
LYS HB3  H N N 347 
LYS HG2  H N N 348 
LYS HG3  H N N 349 
LYS HD2  H N N 350 
LYS HD3  H N N 351 
LYS HE2  H N N 352 
LYS HE3  H N N 353 
LYS HZ1  H N N 354 
LYS HZ2  H N N 355 
LYS HZ3  H N N 356 
LYS HXT  H N N 357 
MET N    N N N 358 
MET CA   C N S 359 
MET C    C N N 360 
MET O    O N N 361 
MET CB   C N N 362 
MET CG   C N N 363 
MET SD   S N N 364 
MET CE   C N N 365 
MET OXT  O N N 366 
MET H    H N N 367 
MET H2   H N N 368 
MET HA   H N N 369 
MET HB2  H N N 370 
MET HB3  H N N 371 
MET HG2  H N N 372 
MET HG3  H N N 373 
MET HE1  H N N 374 
MET HE2  H N N 375 
MET HE3  H N N 376 
MET HXT  H N N 377 
PHE N    N N N 378 
PHE CA   C N S 379 
PHE C    C N N 380 
PHE O    O N N 381 
PHE CB   C N N 382 
PHE CG   C Y N 383 
PHE CD1  C Y N 384 
PHE CD2  C Y N 385 
PHE CE1  C Y N 386 
PHE CE2  C Y N 387 
PHE CZ   C Y N 388 
PHE OXT  O N N 389 
PHE H    H N N 390 
PHE H2   H N N 391 
PHE HA   H N N 392 
PHE HB2  H N N 393 
PHE HB3  H N N 394 
PHE HD1  H N N 395 
PHE HD2  H N N 396 
PHE HE1  H N N 397 
PHE HE2  H N N 398 
PHE HZ   H N N 399 
PHE HXT  H N N 400 
PRO N    N N N 401 
PRO CA   C N S 402 
PRO C    C N N 403 
PRO O    O N N 404 
PRO CB   C N N 405 
PRO CG   C N N 406 
PRO CD   C N N 407 
PRO OXT  O N N 408 
PRO H    H N N 409 
PRO HA   H N N 410 
PRO HB2  H N N 411 
PRO HB3  H N N 412 
PRO HG2  H N N 413 
PRO HG3  H N N 414 
PRO HD2  H N N 415 
PRO HD3  H N N 416 
PRO HXT  H N N 417 
SER N    N N N 418 
SER CA   C N S 419 
SER C    C N N 420 
SER O    O N N 421 
SER CB   C N N 422 
SER OG   O N N 423 
SER OXT  O N N 424 
SER H    H N N 425 
SER H2   H N N 426 
SER HA   H N N 427 
SER HB2  H N N 428 
SER HB3  H N N 429 
SER HG   H N N 430 
SER HXT  H N N 431 
THR N    N N N 432 
THR CA   C N S 433 
THR C    C N N 434 
THR O    O N N 435 
THR CB   C N R 436 
THR OG1  O N N 437 
THR CG2  C N N 438 
THR OXT  O N N 439 
THR H    H N N 440 
THR H2   H N N 441 
THR HA   H N N 442 
THR HB   H N N 443 
THR HG1  H N N 444 
THR HG21 H N N 445 
THR HG22 H N N 446 
THR HG23 H N N 447 
THR HXT  H N N 448 
TRP N    N N N 449 
TRP CA   C N S 450 
TRP C    C N N 451 
TRP O    O N N 452 
TRP CB   C N N 453 
TRP CG   C Y N 454 
TRP CD1  C Y N 455 
TRP CD2  C Y N 456 
TRP NE1  N Y N 457 
TRP CE2  C Y N 458 
TRP CE3  C Y N 459 
TRP CZ2  C Y N 460 
TRP CZ3  C Y N 461 
TRP CH2  C Y N 462 
TRP OXT  O N N 463 
TRP H    H N N 464 
TRP H2   H N N 465 
TRP HA   H N N 466 
TRP HB2  H N N 467 
TRP HB3  H N N 468 
TRP HD1  H N N 469 
TRP HE1  H N N 470 
TRP HE3  H N N 471 
TRP HZ2  H N N 472 
TRP HZ3  H N N 473 
TRP HH2  H N N 474 
TRP HXT  H N N 475 
TYR N    N N N 476 
TYR CA   C N S 477 
TYR C    C N N 478 
TYR O    O N N 479 
TYR CB   C N N 480 
TYR CG   C Y N 481 
TYR CD1  C Y N 482 
TYR CD2  C Y N 483 
TYR CE1  C Y N 484 
TYR CE2  C Y N 485 
TYR CZ   C Y N 486 
TYR OH   O N N 487 
TYR OXT  O N N 488 
TYR H    H N N 489 
TYR H2   H N N 490 
TYR HA   H N N 491 
TYR HB2  H N N 492 
TYR HB3  H N N 493 
TYR HD1  H N N 494 
TYR HD2  H N N 495 
TYR HE1  H N N 496 
TYR HE2  H N N 497 
TYR HH   H N N 498 
TYR HXT  H N N 499 
VAL N    N N N 500 
VAL CA   C N S 501 
VAL C    C N N 502 
VAL O    O N N 503 
VAL CB   C N N 504 
VAL CG1  C N N 505 
VAL CG2  C N N 506 
VAL OXT  O N N 507 
VAL H    H N N 508 
VAL H2   H N N 509 
VAL HA   H N N 510 
VAL HB   H N N 511 
VAL HG11 H N N 512 
VAL HG12 H N N 513 
VAL HG13 H N N 514 
VAL HG21 H N N 515 
VAL HG22 H N N 516 
VAL HG23 H N N 517 
VAL HXT  H N N 518 
# 
loop_
_chem_comp_bond.comp_id 
_chem_comp_bond.atom_id_1 
_chem_comp_bond.atom_id_2 
_chem_comp_bond.value_order 
_chem_comp_bond.pdbx_aromatic_flag 
_chem_comp_bond.pdbx_stereo_config 
_chem_comp_bond.pdbx_ordinal 
7AZ O68 P55  doub N N 1   
7AZ O56 P55  sing N N 2   
7AZ P55 O69  sing N N 3   
7AZ P55 C26  sing N N 4   
7AZ O66 P57  doub N N 5   
7AZ O67 P57  sing N N 6   
7AZ P57 O58  sing N N 7   
7AZ P57 C20  sing N N 8   
7AZ C25 C26  doub Y N 9   
7AZ C25 C22  sing Y N 10  
7AZ C26 C23  sing Y N 11  
7AZ C16 C20  doub Y N 12  
7AZ C16 C19  sing Y N 13  
7AZ C20 C17  sing Y N 14  
7AZ C21 C22  sing N N 15  
7AZ C21 C19  sing N N 16  
7AZ C22 C24  doub Y N 17  
7AZ C23 C27  doub Y N 18  
7AZ C19 C18  doub Y N 19  
7AZ C17 C15  doub Y N 20  
7AZ C24 C27  sing Y N 21  
7AZ C24 O46  sing N N 22  
7AZ C27 C28  sing N N 23  
7AZ C18 C15  sing Y N 24  
7AZ C18 O38  sing N N 25  
7AZ C15 C14  sing N N 26  
7AZ O65 P53  doub N N 27  
7AZ O64 P53  sing N N 28  
7AZ C28 C29  sing N N 29  
7AZ C32 C29  doub Y N 30  
7AZ C32 C33  sing Y N 31  
7AZ P53 C33  sing N N 32  
7AZ P53 O54  sing N N 33  
7AZ C14 C12  sing N N 34  
7AZ C29 C31  sing Y N 35  
7AZ C33 C30  doub Y N 36  
7AZ C31 O47  sing N N 37  
7AZ C31 C34  doub Y N 38  
7AZ C12 C9   doub Y N 39  
7AZ C12 C11  sing Y N 40  
7AZ C30 C34  sing Y N 41  
7AZ O37 C11  sing N N 42  
7AZ C34 C35  sing N N 43  
7AZ C9  C13  sing Y N 44  
7AZ C11 C8   doub Y N 45  
7AZ C35 C45  sing N N 46  
7AZ O71 P59  doub N N 47  
7AZ C13 C10  doub Y N 48  
7AZ C13 P59  sing N N 49  
7AZ C8  C10  sing Y N 50  
7AZ C8  C7   sing N N 51  
7AZ O48 C42  sing N N 52  
7AZ P59 O60  sing N N 53  
7AZ P59 O70  sing N N 54  
7AZ O36 C2   sing N N 55  
7AZ C7  C6   sing N N 56  
7AZ C45 C42  doub Y N 57  
7AZ C45 C41  sing Y N 58  
7AZ C42 C40  sing Y N 59  
7AZ C2  C6   doub Y N 60  
7AZ C2  C5   sing Y N 61  
7AZ C6  C3   sing Y N 62  
7AZ C41 C44  doub Y N 63  
7AZ C40 C39  sing N N 64  
7AZ C40 C43  doub Y N 65  
7AZ C39 C5   sing N N 66  
7AZ C5  C4   doub Y N 67  
7AZ C3  C1   doub Y N 68  
7AZ C44 C43  sing Y N 69  
7AZ C44 P51  sing N N 70  
7AZ O63 P51  doub N N 71  
7AZ C4  C1   sing Y N 72  
7AZ C1  P49  sing N N 73  
7AZ P51 O52  sing N N 74  
7AZ P51 O72  sing N N 75  
7AZ O61 P49  doub N N 76  
7AZ P49 O50  sing N N 77  
7AZ P49 O62  sing N N 78  
7AZ C39 H1   sing N N 79  
7AZ C39 H2   sing N N 80  
7AZ C28 H3   sing N N 81  
7AZ C28 H4   sing N N 82  
7AZ C30 H5   sing N N 83  
7AZ C32 H6   sing N N 84  
7AZ C35 H7   sing N N 85  
7AZ C35 H8   sing N N 86  
7AZ O38 H9   sing N N 87  
7AZ C3  H10  sing N N 88  
7AZ C4  H11  sing N N 89  
7AZ C7  H12  sing N N 90  
7AZ C7  H13  sing N N 91  
7AZ C9  H14  sing N N 92  
7AZ C10 H15  sing N N 93  
7AZ C14 H16  sing N N 94  
7AZ C14 H17  sing N N 95  
7AZ C16 H18  sing N N 96  
7AZ C17 H19  sing N N 97  
7AZ C21 H20  sing N N 98  
7AZ C21 H21  sing N N 99  
7AZ C23 H22  sing N N 100 
7AZ C25 H23  sing N N 101 
7AZ O72 H24  sing N N 102 
7AZ O52 H25  sing N N 103 
7AZ C43 H26  sing N N 104 
7AZ O62 H27  sing N N 105 
7AZ O50 H28  sing N N 106 
7AZ C41 H29  sing N N 107 
7AZ O48 H30  sing N N 108 
7AZ O47 H31  sing N N 109 
7AZ O64 H32  sing N N 110 
7AZ O54 H33  sing N N 111 
7AZ O46 H34  sing N N 112 
7AZ O69 H35  sing N N 113 
7AZ O56 H36  sing N N 114 
7AZ O67 H37  sing N N 115 
7AZ O58 H38  sing N N 116 
7AZ O70 H39  sing N N 117 
7AZ O60 H40  sing N N 118 
7AZ O37 H41  sing N N 119 
7AZ O36 H42  sing N N 120 
ALA N   CA   sing N N 121 
ALA N   H    sing N N 122 
ALA N   H2   sing N N 123 
ALA CA  C    sing N N 124 
ALA CA  CB   sing N N 125 
ALA CA  HA   sing N N 126 
ALA C   O    doub N N 127 
ALA C   OXT  sing N N 128 
ALA CB  HB1  sing N N 129 
ALA CB  HB2  sing N N 130 
ALA CB  HB3  sing N N 131 
ALA OXT HXT  sing N N 132 
ARG N   CA   sing N N 133 
ARG N   H    sing N N 134 
ARG N   H2   sing N N 135 
ARG CA  C    sing N N 136 
ARG CA  CB   sing N N 137 
ARG CA  HA   sing N N 138 
ARG C   O    doub N N 139 
ARG C   OXT  sing N N 140 
ARG CB  CG   sing N N 141 
ARG CB  HB2  sing N N 142 
ARG CB  HB3  sing N N 143 
ARG CG  CD   sing N N 144 
ARG CG  HG2  sing N N 145 
ARG CG  HG3  sing N N 146 
ARG CD  NE   sing N N 147 
ARG CD  HD2  sing N N 148 
ARG CD  HD3  sing N N 149 
ARG NE  CZ   sing N N 150 
ARG NE  HE   sing N N 151 
ARG CZ  NH1  sing N N 152 
ARG CZ  NH2  doub N N 153 
ARG NH1 HH11 sing N N 154 
ARG NH1 HH12 sing N N 155 
ARG NH2 HH21 sing N N 156 
ARG NH2 HH22 sing N N 157 
ARG OXT HXT  sing N N 158 
ASN N   CA   sing N N 159 
ASN N   H    sing N N 160 
ASN N   H2   sing N N 161 
ASN CA  C    sing N N 162 
ASN CA  CB   sing N N 163 
ASN CA  HA   sing N N 164 
ASN C   O    doub N N 165 
ASN C   OXT  sing N N 166 
ASN CB  CG   sing N N 167 
ASN CB  HB2  sing N N 168 
ASN CB  HB3  sing N N 169 
ASN CG  OD1  doub N N 170 
ASN CG  ND2  sing N N 171 
ASN ND2 HD21 sing N N 172 
ASN ND2 HD22 sing N N 173 
ASN OXT HXT  sing N N 174 
ASP N   CA   sing N N 175 
ASP N   H    sing N N 176 
ASP N   H2   sing N N 177 
ASP CA  C    sing N N 178 
ASP CA  CB   sing N N 179 
ASP CA  HA   sing N N 180 
ASP C   O    doub N N 181 
ASP C   OXT  sing N N 182 
ASP CB  CG   sing N N 183 
ASP CB  HB2  sing N N 184 
ASP CB  HB3  sing N N 185 
ASP CG  OD1  doub N N 186 
ASP CG  OD2  sing N N 187 
ASP OD2 HD2  sing N N 188 
ASP OXT HXT  sing N N 189 
CYS N   CA   sing N N 190 
CYS N   H    sing N N 191 
CYS N   H2   sing N N 192 
CYS CA  C    sing N N 193 
CYS CA  CB   sing N N 194 
CYS CA  HA   sing N N 195 
CYS C   O    doub N N 196 
CYS C   OXT  sing N N 197 
CYS CB  SG   sing N N 198 
CYS CB  HB2  sing N N 199 
CYS CB  HB3  sing N N 200 
CYS SG  HG   sing N N 201 
CYS OXT HXT  sing N N 202 
GLN N   CA   sing N N 203 
GLN N   H    sing N N 204 
GLN N   H2   sing N N 205 
GLN CA  C    sing N N 206 
GLN CA  CB   sing N N 207 
GLN CA  HA   sing N N 208 
GLN C   O    doub N N 209 
GLN C   OXT  sing N N 210 
GLN CB  CG   sing N N 211 
GLN CB  HB2  sing N N 212 
GLN CB  HB3  sing N N 213 
GLN CG  CD   sing N N 214 
GLN CG  HG2  sing N N 215 
GLN CG  HG3  sing N N 216 
GLN CD  OE1  doub N N 217 
GLN CD  NE2  sing N N 218 
GLN NE2 HE21 sing N N 219 
GLN NE2 HE22 sing N N 220 
GLN OXT HXT  sing N N 221 
GLU N   CA   sing N N 222 
GLU N   H    sing N N 223 
GLU N   H2   sing N N 224 
GLU CA  C    sing N N 225 
GLU CA  CB   sing N N 226 
GLU CA  HA   sing N N 227 
GLU C   O    doub N N 228 
GLU C   OXT  sing N N 229 
GLU CB  CG   sing N N 230 
GLU CB  HB2  sing N N 231 
GLU CB  HB3  sing N N 232 
GLU CG  CD   sing N N 233 
GLU CG  HG2  sing N N 234 
GLU CG  HG3  sing N N 235 
GLU CD  OE1  doub N N 236 
GLU CD  OE2  sing N N 237 
GLU OE2 HE2  sing N N 238 
GLU OXT HXT  sing N N 239 
GLY N   CA   sing N N 240 
GLY N   H    sing N N 241 
GLY N   H2   sing N N 242 
GLY CA  C    sing N N 243 
GLY CA  HA2  sing N N 244 
GLY CA  HA3  sing N N 245 
GLY C   O    doub N N 246 
GLY C   OXT  sing N N 247 
GLY OXT HXT  sing N N 248 
GOL C1  O1   sing N N 249 
GOL C1  C2   sing N N 250 
GOL C1  H11  sing N N 251 
GOL C1  H12  sing N N 252 
GOL O1  HO1  sing N N 253 
GOL C2  O2   sing N N 254 
GOL C2  C3   sing N N 255 
GOL C2  H2   sing N N 256 
GOL O2  HO2  sing N N 257 
GOL C3  O3   sing N N 258 
GOL C3  H31  sing N N 259 
GOL C3  H32  sing N N 260 
GOL O3  HO3  sing N N 261 
HIS N   CA   sing N N 262 
HIS N   H    sing N N 263 
HIS N   H2   sing N N 264 
HIS CA  C    sing N N 265 
HIS CA  CB   sing N N 266 
HIS CA  HA   sing N N 267 
HIS C   O    doub N N 268 
HIS C   OXT  sing N N 269 
HIS CB  CG   sing N N 270 
HIS CB  HB2  sing N N 271 
HIS CB  HB3  sing N N 272 
HIS CG  ND1  sing Y N 273 
HIS CG  CD2  doub Y N 274 
HIS ND1 CE1  doub Y N 275 
HIS ND1 HD1  sing N N 276 
HIS CD2 NE2  sing Y N 277 
HIS CD2 HD2  sing N N 278 
HIS CE1 NE2  sing Y N 279 
HIS CE1 HE1  sing N N 280 
HIS NE2 HE2  sing N N 281 
HIS OXT HXT  sing N N 282 
HOH O   H1   sing N N 283 
HOH O   H2   sing N N 284 
ILE N   CA   sing N N 285 
ILE N   H    sing N N 286 
ILE N   H2   sing N N 287 
ILE CA  C    sing N N 288 
ILE CA  CB   sing N N 289 
ILE CA  HA   sing N N 290 
ILE C   O    doub N N 291 
ILE C   OXT  sing N N 292 
ILE CB  CG1  sing N N 293 
ILE CB  CG2  sing N N 294 
ILE CB  HB   sing N N 295 
ILE CG1 CD1  sing N N 296 
ILE CG1 HG12 sing N N 297 
ILE CG1 HG13 sing N N 298 
ILE CG2 HG21 sing N N 299 
ILE CG2 HG22 sing N N 300 
ILE CG2 HG23 sing N N 301 
ILE CD1 HD11 sing N N 302 
ILE CD1 HD12 sing N N 303 
ILE CD1 HD13 sing N N 304 
ILE OXT HXT  sing N N 305 
LEU N   CA   sing N N 306 
LEU N   H    sing N N 307 
LEU N   H2   sing N N 308 
LEU CA  C    sing N N 309 
LEU CA  CB   sing N N 310 
LEU CA  HA   sing N N 311 
LEU C   O    doub N N 312 
LEU C   OXT  sing N N 313 
LEU CB  CG   sing N N 314 
LEU CB  HB2  sing N N 315 
LEU CB  HB3  sing N N 316 
LEU CG  CD1  sing N N 317 
LEU CG  CD2  sing N N 318 
LEU CG  HG   sing N N 319 
LEU CD1 HD11 sing N N 320 
LEU CD1 HD12 sing N N 321 
LEU CD1 HD13 sing N N 322 
LEU CD2 HD21 sing N N 323 
LEU CD2 HD22 sing N N 324 
LEU CD2 HD23 sing N N 325 
LEU OXT HXT  sing N N 326 
LYS N   CA   sing N N 327 
LYS N   H    sing N N 328 
LYS N   H2   sing N N 329 
LYS CA  C    sing N N 330 
LYS CA  CB   sing N N 331 
LYS CA  HA   sing N N 332 
LYS C   O    doub N N 333 
LYS C   OXT  sing N N 334 
LYS CB  CG   sing N N 335 
LYS CB  HB2  sing N N 336 
LYS CB  HB3  sing N N 337 
LYS CG  CD   sing N N 338 
LYS CG  HG2  sing N N 339 
LYS CG  HG3  sing N N 340 
LYS CD  CE   sing N N 341 
LYS CD  HD2  sing N N 342 
LYS CD  HD3  sing N N 343 
LYS CE  NZ   sing N N 344 
LYS CE  HE2  sing N N 345 
LYS CE  HE3  sing N N 346 
LYS NZ  HZ1  sing N N 347 
LYS NZ  HZ2  sing N N 348 
LYS NZ  HZ3  sing N N 349 
LYS OXT HXT  sing N N 350 
MET N   CA   sing N N 351 
MET N   H    sing N N 352 
MET N   H2   sing N N 353 
MET CA  C    sing N N 354 
MET CA  CB   sing N N 355 
MET CA  HA   sing N N 356 
MET C   O    doub N N 357 
MET C   OXT  sing N N 358 
MET CB  CG   sing N N 359 
MET CB  HB2  sing N N 360 
MET CB  HB3  sing N N 361 
MET CG  SD   sing N N 362 
MET CG  HG2  sing N N 363 
MET CG  HG3  sing N N 364 
MET SD  CE   sing N N 365 
MET CE  HE1  sing N N 366 
MET CE  HE2  sing N N 367 
MET CE  HE3  sing N N 368 
MET OXT HXT  sing N N 369 
PHE N   CA   sing N N 370 
PHE N   H    sing N N 371 
PHE N   H2   sing N N 372 
PHE CA  C    sing N N 373 
PHE CA  CB   sing N N 374 
PHE CA  HA   sing N N 375 
PHE C   O    doub N N 376 
PHE C   OXT  sing N N 377 
PHE CB  CG   sing N N 378 
PHE CB  HB2  sing N N 379 
PHE CB  HB3  sing N N 380 
PHE CG  CD1  doub Y N 381 
PHE CG  CD2  sing Y N 382 
PHE CD1 CE1  sing Y N 383 
PHE CD1 HD1  sing N N 384 
PHE CD2 CE2  doub Y N 385 
PHE CD2 HD2  sing N N 386 
PHE CE1 CZ   doub Y N 387 
PHE CE1 HE1  sing N N 388 
PHE CE2 CZ   sing Y N 389 
PHE CE2 HE2  sing N N 390 
PHE CZ  HZ   sing N N 391 
PHE OXT HXT  sing N N 392 
PRO N   CA   sing N N 393 
PRO N   CD   sing N N 394 
PRO N   H    sing N N 395 
PRO CA  C    sing N N 396 
PRO CA  CB   sing N N 397 
PRO CA  HA   sing N N 398 
PRO C   O    doub N N 399 
PRO C   OXT  sing N N 400 
PRO CB  CG   sing N N 401 
PRO CB  HB2  sing N N 402 
PRO CB  HB3  sing N N 403 
PRO CG  CD   sing N N 404 
PRO CG  HG2  sing N N 405 
PRO CG  HG3  sing N N 406 
PRO CD  HD2  sing N N 407 
PRO CD  HD3  sing N N 408 
PRO OXT HXT  sing N N 409 
SER N   CA   sing N N 410 
SER N   H    sing N N 411 
SER N   H2   sing N N 412 
SER CA  C    sing N N 413 
SER CA  CB   sing N N 414 
SER CA  HA   sing N N 415 
SER C   O    doub N N 416 
SER C   OXT  sing N N 417 
SER CB  OG   sing N N 418 
SER CB  HB2  sing N N 419 
SER CB  HB3  sing N N 420 
SER OG  HG   sing N N 421 
SER OXT HXT  sing N N 422 
THR N   CA   sing N N 423 
THR N   H    sing N N 424 
THR N   H2   sing N N 425 
THR CA  C    sing N N 426 
THR CA  CB   sing N N 427 
THR CA  HA   sing N N 428 
THR C   O    doub N N 429 
THR C   OXT  sing N N 430 
THR CB  OG1  sing N N 431 
THR CB  CG2  sing N N 432 
THR CB  HB   sing N N 433 
THR OG1 HG1  sing N N 434 
THR CG2 HG21 sing N N 435 
THR CG2 HG22 sing N N 436 
THR CG2 HG23 sing N N 437 
THR OXT HXT  sing N N 438 
TRP N   CA   sing N N 439 
TRP N   H    sing N N 440 
TRP N   H2   sing N N 441 
TRP CA  C    sing N N 442 
TRP CA  CB   sing N N 443 
TRP CA  HA   sing N N 444 
TRP C   O    doub N N 445 
TRP C   OXT  sing N N 446 
TRP CB  CG   sing N N 447 
TRP CB  HB2  sing N N 448 
TRP CB  HB3  sing N N 449 
TRP CG  CD1  doub Y N 450 
TRP CG  CD2  sing Y N 451 
TRP CD1 NE1  sing Y N 452 
TRP CD1 HD1  sing N N 453 
TRP CD2 CE2  doub Y N 454 
TRP CD2 CE3  sing Y N 455 
TRP NE1 CE2  sing Y N 456 
TRP NE1 HE1  sing N N 457 
TRP CE2 CZ2  sing Y N 458 
TRP CE3 CZ3  doub Y N 459 
TRP CE3 HE3  sing N N 460 
TRP CZ2 CH2  doub Y N 461 
TRP CZ2 HZ2  sing N N 462 
TRP CZ3 CH2  sing Y N 463 
TRP CZ3 HZ3  sing N N 464 
TRP CH2 HH2  sing N N 465 
TRP OXT HXT  sing N N 466 
TYR N   CA   sing N N 467 
TYR N   H    sing N N 468 
TYR N   H2   sing N N 469 
TYR CA  C    sing N N 470 
TYR CA  CB   sing N N 471 
TYR CA  HA   sing N N 472 
TYR C   O    doub N N 473 
TYR C   OXT  sing N N 474 
TYR CB  CG   sing N N 475 
TYR CB  HB2  sing N N 476 
TYR CB  HB3  sing N N 477 
TYR CG  CD1  doub Y N 478 
TYR CG  CD2  sing Y N 479 
TYR CD1 CE1  sing Y N 480 
TYR CD1 HD1  sing N N 481 
TYR CD2 CE2  doub Y N 482 
TYR CD2 HD2  sing N N 483 
TYR CE1 CZ   doub Y N 484 
TYR CE1 HE1  sing N N 485 
TYR CE2 CZ   sing Y N 486 
TYR CE2 HE2  sing N N 487 
TYR CZ  OH   sing N N 488 
TYR OH  HH   sing N N 489 
TYR OXT HXT  sing N N 490 
VAL N   CA   sing N N 491 
VAL N   H    sing N N 492 
VAL N   H2   sing N N 493 
VAL CA  C    sing N N 494 
VAL CA  CB   sing N N 495 
VAL CA  HA   sing N N 496 
VAL C   O    doub N N 497 
VAL C   OXT  sing N N 498 
VAL CB  CG1  sing N N 499 
VAL CB  CG2  sing N N 500 
VAL CB  HB   sing N N 501 
VAL CG1 HG11 sing N N 502 
VAL CG1 HG12 sing N N 503 
VAL CG1 HG13 sing N N 504 
VAL CG2 HG21 sing N N 505 
VAL CG2 HG22 sing N N 506 
VAL CG2 HG23 sing N N 507 
VAL OXT HXT  sing N N 508 
# 
loop_
_pdbx_audit_support.funding_organization 
_pdbx_audit_support.country 
_pdbx_audit_support.grant_number 
_pdbx_audit_support.ordinal 
'Irish Research Council'     Ireland GOIPG/2021/333 1 
'Science Foundation Ireland' Ireland 12/RC/2275_P2  2 
# 
_pdbx_initial_refinement_model.id               1 
_pdbx_initial_refinement_model.entity_id_list   ? 
_pdbx_initial_refinement_model.type             'experimental model' 
_pdbx_initial_refinement_model.source_name      PDB 
_pdbx_initial_refinement_model.accession_code   2BT9 
_pdbx_initial_refinement_model.details          ? 
# 
_space_group.name_H-M_alt     'I 2 3' 
_space_group.name_Hall        'I 2 2 3' 
_space_group.IT_number        197 
_space_group.crystal_system   cubic 
_space_group.id               1 
# 
_atom_sites.entry_id                    9HBF 
_atom_sites.Cartn_transf_matrix[1][1]   ? 
_atom_sites.Cartn_transf_matrix[1][2]   ? 
_atom_sites.Cartn_transf_matrix[1][3]   ? 
_atom_sites.Cartn_transf_matrix[2][1]   ? 
_atom_sites.Cartn_transf_matrix[2][2]   ? 
_atom_sites.Cartn_transf_matrix[2][3]   ? 
_atom_sites.Cartn_transf_matrix[3][1]   ? 
_atom_sites.Cartn_transf_matrix[3][2]   ? 
_atom_sites.Cartn_transf_matrix[3][3]   ? 
_atom_sites.Cartn_transf_vector[1]      ? 
_atom_sites.Cartn_transf_vector[2]      ? 
_atom_sites.Cartn_transf_vector[3]      ? 
_atom_sites.Cartn_transform_axes        ? 
_atom_sites.fract_transf_matrix[1][1]   0.00067053 
_atom_sites.fract_transf_matrix[1][2]   0.00823947 
_atom_sites.fract_transf_matrix[1][3]   -0.00780194 
_atom_sites.fract_transf_matrix[2][1]   -0.00470151 
_atom_sites.fract_transf_matrix[2][2]   0.00731487 
_atom_sites.fract_transf_matrix[2][3]   0.00732101 
_atom_sites.fract_transf_matrix[3][1]   0.01032739 
_atom_sites.fract_transf_matrix[3][2]   0.00279510 
_atom_sites.fract_transf_matrix[3][3]   0.00383942 
_atom_sites.fract_transf_vector[1]      -0.097149 
_atom_sites.fract_transf_vector[2]      0.163740 
_atom_sites.fract_transf_vector[3]      0.266943 
_atom_sites.solution_primary            ? 
_atom_sites.solution_secondary          ? 
_atom_sites.solution_hydrogens          ? 
_atom_sites.special_details             ? 
# 
loop_
_atom_type.symbol 
_atom_type.scat_dispersion_real 
_atom_type.scat_dispersion_imag 
_atom_type.scat_Cromer_Mann_a1 
_atom_type.scat_Cromer_Mann_a2 
_atom_type.scat_Cromer_Mann_a3 
_atom_type.scat_Cromer_Mann_a4 
_atom_type.scat_Cromer_Mann_b1 
_atom_type.scat_Cromer_Mann_b2 
_atom_type.scat_Cromer_Mann_b3 
_atom_type.scat_Cromer_Mann_b4 
_atom_type.scat_Cromer_Mann_c 
_atom_type.scat_source 
_atom_type.scat_dispersion_source 
C ? ? 3.54356 2.42580 ? ? 25.62398 1.50364  ? ? 0.0 
;2-Gaussian fit: Grosse-Kunstleve RW, Sauter NK, Adams PD: Newsletter of the IUCr Commission on Crystallographic Computing 2004, 3, 22-31.
;
? 
N ? ? 4.01032 2.96436 ? ? 19.97189 1.75589  ? ? 0.0 
;2-Gaussian fit: Grosse-Kunstleve RW, Sauter NK, Adams PD: Newsletter of the IUCr Commission on Crystallographic Computing 2004, 3, 22-31.
;
? 
O ? ? 4.49882 3.47563 ? ? 15.80542 1.70748  ? ? 0.0 
;2-Gaussian fit: Grosse-Kunstleve RW, Sauter NK, Adams PD: Newsletter of the IUCr Commission on Crystallographic Computing 2004, 3, 22-31.
;
? 
P ? ? 9.51135 5.44231 ? ? 1.42069  35.72801 ? ? 0.0 
;2-Gaussian fit: Grosse-Kunstleve RW, Sauter NK, Adams PD: Newsletter of the IUCr Commission on Crystallographic Computing 2004, 3, 22-31.
;
? 
S ? ? 9.55732 6.39887 ? ? 1.23737  29.19336 ? ? 0.0 
;2-Gaussian fit: Grosse-Kunstleve RW, Sauter NK, Adams PD: Newsletter of the IUCr Commission on Crystallographic Computing 2004, 3, 22-31.
;
? 
# 
loop_
_atom_site.group_PDB 
_atom_site.id 
_atom_site.type_symbol 
_atom_site.label_atom_id 
_atom_site.label_alt_id 
_atom_site.label_comp_id 
_atom_site.label_asym_id 
_atom_site.label_entity_id 
_atom_site.label_seq_id 
_atom_site.pdbx_PDB_ins_code 
_atom_site.Cartn_x 
_atom_site.Cartn_y 
_atom_site.Cartn_z 
_atom_site.occupancy 
_atom_site.B_iso_or_equiv 
_atom_site.pdbx_formal_charge 
_atom_site.auth_seq_id 
_atom_site.auth_comp_id 
_atom_site.auth_asym_id 
_atom_site.auth_atom_id 
_atom_site.pdbx_PDB_model_num 
ATOM   1   N N   . MET A 1 1  ? 0.26050   -12.99997 21.79889  1.000 30.39665 ? 0   MET A N   1 
ATOM   2   C CA  . MET A 1 1  ? 1.49555   -12.72248 21.07228  1.000 25.62196 ? 0   MET A CA  1 
ATOM   3   C C   . MET A 1 1  ? 1.33847   -11.52506 20.13911  1.000 28.60581 ? 0   MET A C   1 
ATOM   4   O O   . MET A 1 1  ? 0.29667   -11.35961 19.50269  1.000 30.43548 ? 0   MET A O   1 
ATOM   5   C CB  . MET A 1 1  ? 1.93286   -13.95655 20.27946  1.000 26.02999 ? 0   MET A CB  1 
ATOM   6   C CG  . MET A 1 1  ? 2.35981   -15.13057 21.15988  1.000 32.16384 ? 0   MET A CG  1 
ATOM   7   S SD  . MET A 1 1  ? 2.70798   -16.67048 20.27552  1.000 48.84204 ? 0   MET A SD  1 
ATOM   8   C CE  . MET A 1 1  ? 3.84824   -16.11192 19.02995  1.000 37.66083 ? 0   MET A CE  1 
ATOM   9   N N   . LYS A 1 2  ? 2.37097   -10.68717 20.06096  1.000 22.23031 ? 1   LYS A N   1 
ATOM   10  C CA  . LYS A 1 2  ? 2.35124   -9.55740  19.14378  1.000 22.16545 ? 1   LYS A CA  1 
ATOM   11  C C   . LYS A 1 2  ? 2.56873   -10.02883 17.70961  1.000 20.76138 ? 1   LYS A C   1 
ATOM   12  O O   . LYS A 1 2  ? 3.10232   -11.11204 17.45508  1.000 23.46966 ? 1   LYS A O   1 
ATOM   13  C CB  . LYS A 1 2  ? 3.46888   -8.57292  19.48078  1.000 20.29911 ? 1   LYS A CB  1 
ATOM   14  C CG  . LYS A 1 2  ? 3.41632   -8.04350  20.89168  1.000 22.33086 ? 1   LYS A CG  1 
ATOM   15  C CD  . LYS A 1 2  ? 4.54378   -7.05441  21.14051  1.000 22.52659 ? 1   LYS A CD  1 
ATOM   16  C CE  . LYS A 1 2  ? 4.57053   -6.59333  22.59109  1.000 25.65211 ? 1   LYS A CE  1 
ATOM   17  N NZ  . LYS A 1 2  ? 3.27518   -5.99873  23.01899  1.000 33.60778 ? 1   LYS A NZ  1 
ATOM   18  N N   . SER A 1 3  ? 2.17632   -9.18236  16.75888  1.000 22.01910 ? 2   SER A N   1 
ATOM   19  C CA  . SER A 1 3  ? 2.50605   -9.46439  15.36776  1.000 23.11211 ? 2   SER A CA  1 
ATOM   20  C C   . SER A 1 3  ? 2.43551   -8.18259  14.55742  1.000 21.91947 ? 2   SER A C   1 
ATOM   21  O O   . SER A 1 3  ? 1.72427   -7.24053  14.91738  1.000 22.29011 ? 2   SER A O   1 
ATOM   22  C CB  . SER A 1 3  ? 1.59398   -10.53195 14.75302  1.000 27.38707 ? 2   SER A CB  1 
ATOM   23  O OG  . SER A 1 3  ? 0.34077   -9.98348  14.40167  1.000 34.73577 ? 2   SER A OG  1 
ATOM   24  N N   . VAL A 1 4  ? 3.20996   -8.15247  13.47476  1.000 21.65633 ? 3   VAL A N   1 
ATOM   25  C CA  . VAL A 1 4  ? 3.05663   -7.12871  12.44626  1.000 23.44516 ? 3   VAL A CA  1 
ATOM   26  C C   . VAL A 1 4  ? 1.67920   -7.28194  11.81523  1.000 20.08723 ? 3   VAL A C   1 
ATOM   27  O O   . VAL A 1 4  ? 1.01784   -8.31396  11.98050  1.000 23.86440 ? 3   VAL A O   1 
ATOM   28  C CB  . VAL A 1 4  ? 4.17113   -7.21871  11.38762  1.000 22.93417 ? 3   VAL A CB  1 
ATOM   29  C CG1 . VAL A 1 4  ? 5.53714   -6.99279  12.02892  1.000 25.23892 ? 3   VAL A CG1 1 
ATOM   30  C CG2 . VAL A 1 4  ? 4.11877   -8.55712  10.68238  1.000 24.68812 ? 3   VAL A CG2 1 
ATOM   31  N N   . GLN A 1 5  ? 1.24108   -6.25678  11.09060  1.000 21.95176 ? 4   GLN A N   1 
ATOM   32  C CA  . GLN A 1 5  ? -0.07143  -6.23322  10.45869  1.000 22.96935 ? 4   GLN A CA  1 
ATOM   33  C C   . GLN A 1 5  ? 0.10856   -5.97553  8.96759   1.000 20.94444 ? 4   GLN A C   1 
ATOM   34  O O   . GLN A 1 5  ? 0.82378   -5.04740  8.57735   1.000 21.45904 ? 4   GLN A O   1 
ATOM   35  C CB  . GLN A 1 5  ? -0.94736  -5.16066  11.11155  1.000 21.96975 ? 4   GLN A CB  1 
ATOM   36  C CG  . GLN A 1 5  ? -2.35097  -5.04862  10.55530  1.000 27.15199 ? 4   GLN A CG  1 
ATOM   37  C CD  . GLN A 1 5  ? -2.44632  -3.99009  9.47885   1.000 22.91798 ? 4   GLN A CD  1 
ATOM   38  O OE1 . GLN A 1 5  ? -1.87499  -2.90996  9.60821   1.000 23.31679 ? 4   GLN A OE1 1 
ATOM   39  N NE2 . GLN A 1 5  ? -3.14888  -4.30590  8.39549   1.000 25.38495 ? 4   GLN A NE2 1 
ATOM   40  N N   . THR A 1 6  ? -0.51507  -6.80983  8.13481   1.000 18.99605 ? 5   THR A N   1 
ATOM   41  C CA  . THR A 1 6  ? -0.31697  -6.71520  6.69363   1.000 18.56830 ? 5   THR A CA  1 
ATOM   42  C C   . THR A 1 6  ? -1.61521  -6.42001  5.95105   1.000 17.74110 ? 5   THR A C   1 
ATOM   43  O O   . THR A 1 6  ? -2.71959  -6.62302  6.45898   1.000 17.64727 ? 5   THR A O   1 
ATOM   44  C CB  . THR A 1 6  ? 0.33019   -7.97796  6.10238   1.000 18.79613 ? 5   THR A CB  1 
ATOM   45  O OG1 . THR A 1 6  ? -0.58915  -9.07557  6.17697   1.000 18.95843 ? 5   THR A OG1 1 
ATOM   46  C CG2 . THR A 1 6  ? 1.64377   -8.31412  6.82140   1.000 18.46661 ? 5   THR A CG2 1 
ATOM   47  N N   . ALA A 1 7  ? -1.44232  -5.95150  4.71905   1.000 16.67953 ? 6   ALA A N   1 
ATOM   48  C CA  . ALA A 1 7  ? -2.51593  -5.77309  3.75323   1.000 16.86545 ? 6   ALA A CA  1 
ATOM   49  C C   . ALA A 1 7  ? -1.94908  -6.11885  2.38687   1.000 16.46356 ? 6   ALA A C   1 
ATOM   50  O O   . ALA A 1 7  ? -0.76464  -5.91325  2.12539   1.000 17.60778 ? 6   ALA A O   1 
ATOM   51  C CB  . ALA A 1 7  ? -3.03820  -4.33334  3.75417   1.000 18.49827 ? 6   ALA A CB  1 
ATOM   52  N N   . ALA A 1 8  ? -2.79382  -6.65412  1.51127   1.000 15.60953 ? 7   ALA A N   1 
ATOM   53  C CA  . ALA A 1 8  ? -2.32052  -7.17659  0.23677   1.000 16.85968 ? 7   ALA A CA  1 
ATOM   54  C C   . ALA A 1 8  ? -3.30617  -6.84916  -0.87594  1.000 15.41344 ? 7   ALA A C   1 
ATOM   55  O O   . ALA A 1 8  ? -4.52072  -6.80079  -0.66340  1.000 15.57634 ? 7   ALA A O   1 
ATOM   56  C CB  . ALA A 1 8  ? -2.12303  -8.68877  0.30014   1.000 16.50645 ? 7   ALA A CB  1 
ATOM   57  N N   . THR A 1 9  ? -2.76321  -6.64250  -2.07255  1.000 15.02312 ? 8   THR A N   1 
ATOM   58  C CA  . THR A 1 9  ? -3.57429  -6.45451  -3.26708  1.000 14.74086 ? 8   THR A CA  1 
ATOM   59  C C   . THR A 1 9  ? -2.85422  -7.11304  -4.43566  1.000 13.63904 ? 8   THR A C   1 
ATOM   60  O O   . THR A 1 9  ? -1.64536  -7.36776  -4.37953  1.000 15.11735 ? 8   THR A O   1 
ATOM   61  C CB  . THR A 1 9  ? -3.85158  -4.96496  -3.51362  1.000 14.16127 ? 8   THR A CB  1 
ATOM   62  O OG1 . THR A 1 9  ? -4.88767  -4.80908  -4.49051  1.000 15.65763 ? 8   THR A OG1 1 
ATOM   63  C CG2 . THR A 1 9  ? -2.60779  -4.23122  -3.97353  1.000 14.73446 ? 8   THR A CG2 1 
ATOM   64  N N   . SER A 1 10 ? -3.60335  -7.41339  -5.49756  1.000 14.21707 ? 9   SER A N   1 
ATOM   65  C CA  . SER A 1 10 ? -3.01592  -8.07384  -6.65631  1.000 13.30069 ? 9   SER A CA  1 
ATOM   66  C C   . SER A 1 10 ? -3.76849  -7.65600  -7.91650  1.000 13.45125 ? 9   SER A C   1 
ATOM   67  O O   . SER A 1 10 ? -4.93365  -7.25456  -7.85746  1.000 13.74785 ? 9   SER A O   1 
ATOM   68  C CB  . SER A 1 10 ? -3.05975  -9.59522  -6.49260  1.000 15.52506 ? 9   SER A CB  1 
ATOM   69  O OG  . SER A 1 10 ? -4.38956  -10.06792 -6.35111  1.000 14.29084 ? 9   SER A OG  1 
ATOM   70  N N   . TRP A 1 11 ? -3.11172  -7.78414  -9.07157  1.000 14.15013 ? 10  TRP A N   1 
ATOM   71  C CA  . TRP A 1 11 ? -3.76888  -7.45101  -10.33104 1.000 13.97880 ? 10  TRP A CA  1 
ATOM   72  C C   . TRP A 1 11 ? -3.19878  -8.26181  -11.48502 1.000 13.80650 ? 10  TRP A C   1 
ATOM   73  O O   . TRP A 1 11 ? -2.04396  -8.69114  -11.47456 1.000 13.67861 ? 10  TRP A O   1 
ATOM   74  C CB  . TRP A 1 11 ? -3.69687  -5.95307  -10.65235 1.000 12.37792 ? 10  TRP A CB  1 
ATOM   75  C CG  . TRP A 1 11 ? -2.34471  -5.39745  -10.86685 1.000 13.65983 ? 10  TRP A CG  1 
ATOM   76  C CD1 . TRP A 1 11 ? -1.68970  -5.24256  -12.05513 1.000 14.87994 ? 10  TRP A CD1 1 
ATOM   77  C CD2 . TRP A 1 11 ? -1.48653  -4.83007  -9.86585  1.000 13.79455 ? 10  TRP A CD2 1 
ATOM   78  N NE1 . TRP A 1 11 ? -0.46881  -4.64657  -11.85129 1.000 15.78318 ? 10  TRP A NE1 1 
ATOM   79  C CE2 . TRP A 1 11 ? -0.32503  -4.37162  -10.51591 1.000 15.30558 ? 10  TRP A CE2 1 
ATOM   80  C CE3 . TRP A 1 11 ? -1.58510  -4.67334  -8.47996  1.000 14.18196 ? 10  TRP A CE3 1 
ATOM   81  C CZ2 . TRP A 1 11 ? 0.74291   -3.77694  -9.81824  1.000 15.98160 ? 10  TRP A CZ2 1 
ATOM   82  C CZ3 . TRP A 1 11 ? -0.53360  -4.06500  -7.79391  1.000 15.37149 ? 10  TRP A CZ3 1 
ATOM   83  C CH2 . TRP A 1 11 ? 0.61091   -3.63699  -8.46126  1.000 15.58916 ? 10  TRP A CH2 1 
ATOM   84  N N   . GLY A 1 12 ? -4.02986  -8.41716  -12.52266 1.000 14.50944 ? 11  GLY A N   1 
ATOM   85  C CA  . GLY A 1 12 ? -3.62014  -9.10906  -13.72369 1.000 15.25482 ? 11  GLY A CA  1 
ATOM   86  C C   . GLY A 1 12 ? -3.53009  -10.60449 -13.50189 1.000 13.98935 ? 11  GLY A C   1 
ATOM   87  O O   . GLY A 1 12 ? -3.99895  -11.15623 -12.50672 1.000 16.34904 ? 11  GLY A O   1 
ATOM   88  N N   . THR A 1 13 ? -2.90951  -11.26363 -14.47725 1.000 14.61102 ? 12  THR A N   1 
ATOM   89  C CA  . THR A 1 13 ? -2.81942  -12.71575 -14.50839 1.000 15.47201 ? 12  THR A CA  1 
ATOM   90  C C   . THR A 1 13 ? -1.43901  -13.26012 -14.17691 1.000 15.42044 ? 12  THR A C   1 
ATOM   91  O O   . THR A 1 13 ? -1.29007  -14.48136 -14.06094 1.000 17.17556 ? 12  THR A O   1 
ATOM   92  C CB  . THR A 1 13 ? -3.24118  -13.24151 -15.88875 1.000 15.89282 ? 12  THR A CB  1 
ATOM   93  O OG1 . THR A 1 13 ? -2.41105  -12.65292 -16.89994 1.000 15.87519 ? 12  THR A OG1 1 
ATOM   94  C CG2 . THR A 1 13 ? -4.69048  -12.89482 -16.16399 1.000 18.22843 ? 12  THR A CG2 1 
ATOM   95  N N   . VAL A 1 14 ? -0.42576  -12.41193 -14.05342 1.000 15.04586 ? 13  VAL A N   1 
ATOM   96  C CA  . VAL A 1 14 ? 0.90543   -12.90171 -13.69255 1.000 16.75323 ? 13  VAL A CA  1 
ATOM   97  C C   . VAL A 1 14 ? 0.92941   -13.57295 -12.32083 1.000 15.30690 ? 13  VAL A C   1 
ATOM   98  O O   . VAL A 1 14 ? 1.41824   -14.71024 -12.22397 1.000 17.43953 ? 13  VAL A O   1 
ATOM   99  C CB  . VAL A 1 14 ? 1.96029   -11.79905 -13.89284 1.000 16.15946 ? 13  VAL A CB  1 
ATOM   100 C CG1 . VAL A 1 14 ? 3.33218   -12.27803 -13.41161 1.000 18.41280 ? 13  VAL A CG1 1 
ATOM   101 C CG2 . VAL A 1 14 ? 2.01591   -11.38840 -15.36220 1.000 18.05470 ? 13  VAL A CG2 1 
ATOM   102 N N   . PRO A 1 15 ? 0.42977   -12.95408 -11.24062 1.000 15.58718 ? 14  PRO A N   1 
ATOM   103 C CA  . PRO A 1 15 ? -0.06239  -11.58574 -11.12581 1.000 14.19538 ? 14  PRO A CA  1 
ATOM   104 C C   . PRO A 1 15 ? 1.05611   -10.69296 -10.61252 1.000 13.52197 ? 14  PRO A C   1 
ATOM   105 O O   . PRO A 1 15 ? 2.16900   -11.15716 -10.31730 1.000 15.50354 ? 14  PRO A O   1 
ATOM   106 C CB  . PRO A 1 15 ? -1.10996  -11.72317 -10.02599 1.000 15.36371 ? 14  PRO A CB  1 
ATOM   107 C CG  . PRO A 1 15 ? -0.42663  -12.64102 -9.06688  1.000 16.57464 ? 14  PRO A CG  1 
ATOM   108 C CD  . PRO A 1 15 ? 0.29412   -13.65033 -9.94573  1.000 16.33896 ? 14  PRO A CD  1 
ATOM   109 N N   . SER A 1 16 ? 0.76853   -9.40175  -10.50451 1.000 14.30458 ? 15  SER A N   1 
ATOM   110 C CA  . SER A 1 16 ? 1.49725   -8.52951  -9.60159  1.000 14.11793 ? 15  SER A CA  1 
ATOM   111 C C   . SER A 1 16 ? 0.81159   -8.55255  -8.24660  1.000 14.77426 ? 15  SER A C   1 
ATOM   112 O O   . SER A 1 16 ? -0.41858  -8.54238  -8.16424  1.000 15.18900 ? 15  SER A O   1 
ATOM   113 C CB  . SER A 1 16 ? 1.53744   -7.10360  -10.14614 1.000 15.64724 ? 15  SER A CB  1 
ATOM   114 O OG  . SER A 1 16 ? 2.43748   -6.98644  -11.23442 1.000 16.64191 ? 15  SER A OG  1 
ATOM   115 N N   . ILE A 1 17 ? 1.61696   -8.62725  -7.19056  1.000 13.53138 ? 16  ILE A N   1 
ATOM   116 C CA  . ILE A 1 17 ? 1.14061   -8.59376  -5.81511  1.000 15.31484 ? 16  ILE A CA  1 
ATOM   117 C C   . ILE A 1 17 ? 1.92754   -7.53104  -5.06418  1.000 15.28061 ? 16  ILE A C   1 
ATOM   118 O O   . ILE A 1 17 ? 3.13829   -7.39342  -5.26631  1.000 14.83054 ? 16  ILE A O   1 
ATOM   119 C CB  . ILE A 1 17 ? 1.33340   -9.95311  -5.11153  1.000 14.06020 ? 16  ILE A CB  1 
ATOM   120 C CG1 . ILE A 1 17 ? 0.79432   -11.11372 -5.94475  1.000 16.81854 ? 16  ILE A CG1 1 
ATOM   121 C CG2 . ILE A 1 17 ? 0.66850   -9.93592  -3.75593  1.000 17.64578 ? 16  ILE A CG2 1 
ATOM   122 C CD1 . ILE A 1 17 ? 1.16008   -12.48203 -5.37123  1.000 18.17445 ? 16  ILE A CD1 1 
ATOM   123 N N   . ARG A 1 18 ? 1.24003   -6.77150  -4.21380  1.000 14.01266 ? 17  ARG A N   1 
ATOM   124 C CA  . ARG A 1 18 ? 1.87626   -5.84466  -3.28932  1.000 14.73002 ? 17  ARG A CA  1 
ATOM   125 C C   . ARG A 1 18 ? 1.39440   -6.16626  -1.88267  1.000 15.41098 ? 17  ARG A C   1 
ATOM   126 O O   . ARG A 1 18 ? 0.18720   -6.27789  -1.64362  1.000 15.58717 ? 17  ARG A O   1 
ATOM   127 C CB  . ARG A 1 18 ? 1.56102   -4.38517  -3.63893  1.000 15.41172 ? 17  ARG A CB  1 
ATOM   128 C CG  . ARG A 1 18 ? 1.99209   -3.96640  -5.04625  1.000 16.32912 ? 17  ARG A CG  1 
ATOM   129 C CD  . ARG A 1 18 ? 3.50926   -3.98119  -5.22905  1.000 16.28591 ? 17  ARG A CD  1 
ATOM   130 N NE  . ARG A 1 18 ? 3.91663   -3.56564  -6.56932  1.000 16.72330 ? 17  ARG A NE  1 
ATOM   131 C CZ  . ARG A 1 18 ? 4.13277   -4.39017  -7.58831  1.000 16.02467 ? 17  ARG A CZ  1 
ATOM   132 N NH1 . ARG A 1 18 ? 3.96867   -5.69992  -7.46704  1.000 16.12732 ? 17  ARG A NH1 1 
ATOM   133 N NH2 . ARG A 1 18 ? 4.52471   -3.88748  -8.75490  1.000 17.25774 ? 17  ARG A NH2 1 
ATOM   134 N N   . VAL A 1 19 ? 2.34210   -6.33661  -0.95850  1.000 15.71534 ? 18  VAL A N   1 
ATOM   135 C CA  . VAL A 1 19 ? 2.05587   -6.63644  0.43996   1.000 15.68943 ? 18  VAL A CA  1 
ATOM   136 C C   . VAL A 1 19 ? 2.65617   -5.53039  1.29296   1.000 16.44686 ? 18  VAL A C   1 
ATOM   137 O O   . VAL A 1 19 ? 3.86823   -5.28881  1.24370   1.000 17.05428 ? 18  VAL A O   1 
ATOM   138 C CB  . VAL A 1 19 ? 2.62965   -7.99696  0.85524   1.000 16.95581 ? 18  VAL A CB  1 
ATOM   139 C CG1 . VAL A 1 19 ? 2.33611   -8.26981  2.32889   1.000 18.88339 ? 18  VAL A CG1 1 
ATOM   140 C CG2 . VAL A 1 19 ? 2.07747   -9.09353  -0.02496  1.000 16.97086 ? 18  VAL A CG2 1 
ATOM   141 N N   . TYR A 1 20 ? 1.80781   -4.86262  2.05957   1.000 15.98536 ? 19  TYR A N   1 
ATOM   142 C CA  . TYR A 1 20 ? 2.20693   -3.77690  2.94538   1.000 16.23128 ? 19  TYR A CA  1 
ATOM   143 C C   . TYR A 1 20 ? 2.23293   -4.29525  4.37302   1.000 17.88669 ? 19  TYR A C   1 
ATOM   144 O O   . TYR A 1 20 ? 1.33526   -5.02447  4.78838   1.000 19.09038 ? 19  TYR A O   1 
ATOM   145 C CB  . TYR A 1 20 ? 1.23520   -2.59506  2.82081   1.000 16.36963 ? 19  TYR A CB  1 
ATOM   146 C CG  . TYR A 1 20 ? 1.19836   -2.13925  1.38672   1.000 17.19400 ? 19  TYR A CG  1 
ATOM   147 C CD1 . TYR A 1 20 ? 2.09039   -1.17817  0.92843   1.000 19.11760 ? 19  TYR A CD1 1 
ATOM   148 C CD2 . TYR A 1 20 ? 0.33647   -2.73436  0.45612   1.000 16.41933 ? 19  TYR A CD2 1 
ATOM   149 C CE1 . TYR A 1 20 ? 2.10396   -0.79454  -0.39794  1.000 17.48885 ? 19  TYR A CE1 1 
ATOM   150 C CE2 . TYR A 1 20 ? 0.35714   -2.36761  -0.86358  1.000 15.63835 ? 19  TYR A CE2 1 
ATOM   151 C CZ  . TYR A 1 20 ? 1.23480   -1.40080  -1.28630  1.000 16.54176 ? 19  TYR A CZ  1 
ATOM   152 O OH  . TYR A 1 20 ? 1.23225   -1.07030  -2.61720  1.000 17.25026 ? 19  TYR A OH  1 
ATOM   153 N N   . THR A 1 21 ? 3.28430   -3.93802  5.11548   1.000 18.83052 ? 20  THR A N   1 
ATOM   154 C CA  . THR A 1 21 ? 3.45056   -4.39026  6.49463   1.000 17.97636 ? 20  THR A CA  1 
ATOM   155 C C   . THR A 1 21 ? 3.62946   -3.17694  7.38806   1.000 20.80546 ? 20  THR A C   1 
ATOM   156 O O   . THR A 1 21 ? 4.54298   -2.37610  7.16538   1.000 19.80398 ? 20  THR A O   1 
ATOM   157 C CB  . THR A 1 21 ? 4.66559   -5.31188  6.63261   1.000 19.41225 ? 20  THR A CB  1 
ATOM   158 O OG1 . THR A 1 21 ? 4.50461   -6.44157  5.76711   1.000 20.34095 ? 20  THR A OG1 1 
ATOM   159 C CG2 . THR A 1 21 ? 4.81673   -5.78960  8.07908   1.000 19.65784 ? 20  THR A CG2 1 
ATOM   160 N N   . ALA A 1 22 ? 2.74636   -3.03663  8.37399   1.000 19.25268 ? 21  ALA A N   1 
ATOM   161 C CA  . ALA A 1 22 ? 2.92642   -2.08249  9.45957   1.000 20.60468 ? 21  ALA A CA  1 
ATOM   162 C C   . ALA A 1 22 ? 3.68796   -2.78683  10.57703  1.000 20.87573 ? 21  ALA A C   1 
ATOM   163 O O   . ALA A 1 22 ? 3.25741   -3.83667  11.07006  1.000 23.53924 ? 21  ALA A O   1 
ATOM   164 C CB  . ALA A 1 22 ? 1.57368   -1.58167  9.95703   1.000 22.70309 ? 21  ALA A CB  1 
ATOM   165 N N   . ASN A 1 23 ? 4.83453   -2.22164  10.94774  1.000 23.39047 ? 22  ASN A N   1 
ATOM   166 C CA  . ASN A 1 23 ? 5.71428   -2.81575  11.94856  1.000 24.85667 ? 22  ASN A CA  1 
ATOM   167 C C   . ASN A 1 23 ? 6.25596   -1.68661  12.80792  1.000 30.86583 ? 22  ASN A C   1 
ATOM   168 O O   . ASN A 1 23 ? 7.10106   -0.91377  12.35087  1.000 27.52726 ? 22  ASN A O   1 
ATOM   169 C CB  . ASN A 1 23 ? 6.85882   -3.57356  11.27677  1.000 27.32683 ? 22  ASN A CB  1 
ATOM   170 C CG  . ASN A 1 23 ? 7.82070   -4.20291  12.27760  1.000 29.96582 ? 22  ASN A CG  1 
ATOM   171 O OD1 . ASN A 1 23 ? 7.61545   -4.14482  13.49172  1.000 31.41097 ? 22  ASN A OD1 1 
ATOM   172 N ND2 . ASN A 1 23 ? 8.87339   -4.82343  11.76177  1.000 31.80771 ? 22  ASN A ND2 1 
ATOM   173 N N   . ASN A 1 24 ? 5.75993   -1.59242  14.03983  1.000 35.92374 ? 23  ASN A N   1 
ATOM   174 C CA  . ASN A 1 24 ? 6.30429   -0.68495  15.04985  1.000 40.03251 ? 23  ASN A CA  1 
ATOM   175 C C   . ASN A 1 24 ? 6.40019   0.75030   14.52984  1.000 33.48678 ? 23  ASN A C   1 
ATOM   176 O O   . ASN A 1 24 ? 7.42237   1.42357   14.66958  1.000 39.10872 ? 23  ASN A O   1 
ATOM   177 C CB  . ASN A 1 24 ? 7.65086   -1.19214  15.57996  1.000 42.16388 ? 23  ASN A CB  1 
ATOM   178 C CG  . ASN A 1 24 ? 7.93973   -0.72521  16.99975  1.000 44.31202 ? 23  ASN A CG  1 
ATOM   179 O OD1 . ASN A 1 24 ? 7.03264   -0.33766  17.73975  1.000 43.62344 ? 23  ASN A OD1 1 
ATOM   180 N ND2 . ASN A 1 24 ? 9.20931   -0.77078  17.38742  1.000 44.25340 ? 23  ASN A ND2 1 
ATOM   181 N N   . GLY A 1 25 ? 5.32081   1.21264   13.90002  1.000 35.13482 ? 24  GLY A N   1 
ATOM   182 C CA  . GLY A 1 25 ? 5.22355   2.58995   13.46244  1.000 29.09076 ? 24  GLY A CA  1 
ATOM   183 C C   . GLY A 1 25 ? 5.62509   2.86625   12.02804  1.000 29.65160 ? 24  GLY A C   1 
ATOM   184 O O   . GLY A 1 25 ? 5.49060   4.01216   11.57650  1.000 26.39758 ? 24  GLY A O   1 
ATOM   185 N N   . LYS A 1 26 ? 6.10719   1.86951   11.29120  1.000 29.25580 ? 25  LYS A N   1 
ATOM   186 C CA  . LYS A 1 26 ? 6.50769   2.07801   9.90642   1.000 27.90822 ? 25  LYS A CA  1 
ATOM   187 C C   . LYS A 1 26 ? 5.79576   1.08757   8.99641   1.000 26.52301 ? 25  LYS A C   1 
ATOM   188 O O   . LYS A 1 26 ? 5.62855   -0.08426  9.35270   1.000 23.84036 ? 25  LYS A O   1 
ATOM   189 C CB  . LYS A 1 26 ? 8.02329   1.93587   9.73446   1.000 30.07743 ? 25  LYS A CB  1 
ATOM   190 C CG  . LYS A 1 26 ? 8.82991   2.98065   10.49126  1.000 37.08983 ? 25  LYS A CG  1 
ATOM   191 C CD  . LYS A 1 26 ? 8.46797   4.39470   10.05861  0.000 32.89872 ? 25  LYS A CD  1 
ATOM   192 C CE  . LYS A 1 26 ? 9.70095   5.16057   9.60301   0.000 37.89536 ? 25  LYS A CE  1 
ATOM   193 N NZ  . LYS A 1 26 ? 9.57875   6.62198   9.86069   0.000 41.56104 ? 25  LYS A NZ  1 
ATOM   194 N N   . ILE A 1 27 ? 5.38369   1.56667   7.82156   1.000 23.68460 ? 26  ILE A N   1 
ATOM   195 C CA  . ILE A 1 27 ? 4.76214   0.73438   6.79304   1.000 21.14600 ? 26  ILE A CA  1 
ATOM   196 C C   . ILE A 1 27 ? 5.72414   0.61765   5.62110   1.000 21.94956 ? 26  ILE A C   1 
ATOM   197 O O   . ILE A 1 27 ? 6.15569   1.62917   5.05578   1.000 22.01938 ? 26  ILE A O   1 
ATOM   198 C CB  . ILE A 1 27 ? 3.40994   1.29488   6.33437   1.000 22.18465 ? 26  ILE A CB  1 
ATOM   199 C CG1 . ILE A 1 27 ? 2.45128   1.40118   7.51568   1.000 24.23030 ? 26  ILE A CG1 1 
ATOM   200 C CG2 . ILE A 1 27 ? 2.81300   0.39873   5.24438   1.000 22.89597 ? 26  ILE A CG2 1 
ATOM   201 C CD1 . ILE A 1 27 ? 1.20674   2.17263   7.20068   1.000 23.13537 ? 26  ILE A CD1 1 
ATOM   202 N N   . THR A 1 28 ? 6.05541   -0.61442  5.25590   1.000 20.93168 ? 27  THR A N   1 
ATOM   203 C CA  . THR A 1 28 ? 6.90262   -0.90226  4.11025   1.000 20.46799 ? 27  THR A CA  1 
ATOM   204 C C   . THR A 1 28 ? 6.16409   -1.82730  3.14475   1.000 19.01481 ? 27  THR A C   1 
ATOM   205 O O   . THR A 1 28 ? 5.07756   -2.33606  3.43979   1.000 20.69356 ? 27  THR A O   1 
ATOM   206 C CB  . THR A 1 28 ? 8.23823   -1.51742  4.55213   1.000 22.34524 ? 27  THR A CB  1 
ATOM   207 O OG1 . THR A 1 28 ? 7.98954   -2.67258  5.36110   1.000 25.22094 ? 27  THR A OG1 1 
ATOM   208 C CG2 . THR A 1 28 ? 9.06193   -0.50592  5.34722   1.000 24.45309 ? 27  THR A CG2 1 
ATOM   209 N N   . GLU A 1 29 ? 6.78603   -2.06278  1.99049   1.000 18.65899 ? 28  GLU A N   1 
ATOM   210 C CA  . GLU A 1 29 ? 6.10843   -2.69911  0.86399   1.000 18.66451 ? 28  GLU A CA  1 
ATOM   211 C C   . GLU A 1 29 ? 7.01233   -3.75126  0.24227   1.000 18.97167 ? 28  GLU A C   1 
ATOM   212 O O   . GLU A 1 29 ? 8.18194   -3.47676  -0.04531  1.000 20.61272 ? 28  GLU A O   1 
ATOM   213 C CB  . GLU A 1 29 ? 5.75061   -1.64678  -0.19626  1.000 18.29902 ? 28  GLU A CB  1 
ATOM   214 C CG  . GLU A 1 29 ? 5.06134   -2.19437  -1.44115  1.000 18.90150 ? 28  GLU A CG  1 
ATOM   215 C CD  . GLU A 1 29 ? 4.99310   -1.16838  -2.55758  1.000 19.86273 ? 28  GLU A CD  1 
ATOM   216 O OE1 . GLU A 1 29 ? 5.99164   -0.44096  -2.76158  1.000 19.56768 ? 28  GLU A OE1 1 
ATOM   217 O OE2 . GLU A 1 29 ? 3.93804   -1.07656  -3.23984  1.000 18.76237 ? 28  GLU A OE2 1 
ATOM   218 N N   . ARG A 1 30 ? 6.46529   -4.94279  0.01715   1.000 17.84533 ? 29  ARG A N   1 
ATOM   219 C CA  . ARG A 1 30 ? 7.13074   -5.98167  -0.75198  1.000 17.42741 ? 29  ARG A CA  1 
ATOM   220 C C   . ARG A 1 30 ? 6.29641   -6.30009  -1.98825  1.000 16.74661 ? 29  ARG A C   1 
ATOM   221 O O   . ARG A 1 30 ? 5.05955   -6.27852  -1.94342  1.000 17.23320 ? 29  ARG A O   1 
ATOM   222 C CB  . ARG A 1 30 ? 7.35728   -7.23863  0.09104   1.000 17.66490 ? 29  ARG A CB  1 
ATOM   223 C CG  . ARG A 1 30 ? 8.31544   -7.02382  1.25680   1.000 20.44597 ? 29  ARG A CG  1 
ATOM   224 C CD  . ARG A 1 30 ? 9.76140   -7.02006  0.79796   1.000 20.20830 ? 29  ARG A CD  1 
ATOM   225 N NE  . ARG A 1 30 ? 10.26774  -8.37291  0.60268   1.000 20.38786 ? 29  ARG A NE  1 
ATOM   226 C CZ  . ARG A 1 30 ? 11.43314  -8.65860  0.03751   1.000 21.56886 ? 29  ARG A CZ  1 
ATOM   227 N NH1 . ARG A 1 30 ? 12.23414  -7.70654  -0.41421  1.000 22.59176 ? 29  ARG A NH1 1 
ATOM   228 N NH2 . ARG A 1 30 ? 11.80089  -9.93118  -0.08180  1.000 22.14118 ? 29  ARG A NH2 1 
ATOM   229 N N   . CYS A 1 31 ? 6.98691   -6.60115  -3.08607  1.000 17.01303 ? 30  CYS A N   1 
ATOM   230 C CA  . CYS A 1 31 ? 6.38631   -6.62188  -4.40923  1.000 15.56523 ? 30  CYS A CA  1 
ATOM   231 C C   . CYS A 1 31 ? 6.75001   -7.90973  -5.11951  1.000 16.73611 ? 30  CYS A C   1 
ATOM   232 O O   . CYS A 1 31 ? 7.89038   -8.37961  -5.03191  1.000 17.88757 ? 30  CYS A O   1 
ATOM   233 C CB  . CYS A 1 31 ? 6.92615   -5.46907  -5.25430  1.000 17.57751 ? 30  CYS A CB  1 
ATOM   234 S SG  . CYS A 1 31 ? 6.86051   -3.83510  -4.48722  1.000 18.32916 ? 30  CYS A SG  1 
ATOM   235 N N   . TRP A 1 32 ? 5.78043   -8.45095  -5.85651  1.000 16.69816 ? 31  TRP A N   1 
ATOM   236 C CA  . TRP A 1 32 ? 5.97487   -9.58687  -6.74512  1.000 17.62221 ? 31  TRP A CA  1 
ATOM   237 C C   . TRP A 1 32 ? 5.41552   -9.21518  -8.11062  1.000 16.27410 ? 31  TRP A C   1 
ATOM   238 O O   . TRP A 1 32 ? 4.26011   -8.78360  -8.20766  1.000 16.19461 ? 31  TRP A O   1 
ATOM   239 C CB  . TRP A 1 32 ? 5.20039   -10.77675 -6.18842  1.000 17.01513 ? 31  TRP A CB  1 
ATOM   240 C CG  . TRP A 1 32 ? 5.17017   -12.00833 -7.05127  1.000 16.62954 ? 31  TRP A CG  1 
ATOM   241 C CD1 . TRP A 1 32 ? 4.22280   -12.34789 -7.97150  1.000 16.02649 ? 31  TRP A CD1 1 
ATOM   242 C CD2 . TRP A 1 32 ? 6.13562   -13.06888 -7.07005  1.000 16.08849 ? 31  TRP A CD2 1 
ATOM   243 N NE1 . TRP A 1 32 ? 4.52837   -13.54845 -8.55824  1.000 17.32232 ? 31  TRP A NE1 1 
ATOM   244 C CE2 . TRP A 1 32 ? 5.69609   -14.02113 -8.01638  1.000 17.16523 ? 31  TRP A CE2 1 
ATOM   245 C CE3 . TRP A 1 32 ? 7.31770   -13.32180 -6.35807  1.000 18.40034 ? 31  TRP A CE3 1 
ATOM   246 C CZ2 . TRP A 1 32 ? 6.40607   -15.19749 -8.28179  1.000 19.40440 ? 31  TRP A CZ2 1 
ATOM   247 C CZ3 . TRP A 1 32 ? 8.01746   -14.48801 -6.62255  1.000 19.83177 ? 31  TRP A CZ3 1 
ATOM   248 C CH2 . TRP A 1 32 ? 7.55975   -15.41009 -7.57568  1.000 20.12870 ? 31  TRP A CH2 1 
ATOM   249 N N   . ASP A 1 33 ? 6.23363   -9.36865  -9.16050  1.000 16.90253 ? 32  ASP A N   1 
ATOM   250 C CA  . ASP A 1 33 ? 5.79302   -9.26357  -10.55055 1.000 18.99909 ? 32  ASP A CA  1 
ATOM   251 C C   . ASP A 1 33 ? 6.12231   -10.53959 -11.32635 1.000 17.72304 ? 32  ASP A C   1 
ATOM   252 O O   . ASP A 1 33 ? 6.39653   -10.49776 -12.52914 1.000 20.17111 ? 32  ASP A O   1 
ATOM   253 C CB  . ASP A 1 33 ? 6.38329   -8.03785  -11.25100 1.000 19.35896 ? 32  ASP A CB  1 
ATOM   254 C CG  . ASP A 1 33 ? 6.07128   -6.74180  -10.53754 1.000 19.36717 ? 32  ASP A CG  1 
ATOM   255 O OD1 . ASP A 1 33 ? 7.01831   -5.96085  -10.31752 1.000 24.27874 ? 32  ASP A OD1 1 
ATOM   256 O OD2 . ASP A 1 33 ? 4.89291   -6.48941  -10.20499 1.000 18.40838 ? 32  ASP A OD2 1 
ATOM   257 N N   . GLY A 1 34 ? 6.11897   -11.68370 -10.64457 1.000 17.51182 ? 33  GLY A N   1 
ATOM   258 C CA  . GLY A 1 34 ? 6.30062   -12.96958 -11.27961 1.000 17.77159 ? 33  GLY A CA  1 
ATOM   259 C C   . GLY A 1 34 ? 7.69607   -13.55289 -11.18605 1.000 18.91259 ? 33  GLY A C   1 
ATOM   260 O O   . GLY A 1 34 ? 7.88272   -14.72064 -11.55808 1.000 21.58213 ? 33  GLY A O   1 
ATOM   261 N N   . LYS A 1 35 ? 8.67441   -12.79988 -10.68669 1.000 18.92607 ? 34  LYS A N   1 
ATOM   262 C CA  . LYS A 1 35 ? 10.06766  -13.23183 -10.78667 1.000 19.55314 ? 34  LYS A CA  1 
ATOM   263 C C   . LYS A 1 35 ? 10.87268  -12.84059 -9.55408  1.000 21.17010 ? 34  LYS A C   1 
ATOM   264 O O   . LYS A 1 35 ? 12.01756  -12.38520 -9.66446  1.000 25.68777 ? 34  LYS A O   1 
ATOM   265 C CB  . LYS A 1 35 ? 10.72896  -12.70972 -12.06373 1.000 23.01408 ? 34  LYS A CB  1 
ATOM   266 C CG  . LYS A 1 35 ? 10.60930  -11.20061 -12.27087 1.000 21.65625 ? 34  LYS A CG  1 
ATOM   267 C CD  . LYS A 1 35 ? 11.23143  -10.79672 -13.61314 1.000 25.71055 ? 34  LYS A CD  1 
ATOM   268 C CE  . LYS A 1 35 ? 10.99234  -9.33468  -13.95090 1.000 26.09920 ? 34  LYS A CE  1 
ATOM   269 N NZ  . LYS A 1 35 ? 11.81200  -8.44753  -13.08866 1.000 39.78567 ? 34  LYS A NZ  1 
ATOM   270 N N   . GLY A 1 36 ? 10.30523  -13.02695 -8.37502  1.000 20.15045 ? 35  GLY A N   1 
ATOM   271 C CA  . GLY A 1 36 ? 10.98316  -12.79594 -7.11383  1.000 20.64046 ? 35  GLY A CA  1 
ATOM   272 C C   . GLY A 1 36 ? 10.39797  -11.61180 -6.35705  1.000 19.52941 ? 35  GLY A C   1 
ATOM   273 O O   . GLY A 1 36 ? 9.92374   -10.63143 -6.94465  1.000 19.82875 ? 35  GLY A O   1 
ATOM   274 N N   . TRP A 1 37 ? 10.43667  -11.70187 -5.03082  1.000 18.94114 ? 36  TRP A N   1 
ATOM   275 C CA  . TRP A 1 37 ? 9.97493   -10.61503 -4.18332  1.000 18.01584 ? 36  TRP A CA  1 
ATOM   276 C C   . TRP A 1 37 ? 11.06093  -9.55659  -4.05111  1.000 19.15035 ? 36  TRP A C   1 
ATOM   277 O O   . TRP A 1 37 ? 12.24950  -9.87745  -3.92229  1.000 22.32163 ? 36  TRP A O   1 
ATOM   278 C CB  . TRP A 1 37 ? 9.59555   -11.15268 -2.80676  1.000 19.93825 ? 36  TRP A CB  1 
ATOM   279 C CG  . TRP A 1 37 ? 8.33002   -11.93443 -2.85287  1.000 18.55561 ? 36  TRP A CG  1 
ATOM   280 C CD1 . TRP A 1 37 ? 8.20138   -13.27772 -3.05358  1.000 18.71837 ? 36  TRP A CD1 1 
ATOM   281 C CD2 . TRP A 1 37 ? 6.99803   -11.41198 -2.74585  1.000 18.31823 ? 36  TRP A CD2 1 
ATOM   282 N NE1 . TRP A 1 37 ? 6.87148   -13.62704 -3.06836  1.000 17.57119 ? 36  TRP A NE1 1 
ATOM   283 C CE2 . TRP A 1 37 ? 6.11450   -12.49862 -2.87657  1.000 16.66689 ? 36  TRP A CE2 1 
ATOM   284 C CE3 . TRP A 1 37 ? 6.46859   -10.13091 -2.53948  1.000 16.74719 ? 36  TRP A CE3 1 
ATOM   285 C CZ2 . TRP A 1 37 ? 4.72584   -12.34516 -2.79952  1.000 17.24993 ? 36  TRP A CZ2 1 
ATOM   286 C CZ3 . TRP A 1 37 ? 5.09328   -9.97900  -2.47339  1.000 15.94632 ? 36  TRP A CZ3 1 
ATOM   287 C CH2 . TRP A 1 37 ? 4.23975   -11.07772 -2.59958  1.000 17.09586 ? 36  TRP A CH2 1 
ATOM   288 N N   . TYR A 1 38 ? 10.65578  -8.28843  -4.09230  1.000 20.00232 ? 37  TYR A N   1 
ATOM   289 C CA  . TYR A 1 38 ? 11.59229  -7.18233  -3.95561  1.000 21.18269 ? 37  TYR A CA  1 
ATOM   290 C C   . TYR A 1 38 ? 10.94010  -6.09399  -3.12244  1.000 19.80286 ? 37  TYR A C   1 
ATOM   291 O O   . TYR A 1 38 ? 9.71943   -6.06884  -2.94070  1.000 20.36112 ? 37  TYR A O   1 
ATOM   292 C CB  . TYR A 1 38 ? 12.06118  -6.62466  -5.31096  1.000 21.15571 ? 37  TYR A CB  1 
ATOM   293 C CG  . TYR A 1 38 ? 10.97103  -6.02137  -6.17233  1.000 20.00446 ? 37  TYR A CG  1 
ATOM   294 C CD1 . TYR A 1 38 ? 10.21111  -6.82056  -7.02550  1.000 19.47880 ? 37  TYR A CD1 1 
ATOM   295 C CD2 . TYR A 1 38 ? 10.71990  -4.65101  -6.15475  1.000 19.73489 ? 37  TYR A CD2 1 
ATOM   296 C CE1 . TYR A 1 38 ? 9.21407   -6.26975  -7.82333  1.000 19.54736 ? 37  TYR A CE1 1 
ATOM   297 C CE2 . TYR A 1 38 ? 9.73280   -4.09274  -6.94460  1.000 19.39989 ? 37  TYR A CE2 1 
ATOM   298 C CZ  . TYR A 1 38 ? 8.98397   -4.90885  -7.78198  1.000 20.61543 ? 37  TYR A CZ  1 
ATOM   299 O OH  . TYR A 1 38 ? 7.99616   -4.35373  -8.55907  1.000 22.75737 ? 37  TYR A OH  1 
ATOM   300 N N   . THR A 1 39 ? 11.76565  -5.18726  -2.61607  1.000 21.23093 ? 38  THR A N   1 
ATOM   301 C CA  . THR A 1 39 ? 11.28110  -4.13298  -1.74510  1.000 19.12218 ? 38  THR A CA  1 
ATOM   302 C C   . THR A 1 39 ? 10.79728  -2.96136  -2.58022  1.000 22.31276 ? 38  THR A C   1 
ATOM   303 O O   . THR A 1 39 ? 11.51632  -2.47817  -3.45845  1.000 21.89597 ? 38  THR A O   1 
ATOM   304 C CB  . THR A 1 39 ? 12.37536  -3.69636  -0.78069  1.000 23.52465 ? 38  THR A CB  1 
ATOM   305 O OG1 . THR A 1 39 ? 12.69833  -4.80933  0.05641   1.000 25.23476 ? 38  THR A OG1 1 
ATOM   306 C CG2 . THR A 1 39 ? 11.88183  -2.53753  0.07466   1.000 22.66020 ? 38  THR A CG2 1 
ATOM   307 N N   . GLY A 1 40 ? 9.56359   -2.52361  -2.31401  1.000 20.22437 ? 39  GLY A N   1 
ATOM   308 C CA  . GLY A 1 40 ? 8.96592   -1.45419  -3.08144  1.000 21.49508 ? 39  GLY A CA  1 
ATOM   309 C C   . GLY A 1 40 ? 9.32349   -0.07886  -2.56731  1.000 21.02206 ? 39  GLY A C   1 
ATOM   310 O O   . GLY A 1 40 ? 9.91470   0.08551   -1.50010  1.000 21.86401 ? 39  GLY A O   1 
ATOM   311 N N   . ALA A 1 41 ? 8.92979   0.92187   -3.35350  1.000 21.35865 ? 40  ALA A N   1 
ATOM   312 C CA  . ALA A 1 41 ? 9.23763   2.31274   -3.04699  1.000 24.24267 ? 40  ALA A CA  1 
ATOM   313 C C   . ALA A 1 41 ? 8.45696   2.84206   -1.85387  1.000 25.03661 ? 40  ALA A C   1 
ATOM   314 O O   . ALA A 1 41 ? 8.88719   3.82255   -1.23778  1.000 26.61396 ? 40  ALA A O   1 
ATOM   315 C CB  . ALA A 1 41 ? 8.94727   3.18610   -4.26981  1.000 24.49638 ? 40  ALA A CB  1 
ATOM   316 N N   . PHE A 1 42 ? 7.32897   2.22497   -1.51099  1.000 22.23009 ? 41  PHE A N   1 
ATOM   317 C CA  . PHE A 1 42 ? 6.45357   2.78891   -0.49150  1.000 20.52802 ? 41  PHE A CA  1 
ATOM   318 C C   . PHE A 1 42 ? 7.07071   2.65475   0.89316   1.000 21.98762 ? 41  PHE A C   1 
ATOM   319 O O   . PHE A 1 42 ? 7.42860   1.55520   1.32528   1.000 23.46938 ? 41  PHE A O   1 
ATOM   320 C CB  . PHE A 1 42 ? 5.09177   2.10485   -0.49981  1.000 21.09826 ? 41  PHE A CB  1 
ATOM   321 C CG  . PHE A 1 42 ? 4.12863   2.69835   0.48054   1.000 22.09840 ? 41  PHE A CG  1 
ATOM   322 C CD1 . PHE A 1 42 ? 3.36705   3.79700   0.13046   1.000 27.51040 ? 41  PHE A CD1 1 
ATOM   323 C CD2 . PHE A 1 42 ? 4.00100   2.17919   1.75742   1.000 21.00455 ? 41  PHE A CD2 1 
ATOM   324 C CE1 . PHE A 1 42 ? 2.48524   4.36235   1.02811   1.000 26.49768 ? 41  PHE A CE1 1 
ATOM   325 C CE2 . PHE A 1 42 ? 3.12943   2.74243   2.66315   1.000 22.76129 ? 41  PHE A CE2 1 
ATOM   326 C CZ  . PHE A 1 42 ? 2.36881   3.83778   2.29813   1.000 21.95027 ? 41  PHE A CZ  1 
ATOM   327 N N   . ASN A 1 43 ? 7.14322   3.77724   1.60663   1.000 23.20768 ? 42  ASN A N   1 
ATOM   328 C CA  . ASN A 1 43 ? 7.67953   3.79920   2.96415   1.000 25.29705 ? 42  ASN A CA  1 
ATOM   329 C C   . ASN A 1 43 ? 7.08321   5.02697   3.63566   1.000 26.97543 ? 42  ASN A C   1 
ATOM   330 O O   . ASN A 1 43 ? 7.46234   6.15271   3.30012   1.000 29.51778 ? 42  ASN A O   1 
ATOM   331 C CB  . ASN A 1 43 ? 9.20136   3.88491   2.92160   1.000 30.47361 ? 42  ASN A CB  1 
ATOM   332 C CG  . ASN A 1 43 ? 9.83660   3.69041   4.28617   1.000 38.17101 ? 42  ASN A CG  1 
ATOM   333 O OD1 . ASN A 1 43 ? 9.43095   4.31086   5.26986   1.000 43.05863 ? 42  ASN A OD1 1 
ATOM   334 N ND2 . ASN A 1 43 ? 10.83153  2.81400   4.35370   1.000 38.05347 ? 42  ASN A ND2 1 
ATOM   335 N N   . GLU A 1 44 ? 6.15205   4.81759   4.55912   1.000 25.59275 ? 43  GLU A N   1 
ATOM   336 C CA  . GLU A 1 44 ? 5.44733   5.92153   5.19131   1.000 24.65552 ? 43  GLU A CA  1 
ATOM   337 C C   . GLU A 1 44 ? 5.14492   5.54296   6.62869   1.000 27.09872 ? 43  GLU A C   1 
ATOM   338 O O   . GLU A 1 44 ? 5.06822   4.35280   6.95910   1.000 24.69776 ? 43  GLU A O   1 
ATOM   339 C CB  . GLU A 1 44 ? 4.14018   6.25256   4.45716   1.000 26.92902 ? 43  GLU A CB  1 
ATOM   340 C CG  . GLU A 1 44 ? 4.30070   6.70271   3.01112   1.000 29.60392 ? 43  GLU A CG  1 
ATOM   341 C CD  . GLU A 1 44 ? 5.05470   8.01153   2.86960   1.000 34.78323 ? 43  GLU A CD  1 
ATOM   342 O OE1 . GLU A 1 44 ? 5.32479   8.67460   3.89491   1.000 36.39849 ? 43  GLU A OE1 1 
ATOM   343 O OE2 . GLU A 1 44 ? 5.37598   8.38205   1.71989   1.000 39.86947 ? 43  GLU A OE2 1 
ATOM   344 N N   . PRO A 1 45 ? 4.96346   6.52746   7.50915   1.000 28.55025 ? 44  PRO A N   1 
ATOM   345 C CA  . PRO A 1 45 ? 4.63932   6.21532   8.90415   1.000 25.92472 ? 44  PRO A CA  1 
ATOM   346 C C   . PRO A 1 45 ? 3.24832   5.61903   9.03237   1.000 23.10315 ? 44  PRO A C   1 
ATOM   347 O O   . PRO A 1 45 ? 2.32127   5.96645   8.29412   1.000 25.59991 ? 44  PRO A O   1 
ATOM   348 C CB  . PRO A 1 45 ? 4.69974   7.58206   9.60035   1.000 28.26658 ? 44  PRO A CB  1 
ATOM   349 C CG  . PRO A 1 45 ? 5.40462   8.49206   8.66070   1.000 28.26193 ? 44  PRO A CG  1 
ATOM   350 C CD  . PRO A 1 45 ? 5.12791   7.97573   7.28883   1.000 25.38278 ? 44  PRO A CD  1 
ATOM   351 N N   . GLY A 1 46 ? 3.10628   4.72095   10.00218  1.000 22.72251 ? 45  GLY A N   1 
ATOM   352 C CA  . GLY A 1 46 ? 1.80151   4.17494   10.31496  1.000 25.01148 ? 45  GLY A CA  1 
ATOM   353 C C   . GLY A 1 46 ? 1.83735   2.92866   11.17000  1.000 22.05046 ? 45  GLY A C   1 
ATOM   354 O O   . GLY A 1 46 ? 2.79659   2.15360   11.12084  1.000 24.60984 ? 45  GLY A O   1 
ATOM   355 N N   . ASP A 1 47 ? 0.78346   2.71891   11.94869  1.000 21.28953 ? 46  ASP A N   1 
ATOM   356 C CA  . ASP A 1 47 ? 0.65186   1.52193   12.75957  1.000 22.05879 ? 46  ASP A CA  1 
ATOM   357 C C   . ASP A 1 47 ? -0.42208  0.57656   12.24597  1.000 23.32474 ? 46  ASP A C   1 
ATOM   358 O O   . ASP A 1 47 ? -0.53575  -0.54621  12.74940  1.000 22.66996 ? 46  ASP A O   1 
ATOM   359 C CB  . ASP A 1 47 ? 0.36867   1.89821   14.21937  1.000 23.68452 ? 46  ASP A CB  1 
ATOM   360 C CG  . ASP A 1 47 ? 1.56003   2.56589   14.88064  1.000 40.40182 ? 46  ASP A CG  1 
ATOM   361 O OD1 . ASP A 1 47 ? 2.58389   1.87583   15.07892  1.000 35.88825 ? 46  ASP A OD1 1 
ATOM   362 O OD2 . ASP A 1 47 ? 1.48127   3.78091   15.17222  1.000 39.83142 ? 46  ASP A OD2 1 
ATOM   363 N N   . ASN A 1 48 ? -1.19855  1.00062   11.25171  1.000 21.95004 ? 47  ASN A N   1 
ATOM   364 C CA  . ASN A 1 48 ? -2.20268  0.17160   10.60433  1.000 19.00319 ? 47  ASN A CA  1 
ATOM   365 C C   . ASN A 1 48 ? -2.23262  0.52036   9.12679   1.000 19.34387 ? 47  ASN A C   1 
ATOM   366 O O   . ASN A 1 48 ? -2.06890  1.68691   8.75683   1.000 18.51442 ? 47  ASN A O   1 
ATOM   367 C CB  . ASN A 1 48 ? -3.58042  0.42875   11.21138  1.000 19.37489 ? 47  ASN A CB  1 
ATOM   368 C CG  . ASN A 1 48 ? -4.67627  -0.33763  10.50394  1.000 20.17828 ? 47  ASN A CG  1 
ATOM   369 O OD1 . ASN A 1 48 ? -5.37695  0.20535   9.63621   1.000 20.38017 ? 47  ASN A OD1 1 
ATOM   370 N ND2 . ASN A 1 48 ? -4.83610  -1.60186  10.86305  1.000 23.52246 ? 47  ASN A ND2 1 
ATOM   371 N N   . VAL A 1 49 ? -2.44872  -0.49331  8.28810   1.000 17.64162 ? 48  VAL A N   1 
ATOM   372 C CA  . VAL A 1 49 ? -2.48125  -0.30042  6.84176   1.000 18.40709 ? 48  VAL A CA  1 
ATOM   373 C C   . VAL A 1 49 ? -3.61835  -1.11149  6.22987   1.000 18.69851 ? 48  VAL A C   1 
ATOM   374 O O   . VAL A 1 49 ? -3.89259  -2.24096  6.65000   1.000 17.71361 ? 48  VAL A O   1 
ATOM   375 C CB  . VAL A 1 49 ? -1.11546  -0.63355  6.20220   1.000 18.92845 ? 48  VAL A CB  1 
ATOM   376 C CG1 . VAL A 1 49 ? -0.75895  -2.10263  6.39329   1.000 20.40787 ? 48  VAL A CG1 1 
ATOM   377 C CG2 . VAL A 1 49 ? -1.10784  -0.24420  4.74117   1.000 18.94477 ? 48  VAL A CG2 1 
ATOM   378 N N   . SER A 1 50 ? -4.31119  -0.50574  5.26729   1.000 17.88997 ? 49  SER A N   1 
ATOM   379 C CA  . SER A 1 50 ? -5.19098  -1.22327  4.35156   1.000 16.49781 ? 49  SER A CA  1 
ATOM   380 C C   . SER A 1 50 ? -4.86230  -0.77650  2.93428   1.000 16.41688 ? 49  SER A C   1 
ATOM   381 O O   . SER A 1 50 ? -4.19536  0.23954   2.72487   1.000 16.50252 ? 49  SER A O   1 
ATOM   382 C CB  . SER A 1 50 ? -6.68117  -1.03114  4.68217   1.000 17.47785 ? 49  SER A CB  1 
ATOM   383 O OG  . SER A 1 50 ? -7.10558  0.28495   4.41596   1.000 17.56638 ? 49  SER A OG  1 
ATOM   384 N N   . VAL A 1 51 ? -5.32644  -1.54159  1.94291   1.000 15.70666 ? 50  VAL A N   1 
ATOM   385 C CA  . VAL A 1 51 ? -5.00150  -1.22713  0.55162   1.000 15.04768 ? 50  VAL A CA  1 
ATOM   386 C C   . VAL A 1 51 ? -6.14865  -1.66005  -0.35246  1.000 14.42642 ? 50  VAL A C   1 
ATOM   387 O O   . VAL A 1 51 ? -6.84961  -2.63164  -0.07210  1.000 15.43720 ? 50  VAL A O   1 
ATOM   388 C CB  . VAL A 1 51 ? -3.65292  -1.86381  0.12573   1.000 15.52018 ? 50  VAL A CB  1 
ATOM   389 C CG1 . VAL A 1 51 ? -3.72761  -3.37668  0.16129   1.000 16.80047 ? 50  VAL A CG1 1 
ATOM   390 C CG2 . VAL A 1 51 ? -3.22925  -1.38623  -1.25424  1.000 16.16445 ? 50  VAL A CG2 1 
ATOM   391 N N   . THR A 1 52 ? -6.34058  -0.92368  -1.44476  1.000 14.13426 ? 51  THR A N   1 
ATOM   392 C CA  . THR A 1 52 ? -7.17185  -1.37792  -2.54964  1.000 14.38896 ? 51  THR A CA  1 
ATOM   393 C C   . THR A 1 52 ? -6.51900  -0.90885  -3.84315  1.000 14.54648 ? 51  THR A C   1 
ATOM   394 O O   . THR A 1 52 ? -5.71788  0.03168   -3.84594  1.000 15.03258 ? 51  THR A O   1 
ATOM   395 C CB  . THR A 1 52 ? -8.62207  -0.88429  -2.40411  1.000 13.88009 ? 51  THR A CB  1 
ATOM   396 O OG1 . THR A 1 52 ? -9.44222  -1.50543  -3.39772  1.000 14.43412 ? 51  THR A OG1 1 
ATOM   397 C CG2 . THR A 1 52 ? -8.72661  0.63231   -2.57474  1.000 16.00114 ? 51  THR A CG2 1 
ATOM   398 N N   . SER A 1 53 ? -6.84708  -1.58163  -4.94441  1.000 13.83885 ? 52  SER A N   1 
ATOM   399 C CA  . SER A 1 53 ? -6.30363  -1.20482  -6.23727  1.000 13.36064 ? 52  SER A CA  1 
ATOM   400 C C   . SER A 1 53 ? -7.30598  -1.54160  -7.32166  1.000 13.43945 ? 52  SER A C   1 
ATOM   401 O O   . SER A 1 53 ? -8.19473  -2.37818  -7.13356  1.000 13.59391 ? 52  SER A O   1 
ATOM   402 C CB  . SER A 1 53 ? -4.94535  -1.86295  -6.51180  1.000 13.65922 ? 52  SER A CB  1 
ATOM   403 O OG  . SER A 1 53 ? -5.06258  -3.26065  -6.71213  1.000 14.45807 ? 52  SER A OG  1 
ATOM   404 N N   . TRP A 1 54 ? -7.15619  -0.86879  -8.46281  1.000 14.10834 ? 53  TRP A N   1 
ATOM   405 C CA  . TRP A 1 54 ? -8.01719  -1.11659  -9.61237  1.000 13.18246 ? 53  TRP A CA  1 
ATOM   406 C C   . TRP A 1 54 ? -7.24759  -0.78704  -10.88114 1.000 14.14266 ? 53  TRP A C   1 
ATOM   407 O O   . TRP A 1 54 ? -6.31682  0.03341   -10.87486 1.000 13.94267 ? 53  TRP A O   1 
ATOM   408 C CB  . TRP A 1 54 ? -9.32137  -0.29533  -9.56772  1.000 14.31129 ? 53  TRP A CB  1 
ATOM   409 C CG  . TRP A 1 54 ? -9.07629  1.17276   -9.69181  1.000 13.77263 ? 53  TRP A CG  1 
ATOM   410 C CD1 . TRP A 1 54 ? -9.14008  1.93296   -10.82695 1.000 15.31155 ? 53  TRP A CD1 1 
ATOM   411 C CD2 . TRP A 1 54 ? -8.68628  2.06321   -8.63456  1.000 14.27623 ? 53  TRP A CD2 1 
ATOM   412 N NE1 . TRP A 1 54 ? -8.80472  3.24621   -10.54033 1.000 14.70447 ? 53  TRP A NE1 1 
ATOM   413 C CE2 . TRP A 1 54 ? -8.53513  3.34978   -9.19827  1.000 13.59081 ? 53  TRP A CE2 1 
ATOM   414 C CE3 . TRP A 1 54 ? -8.48931  1.90201   -7.25132  1.000 14.15864 ? 53  TRP A CE3 1 
ATOM   415 C CZ2 . TRP A 1 54 ? -8.15266  4.45683   -8.43480  1.000 15.49032 ? 53  TRP A CZ2 1 
ATOM   416 C CZ3 . TRP A 1 54 ? -8.10930  3.00448   -6.50234  1.000 15.35413 ? 53  TRP A CZ3 1 
ATOM   417 C CH2 . TRP A 1 54 ? -7.96022  4.26205   -7.09064  1.000 15.81292 ? 53  TRP A CH2 1 
ATOM   418 N N   . LEU A 1 55 ? -7.64841  -1.43568  -11.97060 1.000 14.92975 ? 54  LEU A N   1 
ATOM   419 C CA  . LEU A 1 55 ? -7.08324  -1.18887  -13.28589 1.000 13.49533 ? 54  LEU A CA  1 
ATOM   420 C C   . LEU A 1 55 ? -7.96518  -0.22761  -14.06432 1.000 13.85157 ? 54  LEU A C   1 
ATOM   421 O O   . LEU A 1 55 ? -9.20151  -0.29067  -13.99501 1.000 14.90321 ? 54  LEU A O   1 
ATOM   422 C CB  . LEU A 1 55 ? -6.95822  -2.49018  -14.07995 1.000 15.07675 ? 54  LEU A CB  1 
ATOM   423 C CG  . LEU A 1 55 ? -5.87538  -3.46025  -13.60258 1.000 14.69633 ? 54  LEU A CG  1 
ATOM   424 C CD1 . LEU A 1 55 ? -6.08851  -4.83151  -14.20638 1.000 17.06014 ? 54  LEU A CD1 1 
ATOM   425 C CD2 . LEU A 1 55 ? -4.48299  -2.93279  -13.95875 1.000 16.70050 ? 54  LEU A CD2 1 
ATOM   426 N N   . VAL A 1 56 ? -7.32298  0.62664   -14.84445 1.000 13.68691 ? 55  VAL A N   1 
ATOM   427 C CA  . VAL A 1 56 ? -7.97302  1.33737   -15.93188 1.000 14.28968 ? 55  VAL A CA  1 
ATOM   428 C C   . VAL A 1 56 ? -7.22182  0.91852   -17.18058 1.000 15.63473 ? 55  VAL A C   1 
ATOM   429 O O   . VAL A 1 56 ? -6.06533  1.31026   -17.37289 1.000 14.74938 ? 55  VAL A O   1 
ATOM   430 C CB  . VAL A 1 56 ? -7.93795  2.85715   -15.74141 1.000 15.26395 ? 55  VAL A CB  1 
ATOM   431 C CG1 . VAL A 1 56 ? -8.63711  3.55683   -16.90429 1.000 21.17759 ? 55  VAL A CG1 1 
ATOM   432 C CG2 . VAL A 1 56 ? -8.57437  3.23019   -14.40187 1.000 17.24311 ? 55  VAL A CG2 1 
ATOM   433 N N   . GLY A 1 57 ? -7.84944  0.08929   -18.00560 1.000 15.28819 ? 56  GLY A N   1 
ATOM   434 C CA  . GLY A 1 57 ? -7.09804  -0.55275  -19.06910 1.000 17.05312 ? 56  GLY A CA  1 
ATOM   435 C C   . GLY A 1 57 ? -5.99633  -1.39634  -18.46471 1.000 14.69626 ? 56  GLY A C   1 
ATOM   436 O O   . GLY A 1 57 ? -6.22813  -2.22387  -17.57324 1.000 17.11549 ? 56  GLY A O   1 
ATOM   437 N N   . SER A 1 58 ? -4.76903  -1.17405  -18.91774 1.000 14.82323 ? 57  SER A N   1 
ATOM   438 C CA  . SER A 1 58 ? -3.62614  -1.88428  -18.37001 1.000 15.52972 ? 57  SER A CA  1 
ATOM   439 C C   . SER A 1 58 ? -2.93558  -1.15238  -17.22333 1.000 15.80498 ? 57  SER A C   1 
ATOM   440 O O   . SER A 1 58 ? -1.95996  -1.68464  -16.69079 1.000 17.69786 ? 57  SER A O   1 
ATOM   441 C CB  . SER A 1 58 ? -2.62126  -2.19477  -19.47801 1.000 17.85819 ? 57  SER A CB  1 
ATOM   442 O OG  . SER A 1 58 ? -2.19506  -1.00034  -20.08927 1.000 17.43381 ? 57  SER A OG  1 
ATOM   443 N N   . ALA A 1 59 ? -3.40374  0.03144   -16.82856 1.000 15.34754 ? 58  ALA A N   1 
ATOM   444 C CA  . ALA A 1 59 ? -2.74257  0.85330   -15.81885 1.000 14.86880 ? 58  ALA A CA  1 
ATOM   445 C C   . ALA A 1 59 ? -3.29131  0.57349   -14.42698 1.000 13.49511 ? 58  ALA A C   1 
ATOM   446 O O   . ALA A 1 59 ? -4.50255  0.68206   -14.19943 1.000 14.81846 ? 58  ALA A O   1 
ATOM   447 C CB  . ALA A 1 59 ? -2.96228  2.33086   -16.13400 1.000 16.06994 ? 58  ALA A CB  1 
ATOM   448 N N   . ILE A 1 60 ? -2.40169  0.26108   -13.48315 1.000 13.84383 ? 59  ILE A N   1 
ATOM   449 C CA  . ILE A 1 60 ? -2.80717  0.01596   -12.10199 1.000 13.63741 ? 59  ILE A CA  1 
ATOM   450 C C   . ILE A 1 60 ? -2.83829  1.32045   -11.31083 1.000 13.61160 ? 59  ILE A C   1 
ATOM   451 O O   . ILE A 1 60 ? -2.00696  2.22218   -11.51022 1.000 15.34538 ? 59  ILE A O   1 
ATOM   452 C CB  . ILE A 1 60 ? -1.88168  -1.02835  -11.44327 1.000 14.23768 ? 59  ILE A CB  1 
ATOM   453 C CG1 . ILE A 1 60 ? -2.44582  -1.50774  -10.10657 1.000 15.09435 ? 59  ILE A CG1 1 
ATOM   454 C CG2 . ILE A 1 60 ? -0.47495  -0.46258  -11.23629 1.000 18.88840 ? 59  ILE A CG2 1 
ATOM   455 C CD1 . ILE A 1 60 ? -3.75053  -2.23886  -10.21568 1.000 17.09117 ? 59  ILE A CD1 1 
ATOM   456 N N   . HIS A 1 61 ? -3.80263  1.41586   -10.40704 1.000 13.79783 ? 60  HIS A N   1 
ATOM   457 C CA  . HIS A 1 61 ? -3.91424  2.50576   -9.44878  1.000 14.30161 ? 60  HIS A CA  1 
ATOM   458 C C   . HIS A 1 61 ? -4.05924  1.86555   -8.07698  1.000 14.35175 ? 60  HIS A C   1 
ATOM   459 O O   . HIS A 1 61 ? -4.86536  0.94669   -7.91117  1.000 15.53862 ? 60  HIS A O   1 
ATOM   460 C CB  . HIS A 1 61 ? -5.13430  3.36140   -9.77180  1.000 14.54492 ? 60  HIS A CB  1 
ATOM   461 C CG  . HIS A 1 61 ? -5.05543  3.98370   -11.12431 1.000 14.71497 ? 60  HIS A CG  1 
ATOM   462 N ND1 . HIS A 1 61 ? -4.52930  5.23915   -11.32361 1.000 16.38368 ? 60  HIS A ND1 1 
ATOM   463 C CD2 . HIS A 1 61 ? -5.34657  3.49668   -12.35521 1.000 16.58582 ? 60  HIS A CD2 1 
ATOM   464 C CE1 . HIS A 1 61 ? -4.53788  5.51625   -12.61543 1.000 16.79845 ? 60  HIS A CE1 1 
ATOM   465 N NE2 . HIS A 1 61 ? -5.02470  4.47419   -13.26383 1.000 16.74227 ? 60  HIS A NE2 1 
ATOM   466 N N   . ILE A 1 62 ? -3.26579  2.31223   -7.10534  1.000 13.93690 ? 61  ILE A N   1 
ATOM   467 C CA  . ILE A 1 62 ? -3.23719  1.73372   -5.76996  1.000 14.49071 ? 61  ILE A CA  1 
ATOM   468 C C   . ILE A 1 62 ? -3.53891  2.83593   -4.76473  1.000 14.79781 ? 61  ILE A C   1 
ATOM   469 O O   . ILE A 1 62 ? -3.05659  3.96787   -4.91196  1.000 14.65665 ? 61  ILE A O   1 
ATOM   470 C CB  . ILE A 1 62 ? -1.86543  1.10958   -5.45215  1.000 15.06400 ? 61  ILE A CB  1 
ATOM   471 C CG1 . ILE A 1 62 ? -1.34589  0.24362   -6.60467  1.000 15.84746 ? 61  ILE A CG1 1 
ATOM   472 C CG2 . ILE A 1 62 ? -1.95385  0.31108   -4.16239  1.000 17.46840 ? 61  ILE A CG2 1 
ATOM   473 C CD1 . ILE A 1 62 ? 0.06446   -0.28965  -6.39560  1.000 16.61222 ? 61  ILE A CD1 1 
ATOM   474 N N   . ARG A 1 63 ? -4.33217  2.51468   -3.74538  1.000 14.47033 ? 62  ARG A N   1 
ATOM   475 C CA  . ARG A 1 63 ? -4.57002  3.42614   -2.63416  1.000 14.92320 ? 62  ARG A CA  1 
ATOM   476 C C   . ARG A 1 63 ? -4.25530  2.67852   -1.35025  1.000 14.82445 ? 62  ARG A C   1 
ATOM   477 O O   . ARG A 1 63 ? -4.83420  1.61888   -1.08642  1.000 15.15831 ? 62  ARG A O   1 
ATOM   478 C CB  . ARG A 1 63 ? -6.01424  3.91448   -2.61935  1.000 14.84261 ? 62  ARG A CB  1 
ATOM   479 C CG  . ARG A 1 63 ? -6.42688  4.70711   -3.84690  1.000 15.63199 ? 62  ARG A CG  1 
ATOM   480 C CD  . ARG A 1 63 ? -5.67874  6.03752   -3.95992  1.000 15.90298 ? 62  ARG A CD  1 
ATOM   481 N NE  . ARG A 1 63 ? -6.06906  6.81502   -5.13398  1.000 16.88433 ? 62  ARG A NE  1 
ATOM   482 C CZ  . ARG A 1 63 ? -5.47053  6.74757   -6.31795  1.000 16.39264 ? 62  ARG A CZ  1 
ATOM   483 N NH1 . ARG A 1 63 ? -4.43065  5.95468   -6.52695  1.000 16.34484 ? 62  ARG A NH1 1 
ATOM   484 N NH2 . ARG A 1 63 ? -5.92707  7.49588   -7.32077  1.000 17.06194 ? 62  ARG A NH2 1 
ATOM   485 N N   . VAL A 1 64 ? -3.34155  3.23935   -0.55772  1.000 16.19837 ? 63  VAL A N   1 
ATOM   486 C CA  . VAL A 1 64 ? -2.90600  2.67973   0.71580   1.000 16.90491 ? 63  VAL A CA  1 
ATOM   487 C C   . VAL A 1 64 ? -3.37591  3.62793   1.80826   1.000 17.51507 ? 63  VAL A C   1 
ATOM   488 O O   . VAL A 1 64 ? -3.13951  4.83921   1.72470   1.000 18.86226 ? 63  VAL A O   1 
ATOM   489 C CB  . VAL A 1 64 ? -1.37505  2.53431   0.74649   1.000 18.04769 ? 63  VAL A CB  1 
ATOM   490 C CG1 . VAL A 1 64 ? -0.91010  2.13221   2.12931   1.000 19.13529 ? 63  VAL A CG1 1 
ATOM   491 C CG2 . VAL A 1 64 ? -0.92042  1.52400   -0.29363  1.000 17.43198 ? 63  VAL A CG2 1 
ATOM   492 N N   . TYR A 1 65 ? -4.07724  3.09244   2.80027   1.000 17.10507 ? 64  TYR A N   1 
ATOM   493 C CA  . TYR A 1 65 ? -4.60905  3.87373   3.91415   1.000 17.72611 ? 64  TYR A CA  1 
ATOM   494 C C   . TYR A 1 65 ? -3.75939  3.57278   5.14360   1.000 18.61876 ? 64  TYR A C   1 
ATOM   495 O O   . TYR A 1 65 ? -3.79796  2.45789   5.67828   1.000 18.04501 ? 64  TYR A O   1 
ATOM   496 C CB  . TYR A 1 65 ? -6.09978  3.58926   4.11203   1.000 17.63866 ? 64  TYR A CB  1 
ATOM   497 C CG  . TYR A 1 65 ? -6.83926  3.98060   2.85372   1.000 15.38967 ? 64  TYR A CG  1 
ATOM   498 C CD1 . TYR A 1 65 ? -7.23727  5.29815   2.64098   1.000 17.55671 ? 64  TYR A CD1 1 
ATOM   499 C CD2 . TYR A 1 65 ? -7.04695  3.05348   1.83005   1.000 15.93822 ? 64  TYR A CD2 1 
ATOM   500 C CE1 . TYR A 1 65 ? -7.85688  5.68387   1.45784   1.000 17.31881 ? 64  TYR A CE1 1 
ATOM   501 C CE2 . TYR A 1 65 ? -7.67978  3.42491   0.63814   1.000 15.09521 ? 64  TYR A CE2 1 
ATOM   502 C CZ  . TYR A 1 65 ? -8.07158  4.73863   0.45601   1.000 14.66435 ? 64  TYR A CZ  1 
ATOM   503 O OH  . TYR A 1 65 ? -8.67211  5.11444   -0.72757  1.000 16.57167 ? 64  TYR A OH  1 
ATOM   504 N N   . ALA A 1 66 ? -2.97135  4.56556   5.55852   1.000 18.20641 ? 65  ALA A N   1 
ATOM   505 C CA  . ALA A 1 66 ? -1.99694  4.43879   6.63509   1.000 18.93966 ? 65  ALA A CA  1 
ATOM   506 C C   . ALA A 1 66 ? -2.50883  5.22481   7.82981   1.000 21.98022 ? 65  ALA A C   1 
ATOM   507 O O   . ALA A 1 66 ? -2.77126  6.42639   7.71369   1.000 21.25151 ? 65  ALA A O   1 
ATOM   508 C CB  . ALA A 1 66 ? -0.65707  5.01741   6.18726   1.000 20.40553 ? 65  ALA A CB  1 
ATOM   509 N N   . SER A 1 67 ? -2.64349  4.55994   8.97204   1.000 19.63960 ? 66  SER A N   1 
ATOM   510 C CA  . SER A 1 67 ? -3.23890  5.17777   10.14615  1.000 20.82571 ? 66  SER A CA  1 
ATOM   511 C C   . SER A 1 67 ? -2.23465  5.24410   11.28767  1.000 20.51837 ? 66  SER A C   1 
ATOM   512 O O   . SER A 1 67 ? -1.53802  4.26391   11.57607  1.000 21.94591 ? 66  SER A O   1 
ATOM   513 C CB  . SER A 1 67 ? -4.49258  4.42553   10.58160  1.000 20.89745 ? 66  SER A CB  1 
ATOM   514 O OG  . SER A 1 67 ? -5.49884  4.55905   9.59453   1.000 20.18150 ? 66  SER A OG  1 
ATOM   515 N N   . THR A 1 68 ? -2.16807  6.41910   11.91367  1.000 24.84990 ? 67  THR A N   1 
ATOM   516 C CA  . THR A 1 68 ? -1.45561  6.65412   13.16229  1.000 25.95530 ? 67  THR A CA  1 
ATOM   517 C C   . THR A 1 68 ? -2.44339  7.35534   14.07872  1.000 22.94555 ? 67  THR A C   1 
ATOM   518 O O   . THR A 1 68 ? -2.97343  8.41500   13.72239  1.000 24.36659 ? 67  THR A O   1 
ATOM   519 C CB  . THR A 1 68 ? -0.24906  7.56529   12.92563  1.000 30.38314 ? 67  THR A CB  1 
ATOM   520 O OG1 . THR A 1 68 ? 0.64668   6.96011   11.98651  1.000 33.83527 ? 67  THR A OG1 1 
ATOM   521 C CG2 . THR A 1 68 ? 0.48146   7.79771   14.21383  1.000 31.02990 ? 67  THR A CG2 1 
ATOM   522 N N   . GLY A 1 69 ? -2.69774  6.76729   15.24228  1.000 24.57253 ? 68  GLY A N   1 
ATOM   523 C CA  . GLY A 1 69 ? -3.72806  7.31930   16.10402  1.000 23.92517 ? 68  GLY A CA  1 
ATOM   524 C C   . GLY A 1 69 ? -5.05333  7.34176   15.37067  1.000 25.04020 ? 68  GLY A C   1 
ATOM   525 O O   . GLY A 1 69 ? -5.47616  6.34203   14.77347  1.000 24.46108 ? 68  GLY A O   1 
ATOM   526 N N   . THR A 1 70 ? -5.72412  8.48916   15.40356  1.000 25.26087 ? 69  THR A N   1 
ATOM   527 C CA  . THR A 1 70 ? -7.01603  8.63375   14.74857  1.000 25.66907 ? 69  THR A CA  1 
ATOM   528 C C   . THR A 1 70 ? -6.90447  9.22425   13.34744  1.000 25.63371 ? 69  THR A C   1 
ATOM   529 O O   . THR A 1 70 ? -7.93428  9.50511   12.72381  1.000 28.17736 ? 69  THR A O   1 
ATOM   530 C CB  . THR A 1 70 ? -7.97325  9.47102   15.61101  1.000 29.93972 ? 69  THR A CB  1 
ATOM   531 O OG1 . THR A 1 70 ? -7.48958  10.81393  15.71204  1.000 28.44782 ? 69  THR A OG1 1 
ATOM   532 C CG2 . THR A 1 70 ? -8.09175  8.88372   17.00616  1.000 30.63057 ? 69  THR A CG2 1 
ATOM   533 N N   . THR A 1 71 ? -5.69160  9.41106   12.83525  1.000 23.59456 ? 70  THR A N   1 
ATOM   534 C CA  . THR A 1 71 ? -5.48223  10.06629  11.55173  1.000 26.62268 ? 70  THR A CA  1 
ATOM   535 C C   . THR A 1 71 ? -5.09677  9.02870   10.50827  1.000 23.44628 ? 70  THR A C   1 
ATOM   536 O O   . THR A 1 71 ? -4.08787  8.33108   10.65976  1.000 22.71800 ? 70  THR A O   1 
ATOM   537 C CB  . THR A 1 71 ? -4.41202  11.15112  11.65665  1.000 29.59482 ? 70  THR A CB  1 
ATOM   538 O OG1 . THR A 1 71 ? -4.83825  12.13821  12.60533  1.000 37.58120 ? 70  THR A OG1 1 
ATOM   539 C CG2 . THR A 1 71 ? -4.19912  11.81348  10.30674  1.000 31.62501 ? 70  THR A CG2 1 
ATOM   540 N N   . THR A 1 72 ? -5.89837  8.94127   9.45270   1.000 20.88861 ? 71  THR A N   1 
ATOM   541 C CA  . THR A 1 72 ? -5.64808  8.05459   8.32274   1.000 19.59363 ? 71  THR A CA  1 
ATOM   542 C C   . THR A 1 72 ? -5.19562  8.90915   7.14905   1.000 20.21638 ? 71  THR A C   1 
ATOM   543 O O   . THR A 1 72 ? -5.90484  9.83596   6.74528   1.000 22.23182 ? 71  THR A O   1 
ATOM   544 C CB  . THR A 1 72 ? -6.91701  7.29224   7.94304   1.000 22.48031 ? 71  THR A CB  1 
ATOM   545 O OG1 . THR A 1 72 ? -7.36209  6.50974   9.05735   1.000 21.17518 ? 71  THR A OG1 1 
ATOM   546 C CG2 . THR A 1 72 ? -6.65363  6.39245   6.74646   1.000 20.95134 ? 71  THR A CG2 1 
ATOM   547 N N   . THR A 1 73 ? -4.02228  8.60472   6.61195   1.000 19.48607 ? 72  THR A N   1 
ATOM   548 C CA  . THR A 1 73 ? -3.50447  9.27073   5.42572   1.000 20.42575 ? 72  THR A CA  1 
ATOM   549 C C   . THR A 1 73 ? -3.59877  8.31211   4.24585   1.000 17.66111 ? 72  THR A C   1 
ATOM   550 O O   . THR A 1 73 ? -3.16355  7.15770   4.34354   1.000 18.96116 ? 72  THR A O   1 
ATOM   551 C CB  . THR A 1 73 ? -2.04290  9.67904   5.62006   1.000 20.32987 ? 72  THR A CB  1 
ATOM   552 O OG1 . THR A 1 73 ? -1.92216  10.51170  6.78337   1.000 23.35692 ? 72  THR A OG1 1 
ATOM   553 C CG2 . THR A 1 73 ? -1.54110  10.45000  4.41531   1.000 21.09355 ? 72  THR A CG2 1 
ATOM   554 N N   . GLU A 1 74 ? -4.15294  8.79596   3.13709   1.000 17.34757 ? 73  GLU A N   1 
ATOM   555 C CA  . GLU A 1 74 ? -4.24049  8.01072   1.91409   1.000 17.92517 ? 73  GLU A CA  1 
ATOM   556 C C   . GLU A 1 74 ? -3.01822  8.30595   1.05969   1.000 17.19539 ? 73  GLU A C   1 
ATOM   557 O O   . GLU A 1 74 ? -2.65879  9.47262   0.86182   1.000 18.89729 ? 73  GLU A O   1 
ATOM   558 C CB  . GLU A 1 74 ? -5.50738  8.38132   1.14517   1.000 18.69396 ? 73  GLU A CB  1 
ATOM   559 C CG  . GLU A 1 74 ? -5.65421  7.72984   -0.22656  1.000 16.54518 ? 73  GLU A CG  1 
ATOM   560 C CD  . GLU A 1 74 ? -6.82586  8.31578   -0.97429  1.000 17.55364 ? 73  GLU A CD  1 
ATOM   561 O OE1 . GLU A 1 74 ? -6.92640  9.56421   -1.02530  1.000 18.10231 ? 73  GLU A OE1 1 
ATOM   562 O OE2 . GLU A 1 74 ? -7.67732  7.54527   -1.48049  1.000 17.40560 ? 73  GLU A OE2 1 
ATOM   563 N N   . TRP A 1 75 ? -2.37941  7.25315   0.56921   1.000 19.38948 ? 74  TRP A N   1 
ATOM   564 C CA  . TRP A 1 75 ? -1.26434  7.35977   -0.35407  1.000 18.41694 ? 74  TRP A CA  1 
ATOM   565 C C   . TRP A 1 75 ? -1.65983  6.73905   -1.68684  1.000 17.24527 ? 74  TRP A C   1 
ATOM   566 O O   . TRP A 1 75 ? -2.28706  5.67106   -1.72672  1.000 17.65140 ? 74  TRP A O   1 
ATOM   567 C CB  . TRP A 1 75 ? -0.05572  6.65034   0.22342   1.000 17.17737 ? 74  TRP A CB  1 
ATOM   568 C CG  . TRP A 1 75 ? 0.45451   7.34200   1.45493   1.000 21.10614 ? 74  TRP A CG  1 
ATOM   569 C CD1 . TRP A 1 75 ? 0.20741   7.00447   2.75795   1.000 18.69210 ? 74  TRP A CD1 1 
ATOM   570 C CD2 . TRP A 1 75 ? 1.26669   8.51730   1.49311   1.000 24.40962 ? 74  TRP A CD2 1 
ATOM   571 N NE1 . TRP A 1 75 ? 0.84020   7.89016   3.60640   1.000 19.82309 ? 74  TRP A NE1 1 
ATOM   572 C CE2 . TRP A 1 75 ? 1.49226   8.82948   2.85281   1.000 22.45620 ? 74  TRP A CE2 1 
ATOM   573 C CE3 . TRP A 1 75 ? 1.83530   9.33277   0.50967   1.000 23.70195 ? 74  TRP A CE3 1 
ATOM   574 C CZ2 . TRP A 1 75 ? 2.26224   9.92349   3.25101   1.000 25.80941 ? 74  TRP A CZ2 1 
ATOM   575 C CZ3 . TRP A 1 75 ? 2.60080   10.42012  0.90801   1.000 26.80850 ? 74  TRP A CZ3 1 
ATOM   576 C CH2 . TRP A 1 75 ? 2.80498   10.70409  2.26562   1.000 29.34241 ? 74  TRP A CH2 1 
ATOM   577 N N   . CYS A 1 76 ? -1.28740  7.40337   -2.77388  1.000 16.53066 ? 75  CYS A N   1 
ATOM   578 C CA  . CYS A 1 76 ? -1.80733  7.10125   -4.10122  1.000 16.44865 ? 75  CYS A CA  1 
ATOM   579 C C   . CYS A 1 76 ? -0.67640  6.75232   -5.05557  1.000 16.74168 ? 75  CYS A C   1 
ATOM   580 O O   . CYS A 1 76 ? 0.26580   7.53869   -5.22390  1.000 17.73864 ? 75  CYS A O   1 
ATOM   581 C CB  . CYS A 1 76 ? -2.53652  8.31989   -4.66315  1.000 19.12052 ? 75  CYS A CB  1 
ATOM   582 S SG  . CYS A 1 76 ? -3.82821  8.99144   -3.60583  1.000 18.30611 ? 75  CYS A SG  1 
ATOM   583 N N   . TRP A 1 77 ? -0.78477  5.59168   -5.70248  1.000 16.53941 ? 76  TRP A N   1 
ATOM   584 C CA  . TRP A 1 77 ? 0.07517   5.22328   -6.81815  1.000 16.03582 ? 76  TRP A CA  1 
ATOM   585 C C   . TRP A 1 77 ? -0.77163  5.25465   -8.07930  1.000 15.75952 ? 76  TRP A C   1 
ATOM   586 O O   . TRP A 1 77 ? -1.81265  4.58462   -8.14790  1.000 16.61611 ? 76  TRP A O   1 
ATOM   587 C CB  . TRP A 1 77 ? 0.68819   3.83250   -6.63717  1.000 18.51358 ? 76  TRP A CB  1 
ATOM   588 C CG  . TRP A 1 77 ? 1.52008   3.41574   -7.81742  1.000 19.94906 ? 76  TRP A CG  1 
ATOM   589 C CD1 . TRP A 1 77 ? 1.08783   2.77317   -8.94692  1.000 18.86638 ? 76  TRP A CD1 1 
ATOM   590 C CD2 . TRP A 1 77 ? 2.92134   3.63102   -7.99225  1.000 18.42615 ? 76  TRP A CD2 1 
ATOM   591 N NE1 . TRP A 1 77 ? 2.13764   2.57229   -9.80561  1.000 20.40876 ? 76  TRP A NE1 1 
ATOM   592 C CE2 . TRP A 1 77 ? 3.27541   3.08769   -9.24329  1.000 19.68396 ? 76  TRP A CE2 1 
ATOM   593 C CE3 . TRP A 1 77 ? 3.91964   4.21711   -7.20467  1.000 20.18708 ? 76  TRP A CE3 1 
ATOM   594 C CZ2 . TRP A 1 77 ? 4.58261   3.11775   -9.72940  1.000 22.20433 ? 76  TRP A CZ2 1 
ATOM   595 C CZ3 . TRP A 1 77 ? 5.21423   4.24040   -7.68545  1.000 22.08267 ? 76  TRP A CZ3 1 
ATOM   596 C CH2 . TRP A 1 77 ? 5.53428   3.69955   -8.93608  1.000 21.61271 ? 76  TRP A CH2 1 
ATOM   597 N N   . ASP A 1 78 ? -0.33205  6.03460   -9.06512  1.000 16.48750 ? 77  ASP A N   1 
ATOM   598 C CA  . ASP A 1 78 ? -1.02873  6.13473   -10.33796 1.000 17.10694 ? 77  ASP A CA  1 
ATOM   599 C C   . ASP A 1 78 ? -0.07257  5.94153   -11.50474 1.000 17.04387 ? 77  ASP A C   1 
ATOM   600 O O   . ASP A 1 78 ? -0.34956  6.40587   -12.61323 1.000 19.04479 ? 77  ASP A O   1 
ATOM   601 C CB  . ASP A 1 78 ? -1.77371  7.46605   -10.41600 1.000 17.15083 ? 77  ASP A CB  1 
ATOM   602 C CG  . ASP A 1 78 ? -2.79502  7.60606   -9.30667  1.000 17.39137 ? 77  ASP A CG  1 
ATOM   603 O OD1 . ASP A 1 78 ? -3.85321  6.94039   -9.37994  1.000 17.10540 ? 77  ASP A OD1 1 
ATOM   604 O OD2 . ASP A 1 78 ? -2.53324  8.36043   -8.33662  1.000 19.81679 ? 77  ASP A OD2 1 
ATOM   605 N N   . GLY A 1 79 ? 1.03993   5.25736   -11.27238 1.000 17.46373 ? 78  GLY A N   1 
ATOM   606 C CA  . GLY A 1 79 ? 1.97648   4.90251   -12.30968 1.000 18.45798 ? 78  GLY A CA  1 
ATOM   607 C C   . GLY A 1 79 ? 3.33681   5.56494   -12.21660 1.000 17.35950 ? 78  GLY A C   1 
ATOM   608 O O   . GLY A 1 79 ? 4.27086   5.10013   -12.87987 1.000 20.82403 ? 78  GLY A O   1 
ATOM   609 N N   A ASN A 1 80 ? 3.49979   6.62466   -11.39731 0.457 18.30441 ? 79  ASN A N   1 
ATOM   610 N N   B ASN A 1 80 ? 3.47923   6.62970   -11.43968 0.543 18.35383 ? 79  ASN A N   1 
ATOM   611 C CA  A ASN A 1 80 ? 4.74923   7.38936   -11.43143 0.457 19.35521 ? 79  ASN A CA  1 
ATOM   612 C CA  B ASN A 1 80 ? 4.75624   7.32252   -11.39578 0.543 19.33857 ? 79  ASN A CA  1 
ATOM   613 C C   A ASN A 1 80 ? 5.20174   7.88702   -10.05539 0.457 18.99138 ? 79  ASN A C   1 
ATOM   614 C C   B ASN A 1 80 ? 4.93302   7.97831   -10.02997 0.543 17.66399 ? 79  ASN A C   1 
ATOM   615 O O   A ASN A 1 80 ? 5.87467   8.92104   -9.96082  0.457 20.32013 ? 79  ASN A O   1 
ATOM   616 O O   B ASN A 1 80 ? 5.11034   9.18710   -9.90323  0.543 21.29419 ? 79  ASN A O   1 
ATOM   617 C CB  A ASN A 1 80 ? 4.66908   8.56565   -12.41858 0.457 21.90749 ? 79  ASN A CB  1 
ATOM   618 C CB  B ASN A 1 80 ? 4.87396   8.32196   -12.54451 0.543 20.68380 ? 79  ASN A CB  1 
ATOM   619 C CG  A ASN A 1 80 ? 3.89711   9.76011   -11.86066 0.457 19.01006 ? 79  ASN A CG  1 
ATOM   620 C CG  B ASN A 1 80 ? 6.27829   8.86354   -12.70155 0.543 21.28638 ? 79  ASN A CG  1 
ATOM   621 O OD1 A ASN A 1 80 ? 3.04504   9.61159   -10.98532 0.457 21.51876 ? 79  ASN A OD1 1 
ATOM   622 O OD1 B ASN A 1 80 ? 7.24638   8.24184   -12.26682 0.543 22.70102 ? 79  ASN A OD1 1 
ATOM   623 N ND2 A ASN A 1 80 ? 4.20492   10.95525  -12.36179 0.457 21.63386 ? 79  ASN A ND2 1 
ATOM   624 N ND2 B ASN A 1 80 ? 6.39468   10.02547  -13.32818 0.543 24.29254 ? 79  ASN A ND2 1 
ATOM   625 N N   . GLY A 1 81 ? 4.87528   7.17014   -8.98413  1.000 19.75311 ? 80  GLY A N   1 
ATOM   626 C CA  . GLY A 1 81 ? 5.25628   7.62515   -7.66391  1.000 20.81355 ? 80  GLY A CA  1 
ATOM   627 C C   . GLY A 1 81 ? 4.07655   7.75396   -6.72181  1.000 19.46941 ? 80  GLY A C   1 
ATOM   628 O O   . GLY A 1 81 ? 2.91765   7.81208   -7.14489  1.000 21.74015 ? 80  GLY A O   1 
ATOM   629 N N   . TRP A 1 82 ? 4.37763   7.80894   -5.42984  1.000 19.89944 ? 81  TRP A N   1 
ATOM   630 C CA  . TRP A 1 82 ? 3.36269   7.87987   -4.39050  1.000 18.13143 ? 81  TRP A CA  1 
ATOM   631 C C   . TRP A 1 82 ? 3.11221   9.33184   -3.99732  1.000 19.31335 ? 81  TRP A C   1 
ATOM   632 O O   . TRP A 1 82 ? 4.06171   10.07495  -3.71559  1.000 21.79124 ? 81  TRP A O   1 
ATOM   633 C CB  . TRP A 1 82 ? 3.81313   7.09191   -3.16415  1.000 19.66520 ? 81  TRP A CB  1 
ATOM   634 C CG  . TRP A 1 82 ? 3.86340   5.62050   -3.39043  1.000 17.22530 ? 81  TRP A CG  1 
ATOM   635 C CD1 . TRP A 1 82 ? 4.95217   4.88792   -3.74045  1.000 20.11878 ? 81  TRP A CD1 1 
ATOM   636 C CD2 . TRP A 1 82 ? 2.76971   4.69374   -3.28328  1.000 18.54004 ? 81  TRP A CD2 1 
ATOM   637 N NE1 . TRP A 1 82 ? 4.61407   3.56004   -3.85374  1.000 18.29977 ? 81  TRP A NE1 1 
ATOM   638 C CE2 . TRP A 1 82 ? 3.28040   3.41521   -3.57920  1.000 17.08889 ? 81  TRP A CE2 1 
ATOM   639 C CE3 . TRP A 1 82 ? 1.41735   4.82094   -2.95230  1.000 19.53089 ? 81  TRP A CE3 1 
ATOM   640 C CZ2 . TRP A 1 82 ? 2.48590   2.26878   -3.56718  1.000 18.34476 ? 81  TRP A CZ2 1 
ATOM   641 C CZ3 . TRP A 1 82 ? 0.62403   3.67932   -2.94105  1.000 18.65839 ? 81  TRP A CZ3 1 
ATOM   642 C CH2 . TRP A 1 82 ? 1.16488   2.42039   -3.24782  1.000 18.28951 ? 81  TRP A CH2 1 
ATOM   643 N N   . THR A 1 83 ? 1.84168   9.72996   -3.95398  1.000 18.72971 ? 82  THR A N   1 
ATOM   644 C CA  . THR A 1 83 ? 1.44837   11.06982  -3.53136  1.000 21.20752 ? 82  THR A CA  1 
ATOM   645 C C   . THR A 1 83 ? 0.35339   10.96737  -2.47714  1.000 17.95228 ? 82  THR A C   1 
ATOM   646 O O   . THR A 1 83 ? -0.36049  9.96352   -2.39067  1.000 20.10374 ? 82  THR A O   1 
ATOM   647 C CB  . THR A 1 83 ? 0.94155   11.90955  -4.71444  1.000 20.77161 ? 82  THR A CB  1 
ATOM   648 O OG1 . THR A 1 83 ? -0.24526  11.31279  -5.24968  1.000 21.34138 ? 82  THR A OG1 1 
ATOM   649 C CG2 . THR A 1 83 ? 1.98486   11.97760  -5.82014  1.000 23.18445 ? 82  THR A CG2 1 
ATOM   650 N N   . LYS A 1 84 ? 0.20983   12.01682  -1.67155  1.000 19.63165 ? 83  LYS A N   1 
ATOM   651 C CA  . LYS A 1 84 ? -0.82818  12.03261  -0.65012  1.000 19.63292 ? 83  LYS A CA  1 
ATOM   652 C C   . LYS A 1 84 ? -2.18148  12.35684  -1.28104  1.000 19.03109 ? 83  LYS A C   1 
ATOM   653 O O   . LYS A 1 84 ? -2.30275  13.31050  -2.05577  1.000 21.96287 ? 83  LYS A O   1 
ATOM   654 C CB  . LYS A 1 84 ? -0.47953  13.04874  0.43565   1.000 20.80261 ? 83  LYS A CB  1 
ATOM   655 C CG  . LYS A 1 84 ? -1.43270  13.05333  1.60812   1.000 24.45105 ? 83  LYS A CG  1 
ATOM   656 C CD  . LYS A 1 84 ? -0.91846  13.96156  2.71365   1.000 32.12100 ? 83  LYS A CD  1 
ATOM   657 C CE  . LYS A 1 84 ? -2.05049  14.37958  3.64071   1.000 45.64816 ? 83  LYS A CE  1 
ATOM   658 N NZ  . LYS A 1 84 ? -1.57489  15.21546  4.78173   1.000 57.64060 ? 83  LYS A NZ  1 
ATOM   659 N N   . GLY A 1 85 ? -3.19938  11.55011  -0.95752  1.000 18.73671 ? 84  GLY A N   1 
ATOM   660 C CA  . GLY A 1 85 ? -4.51925  11.71281  -1.52904  1.000 21.00025 ? 84  GLY A CA  1 
ATOM   661 C C   . GLY A 1 85 ? -5.43753  12.59394  -0.69483  1.000 18.45616 ? 84  GLY A C   1 
ATOM   662 O O   . GLY A 1 85 ? -5.10340  13.05596  0.39772   1.000 21.54642 ? 84  GLY A O   1 
ATOM   663 N N   . ALA A 1 86 ? -6.63227  12.81499  -1.23596  1.000 19.44224 ? 85  ALA A N   1 
ATOM   664 C CA  . ALA A 1 86 ? -7.60615  13.73565  -0.66305  1.000 20.90244 ? 85  ALA A CA  1 
ATOM   665 C C   . ALA A 1 86 ? -8.38458  13.15216  0.50956   1.000 21.10193 ? 85  ALA A C   1 
ATOM   666 O O   . ALA A 1 86 ? -9.16680  13.88563  1.12698   1.000 21.94764 ? 85  ALA A O   1 
ATOM   667 C CB  . ALA A 1 86 ? -8.58224  14.20184  -1.74587  1.000 21.93854 ? 85  ALA A CB  1 
ATOM   668 N N   . TYR A 1 87 ? -8.19616  11.87089  0.83223   1.000 20.19592 ? 86  TYR A N   1 
ATOM   669 C CA  . TYR A 1 87 ? -8.99354  11.23986  1.87551   1.000 18.40741 ? 86  TYR A CA  1 
ATOM   670 C C   . TYR A 1 87 ? -8.89356  12.02034  3.17888   1.000 19.80021 ? 86  TYR A C   1 
ATOM   671 O O   . TYR A 1 87 ? -7.79949  12.39569  3.61367   1.000 21.50976 ? 86  TYR A O   1 
ATOM   672 C CB  . TYR A 1 87 ? -8.52267  9.80532   2.12268   1.000 18.84654 ? 86  TYR A CB  1 
ATOM   673 C CG  . TYR A 1 87 ? -9.25591  9.13103   3.25716   1.000 16.21708 ? 86  TYR A CG  1 
ATOM   674 C CD1 . TYR A 1 87 ? -8.81302  9.24468   4.57125   1.000 19.82793 ? 86  TYR A CD1 1 
ATOM   675 C CD2 . TYR A 1 87 ? -10.40255 8.38588   3.01486   1.000 18.62068 ? 86  TYR A CD2 1 
ATOM   676 C CE1 . TYR A 1 87 ? -9.49070  8.63311   5.60806   1.000 20.92843 ? 86  TYR A CE1 1 
ATOM   677 C CE2 . TYR A 1 87 ? -11.08585 7.77218   4.03744   1.000 20.07415 ? 86  TYR A CE2 1 
ATOM   678 C CZ  . TYR A 1 87 ? -10.62799 7.89490   5.33652   1.000 19.46710 ? 86  TYR A CZ  1 
ATOM   679 O OH  . TYR A 1 87 ? -11.31397 7.28045   6.36132   1.000 21.83438 ? 86  TYR A OH  1 
ATOM   680 N N   . THR A 1 88 ? -10.04253 12.25007  3.80435   1.000 19.29172 ? 87  THR A N   1 
ATOM   681 C CA  . THR A 1 88 ? -10.09399 12.71059  5.18390   1.000 22.36313 ? 87  THR A CA  1 
ATOM   682 C C   . THR A 1 88 ? -11.18969 11.93750  5.89664   1.000 22.38708 ? 87  THR A C   1 
ATOM   683 O O   . THR A 1 88 ? -12.10601 11.39927  5.26883   1.000 22.56522 ? 87  THR A O   1 
ATOM   684 C CB  . THR A 1 88 ? -10.42020 14.20861  5.30325   1.000 23.44403 ? 87  THR A CB  1 
ATOM   685 O OG1 . THR A 1 88 ? -11.71554 14.45943  4.74663   1.000 25.26060 ? 87  THR A OG1 1 
ATOM   686 C CG2 . THR A 1 88 ? -9.38683  15.05229  4.59074   1.000 23.56714 ? 87  THR A CG2 1 
ATOM   687 N N   . ALA A 1 89 ? -11.08910 11.88945  7.22223   1.000 27.31227 ? 88  ALA A N   1 
ATOM   688 C CA  . ALA A 1 89 ? -12.14456 11.33864  8.05781   1.000 28.61837 ? 88  ALA A CA  1 
ATOM   689 C C   . ALA A 1 89 ? -12.06539 12.01122  9.41763   1.000 52.01145 ? 88  ALA A C   1 
ATOM   690 O O   . ALA A 1 89 ? -10.99073 12.43899  9.84940   1.000 55.54003 ? 88  ALA A O   1 
ATOM   691 C CB  . ALA A 1 89 ? -12.00648 9.82279   8.22250   1.000 32.33432 ? 88  ALA A CB  1 
ATOM   692 N N   . THR A 1 90 ? -13.21181 12.10481  10.09154  1.000 57.54175 ? 89  THR A N   1 
ATOM   693 C CA  . THR A 1 90 ? -13.27802 12.72316  11.41648  1.000 54.59226 ? 89  THR A CA  1 
ATOM   694 C C   . THR A 1 90 ? -13.35281 11.62048  12.47199  1.000 51.84827 ? 89  THR A C   1 
ATOM   695 O O   . THR A 1 90 ? -14.42279 11.22768  12.93931  1.000 57.90083 ? 89  THR A O   1 
ATOM   696 C CB  . THR A 1 90 ? -14.44728 13.70020  11.49715  1.000 55.41270 ? 89  THR A CB  1 
ATOM   697 O OG1 . THR A 1 90 ? -14.31753 14.67948  10.45776  1.000 52.98590 ? 89  THR A OG1 1 
ATOM   698 C CG2 . THR A 1 90 ? -14.45651 14.40725  12.84649  1.000 61.19310 ? 89  THR A CG2 1 
ATOM   699 N N   . ASN A 1 91 ? -12.18159 11.11519  12.84436  0.000 43.78172 ? 90  ASN A N   1 
ATOM   700 C CA  . ASN A 1 91 ? -12.08108 10.06882  13.85405  0.000 39.79809 ? 90  ASN A CA  1 
ATOM   701 C C   . ASN A 1 91 ? -11.65699 10.65606  15.19575  0.000 37.19572 ? 90  ASN A C   1 
ATOM   702 O O   . ASN A 1 91 ? -12.27453 10.38690  16.22579  0.000 36.56537 ? 90  ASN A O   1 
ATOM   703 C CB  . ASN A 1 91 ? -11.08434 8.99513   13.41362  0.000 35.56341 ? 90  ASN A CB  1 
ATOM   704 C CG  . ASN A 1 91 ? -11.50643 8.29603   12.13631  0.000 34.66583 ? 90  ASN A CG  1 
ATOM   705 O OD1 . ASN A 1 91 ? -12.67105 7.93465   11.96807  0.000 34.25647 ? 90  ASN A OD1 1 
ATOM   706 N ND2 . ASN A 1 91 ? -10.55915 8.10646   11.22498  0.000 32.04438 ? 90  ASN A ND2 1 
HETATM 707 C C39 . 7AZ B 2 .  ? 8.80362   -8.77196  19.58159  1.000 23.00999 ? 101 7AZ A C39 1 
HETATM 708 C C40 . 7AZ B 2 .  ? 8.46782   -10.12547 18.99602  1.000 20.91957 ? 101 7AZ A C40 1 
HETATM 709 C C26 . 7AZ B 2 .  ? 6.69489   -11.83358 27.05004  1.000 16.90861 ? 101 7AZ A C26 1 
HETATM 710 C C27 . 7AZ B 2 .  ? 5.33978   -11.87178 25.03276  1.000 18.90718 ? 101 7AZ A C27 1 
HETATM 711 C C28 . 7AZ B 2 .  ? 4.32690   -12.58118 24.15465  1.000 18.56852 ? 101 7AZ A C28 1 
HETATM 712 C C29 . 7AZ B 2 .  ? 4.96419   -13.31705 22.99045  1.000 22.06901 ? 101 7AZ A C29 1 
HETATM 713 C C30 . 7AZ B 2 .  ? 6.11640   -14.68059 20.85049  1.000 21.87695 ? 101 7AZ A C30 1 
HETATM 714 C C31 . 7AZ B 2 .  ? 5.06198   -12.71496 21.73103  1.000 19.86716 ? 101 7AZ A C31 1 
HETATM 715 C C32 . 7AZ B 2 .  ? 5.44363   -14.61154 23.15145  1.000 21.00096 ? 101 7AZ A C32 1 
HETATM 716 C C33 . 7AZ B 2 .  ? 6.02969   -15.29778 22.09031  1.000 23.57571 ? 101 7AZ A C33 1 
HETATM 717 C C34 . 7AZ B 2 .  ? 5.64325   -13.39430 20.65603  1.000 21.80768 ? 101 7AZ A C34 1 
HETATM 718 C C35 . 7AZ B 2 .  ? 5.72642   -12.76930 19.27982  1.000 19.96916 ? 101 7AZ A C35 1 
HETATM 719 O O38 . 7AZ B 2 .  ? 8.19098   -6.20302  23.96174  1.000 20.82245 ? 101 7AZ A O38 1 
HETATM 720 C C1  . 7AZ B 2 .  ? 6.42001   -6.77943  17.34234  1.000 20.30511 ? 101 7AZ A C1  1 
HETATM 721 C C2  . 7AZ B 2 .  ? 8.11479   -6.35256  19.49922  1.000 22.64426 ? 101 7AZ A C2  1 
HETATM 722 C C3  . 7AZ B 2 .  ? 6.55979   -5.50740  17.88838  1.000 24.51261 ? 101 7AZ A C3  1 
HETATM 723 C C4  . 7AZ B 2 .  ? 7.14589   -7.84031  17.89401  1.000 23.57491 ? 101 7AZ A C4  1 
HETATM 724 C C5  . 7AZ B 2 .  ? 8.00293   -7.63673  18.97127  1.000 23.54443 ? 101 7AZ A C5  1 
HETATM 725 C C6  . 7AZ B 2 .  ? 7.39715   -5.28029  18.96962  1.000 24.00588 ? 101 7AZ A C6  1 
HETATM 726 C C7  . 7AZ B 2 .  ? 7.54786   -3.88481  19.53751  1.000 24.67164 ? 101 7AZ A C7  1 
HETATM 727 C C8  . 7AZ B 2 .  ? 6.70747   -3.59461  20.76345  1.000 26.57626 ? 101 7AZ A C8  1 
HETATM 728 C C9  . 7AZ B 2 .  ? 5.15673   -3.02523  23.00682  1.000 28.21083 ? 101 7AZ A C9  1 
HETATM 729 C C10 . 7AZ B 2 .  ? 5.40704   -3.13655  20.62212  1.000 28.65774 ? 101 7AZ A C10 1 
HETATM 730 C C11 . 7AZ B 2 .  ? 7.22544   -3.76676  22.05106  1.000 26.65988 ? 101 7AZ A C11 1 
HETATM 731 C C12 . 7AZ B 2 .  ? 6.45357   -3.48426  23.18219  1.000 26.12336 ? 101 7AZ A C12 1 
HETATM 732 C C13 . 7AZ B 2 .  ? 4.62198   -2.85466  21.73361  1.000 25.96197 ? 101 7AZ A C13 1 
HETATM 733 C C14 . 7AZ B 2 .  ? 7.01504   -3.66459  24.57888  1.000 27.65665 ? 101 7AZ A C14 1 
HETATM 734 C C15 . 7AZ B 2 .  ? 6.56651   -4.96820  25.20771  1.000 26.96922 ? 101 7AZ A C15 1 
HETATM 735 C C16 . 7AZ B 2 .  ? 5.72718   -7.36384  26.36350  1.000 30.51242 ? 101 7AZ A C16 1 
HETATM 736 C C17 . 7AZ B 2 .  ? 5.52637   -4.98109  26.12349  1.000 31.70805 ? 101 7AZ A C17 1 
HETATM 737 C C18 . 7AZ B 2 .  ? 7.16932   -6.17917  24.86133  1.000 21.18512 ? 101 7AZ A C18 1 
HETATM 738 C C19 . 7AZ B 2 .  ? 6.75447   -7.38402  25.43147  1.000 21.80454 ? 101 7AZ A C19 1 
HETATM 739 C C20 . 7AZ B 2 .  ? 5.09797   -6.16899  26.70621  1.000 32.64435 ? 101 7AZ A C20 1 
HETATM 740 C C21 . 7AZ B 2 .  ? 7.44633   -8.67716  25.05903  1.000 20.25493 ? 101 7AZ A C21 1 
HETATM 741 C C22 . 7AZ B 2 .  ? 6.82365   -9.99364  25.47503  1.000 19.86559 ? 101 7AZ A C22 1 
HETATM 742 C C23 . 7AZ B 2 .  ? 5.75642   -12.45786 26.22428  1.000 18.01952 ? 101 7AZ A C23 1 
HETATM 743 C C24 . 7AZ B 2 .  ? 5.88632   -10.63746 24.66084  1.000 18.09626 ? 101 7AZ A C24 1 
HETATM 744 C C25 . 7AZ B 2 .  ? 7.22131   -10.60542 26.65699  1.000 21.02560 ? 101 7AZ A C25 1 
HETATM 745 O O72 . 7AZ B 2 .  ? 11.40182  -11.98794 16.33573  1.000 39.70129 ? 101 7AZ A O72 1 
HETATM 746 P P51 . 7AZ B 2 .  ? 10.07730  -12.70547 16.28468  1.000 34.75725 ? 101 7AZ A P51 1 
HETATM 747 O O52 . 7AZ B 2 .  ? 10.24155  -14.16570 16.63231  1.000 44.42649 ? 101 7AZ A O52 1 
HETATM 748 O O63 . 7AZ B 2 .  ? 9.42106   -12.53678 14.93509  1.000 33.57763 ? 101 7AZ A O63 1 
HETATM 749 C C44 . 7AZ B 2 .  ? 8.99312   -11.95761 17.51361  1.000 25.74884 ? 101 7AZ A C44 1 
HETATM 750 C C43 . 7AZ B 2 .  ? 9.29989   -10.71462 18.05701  1.000 24.16366 ? 101 7AZ A C43 1 
HETATM 751 P P49 . 7AZ B 2 .  ? 5.29887   -7.02321  15.94751  1.000 18.91323 ? 101 7AZ A P49 1 
HETATM 752 O O62 . 7AZ B 2 .  ? 5.51264   -5.87415  14.99958  1.000 52.57123 ? 101 7AZ A O62 1 
HETATM 753 O O61 . 7AZ B 2 .  ? 5.63548   -8.32825  15.31325  1.000 43.60249 ? 101 7AZ A O61 1 
HETATM 754 O O50 . 7AZ B 2 .  ? 3.92501   -6.95674  16.54244  1.000 41.90935 ? 101 7AZ A O50 1 
HETATM 755 C C41 . 7AZ B 2 .  ? 7.84565   -12.62239 17.93219  1.000 22.59173 ? 101 7AZ A C41 1 
HETATM 756 C C45 . 7AZ B 2 .  ? 7.00043   -12.05929 18.87584  1.000 20.29153 ? 101 7AZ A C45 1 
HETATM 757 C C42 . 7AZ B 2 .  ? 7.31768   -10.80516 19.39766  1.000 20.88851 ? 101 7AZ A C42 1 
HETATM 758 O O48 . 7AZ B 2 .  ? 6.49950   -10.23734 20.32589  1.000 20.07350 ? 101 7AZ A O48 1 
HETATM 759 O O47 . 7AZ B 2 .  ? 4.59396   -11.44614 21.54891  1.000 19.65204 ? 101 7AZ A O47 1 
HETATM 760 P P53 . 7AZ B 2 .  ? 6.65892   -16.97877 22.29296  1.000 28.02306 ? 101 7AZ A P53 1 
HETATM 761 O O65 . 7AZ B 2 .  ? 8.04848   -16.90320 22.87754  1.000 39.10395 ? 101 7AZ A O65 1 
HETATM 762 O O64 . 7AZ B 2 .  ? 6.72097   -17.62120 20.92807  1.000 46.21678 ? 101 7AZ A O64 1 
HETATM 763 O O54 . 7AZ B 2 .  ? 5.70841   -17.73168 23.18589  1.000 46.89448 ? 101 7AZ A O54 1 
HETATM 764 O O46 . 7AZ B 2 .  ? 5.51279   -10.01262 23.50094  1.000 20.59574 ? 101 7AZ A O46 1 
HETATM 765 P P55 . 7AZ B 2 .  ? 7.23133   -12.58514 28.61047  1.000 14.07155 ? 101 7AZ A P55 1 
HETATM 766 O O69 . 7AZ B 2 .  ? 8.01199   -11.55493 29.36847  1.000 47.21921 ? 101 7AZ A O69 1 
HETATM 767 O O68 . 7AZ B 2 .  ? 8.08615   -13.77597 28.30646  1.000 45.33441 ? 101 7AZ A O68 1 
HETATM 768 O O56 . 7AZ B 2 .  ? 5.99573   -12.94863 29.38224  1.000 47.68118 ? 101 7AZ A O56 1 
HETATM 769 P P57 . 7AZ B 2 .  ? 3.75122   -6.15084  27.90782  1.000 47.35296 ? 101 7AZ A P57 1 
HETATM 770 O O67 . 7AZ B 2 .  ? 3.58098   -4.73130  28.38795  1.000 50.56946 ? 101 7AZ A O67 1 
HETATM 771 O O66 . 7AZ B 2 .  ? 2.49820   -6.63460  27.21519  1.000 43.44922 ? 101 7AZ A O66 1 
HETATM 772 O O58 . 7AZ B 2 .  ? 4.13669   -7.04970  29.05614  1.000 42.63723 ? 101 7AZ A O58 1 
HETATM 773 P P59 . 7AZ B 2 .  ? 2.93204   -2.26464  21.52216  1.000 41.87651 ? 101 7AZ A P59 1 
HETATM 774 O O71 . 7AZ B 2 .  ? 2.00566   -3.38990  21.91375  1.000 40.54027 ? 101 7AZ A O71 1 
HETATM 775 O O70 . 7AZ B 2 .  ? 2.74282   -1.05676  22.40134  1.000 39.88559 ? 101 7AZ A O70 1 
HETATM 776 O O60 . 7AZ B 2 .  ? 2.74299   -1.91104  20.06595  1.000 46.93848 ? 101 7AZ A O60 1 
HETATM 777 O O37 . 7AZ B 2 .  ? 8.50467   -4.22242  22.19608  1.000 25.58280 ? 101 7AZ A O37 1 
HETATM 778 O O36 . 7AZ B 2 .  ? 8.95533   -6.16501  20.55411  1.000 23.39394 ? 101 7AZ A O36 1 
HETATM 779 C C1  . GOL C 3 .  ? 4.46419   0.43059   -6.50792  1.000 21.74766 ? 102 GOL A C1  1 
HETATM 780 O O1  . GOL C 3 .  ? 4.04855   -0.78698  -5.92061  1.000 19.69670 ? 102 GOL A O1  1 
HETATM 781 C C2  . GOL C 3 .  ? 5.88928   0.82087   -6.13134  1.000 21.13598 ? 102 GOL A C2  1 
HETATM 782 O O2  . GOL C 3 .  ? 5.91898   1.26831   -4.79348  1.000 20.10845 ? 102 GOL A O2  1 
HETATM 783 C C3  . GOL C 3 .  ? 6.90634   -0.28938  -6.36419  1.000 29.36386 ? 102 GOL A C3  1 
HETATM 784 O O3  . GOL C 3 .  ? 8.21092   0.22070   -6.12207  1.000 31.45381 ? 102 GOL A O3  1 
HETATM 785 C C1  . GOL D 3 .  ? -7.30852  10.78527  -4.44951  1.000 22.67681 ? 103 GOL A C1  1 
HETATM 786 O O1  . GOL D 3 .  ? -6.90632  12.10243  -4.12534  1.000 22.60589 ? 103 GOL A O1  1 
HETATM 787 C C2  . GOL D 3 .  ? -8.71504  10.53829  -3.95121  1.000 19.07244 ? 103 GOL A C2  1 
HETATM 788 O O2  . GOL D 3 .  ? -8.73703  10.69605  -2.54371  1.000 19.14430 ? 103 GOL A O2  1 
HETATM 789 C C3  . GOL D 3 .  ? -9.23016  9.17240   -4.40532  1.000 18.60045 ? 103 GOL A C3  1 
HETATM 790 O O3  . GOL D 3 .  ? -8.28081  8.16774   -4.09683  1.000 18.03288 ? 103 GOL A O3  1 
HETATM 791 O O   . HOH E 4 .  ? 9.53680   -18.42098 24.17128  1.000 42.69695 ? 201 HOH A O   1 
HETATM 792 O O   . HOH E 4 .  ? 1.57273   10.66852  -9.24243  0.619 21.06229 ? 202 HOH A O   1 
HETATM 793 O O   . HOH E 4 .  ? -5.19777  2.24164   8.10109   1.000 18.37416 ? 203 HOH A O   1 
HETATM 794 O O   . HOH E 4 .  ? 8.44343   -11.04445 31.84065  1.000 27.67385 ? 204 HOH A O   1 
HETATM 795 O O   . HOH E 4 .  ? 7.74019   -4.99181  4.23451   1.000 28.16156 ? 205 HOH A O   1 
HETATM 796 O O   . HOH E 4 .  ? 1.72672   7.91559   -9.51599  1.000 17.81778 ? 206 HOH A O   1 
HETATM 797 O O   . HOH E 4 .  ? 9.10232   -0.44692  1.17388   1.000 22.17519 ? 207 HOH A O   1 
HETATM 798 O O   . HOH E 4 .  ? -7.32141  -5.23401  -3.60512  1.000 33.42327 ? 208 HOH A O   1 
HETATM 799 O O   . HOH E 4 .  ? -0.23136  -10.58313 22.71287  1.000 41.59913 ? 209 HOH A O   1 
HETATM 800 O O   . HOH E 4 .  ? -0.71557  -14.28089 -18.08689 1.000 19.73143 ? 210 HOH A O   1 
HETATM 801 O O   . HOH E 4 .  ? -6.32086  12.41952  6.40074   1.000 33.68793 ? 211 HOH A O   1 
HETATM 802 O O   . HOH E 4 .  ? -0.09185  6.99661   9.44748   1.000 30.31390 ? 212 HOH A O   1 
HETATM 803 O O   . HOH E 4 .  ? -11.59870 14.62826  1.95217   1.000 31.27627 ? 213 HOH A O   1 
HETATM 804 O O   . HOH E 4 .  ? 9.33323   -6.12575  -11.69425 1.000 30.11616 ? 214 HOH A O   1 
HETATM 805 O O   . HOH E 4 .  ? 5.01371   6.03825   13.29841  1.000 42.61946 ? 215 HOH A O   1 
HETATM 806 O O   . HOH E 4 .  ? 5.62119   -8.87245  6.14622   1.000 24.50172 ? 216 HOH A O   1 
HETATM 807 O O   . HOH E 4 .  ? 8.90550   -10.17596 -9.40603  1.000 17.94418 ? 217 HOH A O   1 
HETATM 808 O O   . HOH E 4 .  ? -8.14285  10.44703  9.59383   1.000 37.61833 ? 218 HOH A O   1 
HETATM 809 O O   . HOH E 4 .  ? -1.73197  9.15854   9.12114   1.000 25.66112 ? 219 HOH A O   1 
HETATM 810 O O   . HOH E 4 .  ? 4.38375   11.12222  -8.14206  1.000 32.31625 ? 220 HOH A O   1 
HETATM 811 O O   . HOH E 4 .  ? -5.27177  5.09199   -15.89901 1.000 26.25733 ? 221 HOH A O   1 
HETATM 812 O O   . HOH E 4 .  ? -10.82716 -3.02742  -7.40024  1.000 19.67651 ? 222 HOH A O   1 
HETATM 813 O O   . HOH E 4 .  ? 4.12475   2.54700   17.22539  1.000 38.52349 ? 223 HOH A O   1 
HETATM 814 O O   . HOH E 4 .  ? 0.09332   -0.41547  -21.45343 1.000 16.46219 ? 224 HOH A O   1 
HETATM 815 O O   . HOH E 4 .  ? 5.46010   -6.33230  3.21199   1.000 18.98144 ? 225 HOH A O   1 
HETATM 816 O O   . HOH E 4 .  ? 1.89388   -16.48713 -14.25001 1.000 27.48084 ? 226 HOH A O   1 
HETATM 817 O O   . HOH E 4 .  ? 9.05456   2.28432   -7.71008  1.000 38.98813 ? 227 HOH A O   1 
HETATM 818 O O   . HOH E 4 .  ? -8.30834  14.12521  -5.32367  1.000 34.86480 ? 228 HOH A O   1 
HETATM 819 O O   . HOH E 4 .  ? 1.81156   -7.66028  -13.81534 1.000 24.35075 ? 229 HOH A O   1 
HETATM 820 O O   . HOH E 4 .  ? -0.09243  9.47027   -7.27192  1.000 22.29857 ? 230 HOH A O   1 
HETATM 821 O O   . HOH E 4 .  ? -6.69363  -11.64488 -12.65988 1.000 19.61653 ? 231 HOH A O   1 
HETATM 822 O O   . HOH E 4 .  ? 8.07860   6.17518   -10.66517 1.000 38.87267 ? 232 HOH A O   1 
HETATM 823 O O   . HOH E 4 .  ? -10.47341 -0.70228  -17.79388 1.000 27.20989 ? 233 HOH A O   1 
HETATM 824 O O   . HOH E 4 .  ? 3.10719   -17.52871 24.06085  1.000 38.61275 ? 234 HOH A O   1 
HETATM 825 O O   . HOH E 4 .  ? -6.54762  -5.02347  -8.22499  1.000 17.50699 ? 235 HOH A O   1 
HETATM 826 O O   . HOH E 4 .  ? 5.64425   -16.27989 -12.00081 1.000 33.83941 ? 236 HOH A O   1 
HETATM 827 O O   . HOH E 4 .  ? 13.21869  -12.34076 -3.11366  1.000 42.06861 ? 237 HOH A O   1 
HETATM 828 O O   . HOH E 4 .  ? 4.34990   2.58700   -14.04950 1.000 26.98158 ? 238 HOH A O   1 
HETATM 829 O O   . HOH E 4 .  ? -2.28286  13.16480  -4.83360  1.000 29.93422 ? 239 HOH A O   1 
HETATM 830 O O   . HOH E 4 .  ? -8.61076  -3.66067  -17.31064 1.000 32.50391 ? 240 HOH A O   1 
HETATM 831 O O   . HOH E 4 .  ? 0.07456   2.26922   -13.38512 1.000 25.38016 ? 241 HOH A O   1 
HETATM 832 O O   . HOH E 4 .  ? 14.18818  -2.76207  -4.26037  1.000 39.66128 ? 242 HOH A O   1 
HETATM 833 O O   . HOH E 4 .  ? 9.98813   -2.31299  23.61711  1.000 31.81616 ? 243 HOH A O   1 
HETATM 834 O O   . HOH E 4 .  ? 3.35432   -15.41626 -10.32107 1.000 21.29699 ? 244 HOH A O   1 
HETATM 835 O O   . HOH E 4 .  ? -9.51835  -4.28245  -2.95155  0.693 23.44296 ? 245 HOH A O   1 
HETATM 836 O O   . HOH E 4 .  ? 10.61254  -8.20153  -10.54896 1.000 24.14567 ? 246 HOH A O   1 
HETATM 837 O O   . HOH E 4 .  ? 2.74021   5.56846   13.28547  1.000 40.64726 ? 247 HOH A O   1 
HETATM 838 O O   . HOH E 4 .  ? -1.60665  -4.50082  -16.56181 1.000 31.33829 ? 248 HOH A O   1 
HETATM 839 O O   . HOH E 4 .  ? -5.14040  11.63048  2.90314   1.000 22.08276 ? 249 HOH A O   1 
HETATM 840 O O   . HOH E 4 .  ? -8.70615  -4.75386  -0.53037  1.000 36.96612 ? 250 HOH A O   1 
HETATM 841 O O   . HOH E 4 .  ? 6.83034   -7.54969  29.87678  1.000 29.50067 ? 251 HOH A O   1 
HETATM 842 O O   . HOH E 4 .  ? 1.40671   7.96766   6.41782   1.000 24.54755 ? 252 HOH A O   1 
HETATM 843 O O   . HOH E 4 .  ? -6.75456  -7.62118  -12.07102 1.000 15.73825 ? 253 HOH A O   1 
HETATM 844 O O   . HOH E 4 .  ? -1.14717  -17.03404 -15.37817 1.000 31.99276 ? 254 HOH A O   1 
HETATM 845 O O   . HOH E 4 .  ? 7.39818   -2.24060  8.14241   1.000 29.42952 ? 255 HOH A O   1 
HETATM 846 O O   . HOH E 4 .  ? -2.82989  -2.24190  13.15984  1.000 31.75390 ? 256 HOH A O   1 
HETATM 847 O O   . HOH E 4 .  ? 4.95397   -1.06113  -9.12157  1.000 34.19653 ? 257 HOH A O   1 
HETATM 848 O O   . HOH E 4 .  ? -5.63213  -6.67245  2.05115   1.000 19.28294 ? 258 HOH A O   1 
HETATM 849 O O   . HOH E 4 .  ? 2.53470   1.21044   -12.32813 1.000 20.92334 ? 259 HOH A O   1 
HETATM 850 O O   . HOH E 4 .  ? 2.28258   14.03322  -1.84701  1.000 29.66587 ? 260 HOH A O   1 
HETATM 851 O O   . HOH E 4 .  ? 12.00560  1.66390   -0.26102  1.000 40.61368 ? 261 HOH A O   1 
HETATM 852 O O   . HOH E 4 .  ? -4.49972  12.56096  -5.67444  1.000 34.18128 ? 262 HOH A O   1 
HETATM 853 O O   . HOH E 4 .  ? 14.62646  -5.58395  -2.88400  1.000 30.65221 ? 263 HOH A O   1 
HETATM 854 O O   . HOH E 4 .  ? -9.26590  5.74246   -11.94887 1.000 19.20299 ? 264 HOH A O   1 
HETATM 855 O O   . HOH E 4 .  ? -9.47367  -3.66899  -11.64066 1.000 18.13327 ? 265 HOH A O   1 
HETATM 856 O O   . HOH E 4 .  ? -8.53199  12.84602  8.21687   1.000 33.55670 ? 266 HOH A O   1 
HETATM 857 O O   . HOH E 4 .  ? 11.67616  -14.07022 -3.88837  1.000 28.11188 ? 267 HOH A O   1 
HETATM 858 O O   . HOH E 4 .  ? 6.07367   -9.86077  -15.34875 1.000 33.45730 ? 268 HOH A O   1 
HETATM 859 O O   . HOH E 4 .  ? 0.20737   -0.98699  -14.88023 1.000 27.63062 ? 269 HOH A O   1 
HETATM 860 O O   . HOH E 4 .  ? -4.48050  -7.53006  8.60746   1.000 25.44224 ? 270 HOH A O   1 
HETATM 861 O O   . HOH E 4 .  ? 6.61790   6.30681   0.04952   1.000 32.36558 ? 271 HOH A O   1 
HETATM 862 O O   . HOH E 4 .  ? 5.63321   11.37961  -5.86784  1.000 35.20720 ? 272 HOH A O   1 
HETATM 863 O O   . HOH E 4 .  ? 7.26823   7.57769   -4.77121  1.000 34.20453 ? 273 HOH A O   1 
HETATM 864 O O   . HOH E 4 .  ? 9.29425   -16.91334 -10.12683 1.000 31.54996 ? 274 HOH A O   1 
HETATM 865 O O   . HOH E 4 .  ? 0.99644   -4.38178  14.49907  1.000 39.08629 ? 275 HOH A O   1 
HETATM 866 O O   . HOH E 4 .  ? 1.26283   -3.34686  -13.91010 1.000 29.91352 ? 276 HOH A O   1 
HETATM 867 O O   . HOH E 4 .  ? 0.62534   12.07755  7.04567   1.000 40.80741 ? 277 HOH A O   1 
HETATM 868 O O   . HOH E 4 .  ? 12.34519  -9.14726  16.69830  1.000 40.64962 ? 278 HOH A O   1 
HETATM 869 O O   . HOH E 4 .  ? -6.86944  -7.05346  -4.84852  1.000 27.56157 ? 279 HOH A O   1 
HETATM 870 O O   . HOH E 4 .  ? -6.42466  -4.15920  3.00337   1.000 21.47952 ? 280 HOH A O   1 
HETATM 871 O O   . HOH E 4 .  ? 10.10572  -4.72671  15.13922  1.000 42.64005 ? 281 HOH A O   1 
HETATM 872 O O   . HOH E 4 .  ? 11.35433  0.48135   2.47068   1.000 33.08038 ? 282 HOH A O   1 
HETATM 873 O O   . HOH E 4 .  ? -8.56168  8.93513   -7.93162  1.000 29.21238 ? 283 HOH A O   1 
HETATM 874 O O   . HOH E 4 .  ? 0.97396   -14.67681 24.27438  1.000 39.96745 ? 284 HOH A O   1 
HETATM 875 O O   . HOH E 4 .  ? 8.59418   11.54526  -11.79826 1.000 40.73428 ? 285 HOH A O   1 
HETATM 876 O O   . HOH E 4 .  ? -5.73341  -6.73716  5.70446   1.000 32.76620 ? 286 HOH A O   1 
HETATM 877 O O   . HOH E 4 .  ? 2.56807   -4.60065  18.08071  1.000 40.47188 ? 287 HOH A O   1 
HETATM 878 O O   . HOH E 4 .  ? 0.72020   -6.71514  18.04039  1.000 34.27064 ? 288 HOH A O   1 
HETATM 879 O O   . HOH E 4 .  ? 6.12236   -9.79697  31.18152  1.000 26.44864 ? 289 HOH A O   1 
HETATM 880 O O   . HOH E 4 .  ? 3.74685   -10.71534 29.52506  1.000 36.64170 ? 290 HOH A O   1 
HETATM 881 O O   . HOH E 4 .  ? 4.63931   11.10243  5.98990   1.000 39.75430 ? 291 HOH A O   1 
HETATM 882 O O   . HOH E 4 .  ? -13.73615 15.26261  7.26486   1.000 39.58724 ? 292 HOH A O   1 
HETATM 883 O O   . HOH E 4 .  ? 3.11115   -3.44322  14.86203  1.000 41.85492 ? 293 HOH A O   1 
HETATM 884 O O   . HOH E 4 .  ? -8.99962  -5.63878  -6.89870  1.000 28.99869 ? 294 HOH A O   1 
HETATM 885 O O   . HOH E 4 .  ? 0.37380   -5.30575  -15.21030 1.000 36.28260 ? 295 HOH A O   1 
HETATM 886 O O   . HOH E 4 .  ? 7.98562   7.23368   -1.43561  1.000 43.82245 ? 296 HOH A O   1 
HETATM 887 O O   . HOH E 4 .  ? -6.34251  -5.62892  9.57129   0.316 28.48402 ? 297 HOH A O   1 
HETATM 888 O O   . HOH E 4 .  ? 11.60657  -4.61474  3.55368   1.000 48.25450 ? 298 HOH A O   1 
HETATM 889 O O   . HOH E 4 .  ? 4.38078   -8.30749  32.75807  1.000 30.61781 ? 299 HOH A O   1 
HETATM 890 O O   . HOH E 4 .  ? -7.73866  7.66530   -11.45268 1.000 40.17931 ? 300 HOH A O   1 
HETATM 891 O O   . HOH E 4 .  ? -2.34577  -16.50009 -18.17492 1.000 35.14841 ? 301 HOH A O   1 
HETATM 892 O O   . HOH E 4 .  ? -9.47588  2.16867   -21.10325 1.000 37.73564 ? 302 HOH A O   1 
HETATM 893 O O   . HOH E 4 .  ? -1.74388  14.82951  12.84314  1.000 40.69814 ? 303 HOH A O   1 
HETATM 894 O O   . HOH E 4 .  ? -0.24784  11.02971  10.50186  1.000 35.91513 ? 304 HOH A O   1 
HETATM 895 O O   . HOH E 4 .  ? -4.38489  -5.91978  -17.64348 1.000 34.73830 ? 305 HOH A O   1 
HETATM 896 O O   . HOH E 4 .  ? -7.56746  -5.41163  -10.77375 1.000 21.65513 ? 306 HOH A O   1 
HETATM 897 O O   . HOH E 4 .  ? 8.47199   -6.36843  -14.48064 1.000 40.56234 ? 307 HOH A O   1 
HETATM 898 O O   . HOH E 4 .  ? -12.85235 -2.29840  -14.30247 1.000 39.79578 ? 308 HOH A O   1 
HETATM 899 O O   . HOH E 4 .  ? 3.66341   -1.08459  -11.78396 1.000 39.86009 ? 309 HOH A O   1 
HETATM 900 O O   . HOH E 4 .  ? -9.37745  -0.47763  -21.93136 1.000 40.78338 ? 310 HOH A O   1 
HETATM 901 O O   . HOH E 4 .  ? 15.91929  -9.87001  0.99381   1.000 42.97068 ? 311 HOH A O   1 
HETATM 902 O O   . HOH E 4 .  ? -7.65831  -7.95628  -14.73993 1.000 27.23139 ? 312 HOH A O   1 
HETATM 903 O O   . HOH E 4 .  ? 2.34531   10.50652  7.20323   1.000 35.11660 ? 313 HOH A O   1 
HETATM 904 O O   . HOH E 4 .  ? -0.55616  13.45710  9.59991   1.000 42.12393 ? 314 HOH A O   1 
HETATM 905 O O   . HOH E 4 .  ? -7.60678  -9.60139  -10.43603 0.609 19.72346 ? 315 HOH A O   1 
HETATM 906 O O   . HOH E 4 .  ? -7.42447  -3.12936  -21.69953 1.000 43.73682 ? 316 HOH A O   1 
HETATM 907 O O   . HOH E 4 .  ? -4.59247  -4.28724  -22.02193 1.000 35.44550 ? 317 HOH A O   1 
HETATM 908 O O   . HOH E 4 .  ? 11.41673  -16.40065 -5.71163  1.000 37.57809 ? 318 HOH A O   1 
HETATM 909 O O   . HOH E 4 .  ? 4.07650   -7.82293  -15.56020 1.000 33.64683 ? 319 HOH A O   1 
HETATM 910 O O   . HOH E 4 .  ? 8.57553   5.67431   -6.46972  1.000 43.00388 ? 320 HOH A O   1 
HETATM 911 O O   . HOH E 4 .  ? -10.01860 9.51979   20.31991  1.000 36.68240 ? 321 HOH A O   1 
HETATM 912 O O   . HOH E 4 .  ? -10.62675 -4.85671  -14.07498 1.000 34.05035 ? 322 HOH A O   1 
HETATM 913 O O   . HOH E 4 .  ? -9.07683  -5.99259  -16.08159 1.000 34.16565 ? 323 HOH A O   1 
HETATM 914 O O   . HOH E 4 .  ? -10.03295 15.91876  -4.69619  1.000 42.10894 ? 324 HOH A O   1 
# 
